data_9C73
# 
_entry.id   9C73 
# 
_audit_conform.dict_name       mmcif_pdbx.dic 
_audit_conform.dict_version    5.404 
_audit_conform.dict_location   http://mmcif.pdb.org/dictionaries/ascii/mmcif_pdbx.dic 
# 
loop_
_database_2.database_id 
_database_2.database_code 
_database_2.pdbx_database_accession 
_database_2.pdbx_DOI 
PDB   9C73         pdb_00009c73 10.2210/pdb9c73/pdb 
WWPDB D_1000284691 ?            ?                   
# 
_pdbx_audit_revision_history.ordinal             1 
_pdbx_audit_revision_history.data_content_type   'Structure model' 
_pdbx_audit_revision_history.major_revision      1 
_pdbx_audit_revision_history.minor_revision      0 
_pdbx_audit_revision_history.revision_date       2025-08-27 
_pdbx_audit_revision_history.part_number         ? 
# 
_pdbx_audit_revision_details.ordinal             1 
_pdbx_audit_revision_details.revision_ordinal    1 
_pdbx_audit_revision_details.data_content_type   'Structure model' 
_pdbx_audit_revision_details.provider            repository 
_pdbx_audit_revision_details.type                'Initial release' 
_pdbx_audit_revision_details.description         ? 
_pdbx_audit_revision_details.details             ? 
# 
_pdbx_database_status.status_code                     REL 
_pdbx_database_status.status_code_sf                  REL 
_pdbx_database_status.status_code_mr                  ? 
_pdbx_database_status.entry_id                        9C73 
_pdbx_database_status.recvd_initial_deposition_date   2024-06-10 
_pdbx_database_status.SG_entry                        N 
_pdbx_database_status.deposit_site                    RCSB 
_pdbx_database_status.process_site                    RCSB 
_pdbx_database_status.status_code_cs                  ? 
_pdbx_database_status.status_code_nmr_data            ? 
_pdbx_database_status.methods_development_category    ? 
_pdbx_database_status.pdb_format_compatible           N 
# 
_pdbx_contact_author.id                 2 
_pdbx_contact_author.email              lyatsun1@swarthmore.edu 
_pdbx_contact_author.name_first         Liliya 
_pdbx_contact_author.name_last          Yatsunyk 
_pdbx_contact_author.name_mi            ? 
_pdbx_contact_author.role               'principal investigator/group leader' 
_pdbx_contact_author.identifier_ORCID   0000-0003-3946-0939 
# 
loop_
_audit_author.name 
_audit_author.pdbx_ordinal 
_audit_author.identifier_ORCID 
'Ali, A.'        1 0000-0002-4999-6908 
'Yatsunyk, L.A.' 2 0000-0003-3946-0939 
# 
_citation.abstract                  ? 
_citation.abstract_id_CAS           ? 
_citation.book_id_ISBN              ? 
_citation.book_publisher            ? 
_citation.book_publisher_city       ? 
_citation.book_title                ? 
_citation.coordinate_linkage        ? 
_citation.country                   ? 
_citation.database_id_Medline       ? 
_citation.details                   ? 
_citation.id                        primary 
_citation.journal_abbrev            'To Be Published' 
_citation.journal_id_ASTM           ? 
_citation.journal_id_CSD            0353 
_citation.journal_id_ISSN           ? 
_citation.journal_full              ? 
_citation.journal_issue             ? 
_citation.journal_volume            ? 
_citation.language                  ? 
_citation.page_first                ? 
_citation.page_last                 ? 
_citation.title                     
'Hybrid G-quadruplex from Tetrahymena thermophila telomeric sequence in complex with triangular star shaped TrisQ ligand' 
_citation.year                      ? 
_citation.database_id_CSD           ? 
_citation.pdbx_database_id_DOI      ? 
_citation.pdbx_database_id_PubMed   ? 
_citation.pdbx_database_id_patent   ? 
_citation.unpublished_flag          ? 
# 
loop_
_citation_author.citation_id 
_citation_author.name 
_citation_author.ordinal 
_citation_author.identifier_ORCID 
primary 'Ali, A.'        1 0000-0002-4999-6908 
primary 'Yatsunyk, L.A.' 2 0000-0003-3946-0939 
# 
loop_
_entity.id 
_entity.type 
_entity.src_method 
_entity.pdbx_description 
_entity.formula_weight 
_entity.pdbx_number_of_molecules 
_entity.pdbx_ec 
_entity.pdbx_mutation 
_entity.pdbx_fragment 
_entity.details 
1 polymer     syn 'G-quadruplex telomeric sequence'                                                        7985.084 1  ? ? ? ? 
2 non-polymer syn "(5S)-6-oxo-6H-dipyrido[1,2-b:1',2'-j]quinolizino[3,2-f][2,8]phenanthroline-12,19-diium" 399.443  1  ? ? ? ? 
3 non-polymer syn 'POTASSIUM ION'                                                                          39.098   3  ? ? ? ? 
4 non-polymer syn 'CALCIUM ION'                                                                            40.078   3  ? ? ? ? 
5 non-polymer syn '4-(2-HYDROXYETHYL)-1-PIPERAZINE ETHANESULFONIC ACID'                                    238.305  1  ? ? ? ? 
6 non-polymer syn 'DI(HYDROXYETHYL)ETHER'                                                                  106.120  7  ? ? ? ? 
7 non-polymer syn 'TETRAETHYLENE GLYCOL'                                                                   194.226  3  ? ? ? ? 
8 water       nat water                                                                                    18.015   33 ? ? ? ? 
# 
_entity_poly.entity_id                      1 
_entity_poly.type                           polydeoxyribonucleotide 
_entity_poly.nstd_linkage                   no 
_entity_poly.nstd_monomer                   no 
_entity_poly.pdbx_seq_one_letter_code       
;(DG)(DT)(DT)(DG)(DG)(DG)(DG)(DT)(DT)(DG)(DG)(DG)(DG)(DT)(DT)(DG)(DG)(DG)(DG)(DT)
(DT)(DG)(DG)(DG)(DG)
;
_entity_poly.pdbx_seq_one_letter_code_can   GTTGGGGTTGGGGTTGGGGTTGGGG 
_entity_poly.pdbx_strand_id                 A 
_entity_poly.pdbx_target_identifier         ? 
# 
loop_
_pdbx_entity_nonpoly.entity_id 
_pdbx_entity_nonpoly.name 
_pdbx_entity_nonpoly.comp_id 
2 "(5S)-6-oxo-6H-dipyrido[1,2-b:1',2'-j]quinolizino[3,2-f][2,8]phenanthroline-12,19-diium" A1AVT 
3 'POTASSIUM ION'                                                                          K     
4 'CALCIUM ION'                                                                            CA    
5 '4-(2-HYDROXYETHYL)-1-PIPERAZINE ETHANESULFONIC ACID'                                    EPE   
6 'DI(HYDROXYETHYL)ETHER'                                                                  PEG   
7 'TETRAETHYLENE GLYCOL'                                                                   PG4   
8 water                                                                                    HOH   
# 
loop_
_entity_poly_seq.entity_id 
_entity_poly_seq.num 
_entity_poly_seq.mon_id 
_entity_poly_seq.hetero 
1 1  DG n 
1 2  DT n 
1 3  DT n 
1 4  DG n 
1 5  DG n 
1 6  DG n 
1 7  DG n 
1 8  DT n 
1 9  DT n 
1 10 DG n 
1 11 DG n 
1 12 DG n 
1 13 DG n 
1 14 DT n 
1 15 DT n 
1 16 DG n 
1 17 DG n 
1 18 DG n 
1 19 DG n 
1 20 DT n 
1 21 DT n 
1 22 DG n 
1 23 DG n 
1 24 DG n 
1 25 DG n 
# 
_pdbx_entity_src_syn.entity_id              1 
_pdbx_entity_src_syn.pdbx_src_id            1 
_pdbx_entity_src_syn.pdbx_alt_source_flag   sample 
_pdbx_entity_src_syn.pdbx_beg_seq_num       1 
_pdbx_entity_src_syn.pdbx_end_seq_num       25 
_pdbx_entity_src_syn.organism_scientific    'Tetrahymena thermophila' 
_pdbx_entity_src_syn.organism_common_name   ? 
_pdbx_entity_src_syn.ncbi_taxonomy_id       5911 
_pdbx_entity_src_syn.details                ? 
# 
loop_
_chem_comp.id 
_chem_comp.type 
_chem_comp.mon_nstd_flag 
_chem_comp.name 
_chem_comp.pdbx_synonyms 
_chem_comp.formula 
_chem_comp.formula_weight 
A1AVT non-polymer   . "(5S)-6-oxo-6H-dipyrido[1,2-b:1',2'-j]quinolizino[3,2-f][2,8]phenanthroline-12,19-diium" ?     
'C27 H17 N3 O 2'  399.443 
CA    non-polymer   . 'CALCIUM ION'                                                                            ?     'Ca 2' 40.078 
DG    'DNA linking' y "2'-DEOXYGUANOSINE-5'-MONOPHOSPHATE"                                                     ?     
'C10 H14 N5 O7 P' 347.221 
DT    'DNA linking' y "THYMIDINE-5'-MONOPHOSPHATE"                                                             ?     
'C10 H15 N2 O8 P' 322.208 
EPE   non-polymer   . '4-(2-HYDROXYETHYL)-1-PIPERAZINE ETHANESULFONIC ACID'                                    HEPES 
'C8 H18 N2 O4 S'  238.305 
HOH   non-polymer   . WATER                                                                                    ?     'H2 O' 18.015 
K     non-polymer   . 'POTASSIUM ION'                                                                          ?     'K 1' 39.098  
PEG   non-polymer   . 'DI(HYDROXYETHYL)ETHER'                                                                  ?     'C4 H10 O3' 
106.120 
PG4   non-polymer   . 'TETRAETHYLENE GLYCOL'                                                                   ?     'C8 H18 O5' 
194.226 
# 
loop_
_pdbx_poly_seq_scheme.asym_id 
_pdbx_poly_seq_scheme.entity_id 
_pdbx_poly_seq_scheme.seq_id 
_pdbx_poly_seq_scheme.mon_id 
_pdbx_poly_seq_scheme.ndb_seq_num 
_pdbx_poly_seq_scheme.pdb_seq_num 
_pdbx_poly_seq_scheme.auth_seq_num 
_pdbx_poly_seq_scheme.pdb_mon_id 
_pdbx_poly_seq_scheme.auth_mon_id 
_pdbx_poly_seq_scheme.pdb_strand_id 
_pdbx_poly_seq_scheme.pdb_ins_code 
_pdbx_poly_seq_scheme.hetero 
A 1 1  DG 1  1  1  DG DG A . n 
A 1 2  DT 2  2  2  DT DT A . n 
A 1 3  DT 3  3  3  DT DT A . n 
A 1 4  DG 4  4  4  DG DG A . n 
A 1 5  DG 5  5  5  DG DG A . n 
A 1 6  DG 6  6  6  DG DG A . n 
A 1 7  DG 7  7  7  DG DG A . n 
A 1 8  DT 8  8  8  DT DT A . n 
A 1 9  DT 9  9  9  DT DT A . n 
A 1 10 DG 10 10 10 DG DG A . n 
A 1 11 DG 11 11 11 DG DG A . n 
A 1 12 DG 12 12 12 DG DG A . n 
A 1 13 DG 13 13 13 DG DG A . n 
A 1 14 DT 14 14 14 DT DT A . n 
A 1 15 DT 15 15 15 DT DT A . n 
A 1 16 DG 16 16 16 DG DG A . n 
A 1 17 DG 17 17 17 DG DG A . n 
A 1 18 DG 18 18 18 DG DG A . n 
A 1 19 DG 19 19 19 DG DG A . n 
A 1 20 DT 20 20 20 DT DT A . n 
A 1 21 DT 21 21 21 DT DT A . n 
A 1 22 DG 22 22 22 DG DG A . n 
A 1 23 DG 23 23 23 DG DG A . n 
A 1 24 DG 24 24 24 DG DG A . n 
A 1 25 DG 25 25 25 DG DG A . n 
# 
_pdbx_entity_instance_feature.ordinal        1 
_pdbx_entity_instance_feature.comp_id        A1AVT 
_pdbx_entity_instance_feature.asym_id        ? 
_pdbx_entity_instance_feature.seq_num        ? 
_pdbx_entity_instance_feature.auth_comp_id   A1AVT 
_pdbx_entity_instance_feature.auth_asym_id   ? 
_pdbx_entity_instance_feature.auth_seq_num   ? 
_pdbx_entity_instance_feature.feature_type   'SUBJECT OF INVESTIGATION' 
_pdbx_entity_instance_feature.details        ? 
# 
loop_
_pdbx_nonpoly_scheme.asym_id 
_pdbx_nonpoly_scheme.entity_id 
_pdbx_nonpoly_scheme.mon_id 
_pdbx_nonpoly_scheme.ndb_seq_num 
_pdbx_nonpoly_scheme.pdb_seq_num 
_pdbx_nonpoly_scheme.auth_seq_num 
_pdbx_nonpoly_scheme.pdb_mon_id 
_pdbx_nonpoly_scheme.auth_mon_id 
_pdbx_nonpoly_scheme.pdb_strand_id 
_pdbx_nonpoly_scheme.pdb_ins_code 
B 2 A1AVT 1  101 100 A1AVT LIG A . 
C 3 K     1  102 1   K     K   A . 
D 3 K     1  103 2   K     K   A . 
E 3 K     1  104 3   K     K   A . 
F 4 CA    1  105 1   CA    CA  A . 
G 4 CA    1  106 2   CA    CA  A . 
H 4 CA    1  107 3   CA    CA  A . 
I 5 EPE   1  108 110 EPE   EPE A . 
J 6 PEG   1  109 111 PEG   PEG A . 
K 6 PEG   1  110 112 PEG   PEG A . 
L 6 PEG   1  111 113 PEG   PEG A . 
M 6 PEG   1  112 114 PEG   PEG A . 
N 6 PEG   1  113 115 PEG   PEG A . 
O 7 PG4   1  114 116 PG4   PG4 A . 
P 7 PG4   1  115 117 PG4   PG4 A . 
Q 7 PG4   1  116 118 PG4   PG4 A . 
R 6 PEG   1  117 119 PEG   PEG A . 
S 6 PEG   1  118 120 PEG   PEG A . 
T 8 HOH   1  201 21  HOH   HOH A . 
T 8 HOH   2  202 20  HOH   HOH A . 
T 8 HOH   3  203 10  HOH   HOH A . 
T 8 HOH   4  204 22  HOH   HOH A . 
T 8 HOH   5  205 14  HOH   HOH A . 
T 8 HOH   6  206 18  HOH   HOH A . 
T 8 HOH   7  207 12  HOH   HOH A . 
T 8 HOH   8  208 31  HOH   HOH A . 
T 8 HOH   9  209 33  HOH   HOH A . 
T 8 HOH   10 210 23  HOH   HOH A . 
T 8 HOH   11 211 13  HOH   HOH A . 
T 8 HOH   12 212 9   HOH   HOH A . 
T 8 HOH   13 213 17  HOH   HOH A . 
T 8 HOH   14 214 19  HOH   HOH A . 
T 8 HOH   15 215 30  HOH   HOH A . 
T 8 HOH   16 216 15  HOH   HOH A . 
T 8 HOH   17 217 24  HOH   HOH A . 
T 8 HOH   18 218 1   HOH   HOH A . 
T 8 HOH   19 219 3   HOH   HOH A . 
T 8 HOH   20 220 11  HOH   HOH A . 
T 8 HOH   21 221 28  HOH   HOH A . 
T 8 HOH   22 222 2   HOH   HOH A . 
T 8 HOH   23 223 7   HOH   HOH A . 
T 8 HOH   24 224 4   HOH   HOH A . 
T 8 HOH   25 225 5   HOH   HOH A . 
T 8 HOH   26 226 8   HOH   HOH A . 
T 8 HOH   27 227 32  HOH   HOH A . 
T 8 HOH   28 228 29  HOH   HOH A . 
T 8 HOH   29 229 6   HOH   HOH A . 
T 8 HOH   30 230 26  HOH   HOH A . 
T 8 HOH   31 231 25  HOH   HOH A . 
T 8 HOH   32 232 16  HOH   HOH A . 
T 8 HOH   33 233 27  HOH   HOH A . 
# 
loop_
_software.citation_id 
_software.classification 
_software.compiler_name 
_software.compiler_version 
_software.contact_author 
_software.contact_author_email 
_software.date 
_software.description 
_software.dependencies 
_software.hardware 
_software.language 
_software.location 
_software.mods 
_software.name 
_software.os 
_software.os_version 
_software.type 
_software.version 
_software.pdbx_ordinal 
? refinement       ? ? ? ? ? ? ? ? ? ? ? PHENIX   ? ? ? 1.21.1_5286 1 
? 'model building' ? ? ? ? ? ? ? ? ? ? ? Coot     ? ? ? 0.8.9.2     2 
? 'data reduction' ? ? ? ? ? ? ? ? ? ? ? autoPROC ? ? ? .           3 
? phasing          ? ? ? ? ? ? ? ? ? ? ? PHENIX   ? ? ? 1.19.2_4158 4 
? 'data scaling'   ? ? ? ? ? ? ? ? ? ? ? autoPROC ? ? ? .           5 
# 
_cell.angle_alpha                  90.000 
_cell.angle_alpha_esd              ? 
_cell.angle_beta                   90.000 
_cell.angle_beta_esd               ? 
_cell.angle_gamma                  120.000 
_cell.angle_gamma_esd              ? 
_cell.entry_id                     9C73 
_cell.details                      ? 
_cell.formula_units_Z              ? 
_cell.length_a                     54.913 
_cell.length_a_esd                 ? 
_cell.length_b                     54.913 
_cell.length_b_esd                 ? 
_cell.length_c                     98.701 
_cell.length_c_esd                 ? 
_cell.volume                       257752.286 
_cell.volume_esd                   ? 
_cell.Z_PDB                        12 
_cell.reciprocal_angle_alpha       ? 
_cell.reciprocal_angle_beta        ? 
_cell.reciprocal_angle_gamma       ? 
_cell.reciprocal_angle_alpha_esd   ? 
_cell.reciprocal_angle_beta_esd    ? 
_cell.reciprocal_angle_gamma_esd   ? 
_cell.reciprocal_length_a          ? 
_cell.reciprocal_length_b          ? 
_cell.reciprocal_length_c          ? 
_cell.reciprocal_length_a_esd      ? 
_cell.reciprocal_length_b_esd      ? 
_cell.reciprocal_length_c_esd      ? 
_cell.pdbx_unique_axis             ? 
_cell.pdbx_esd_method              ? 
# 
_symmetry.entry_id                         9C73 
_symmetry.cell_setting                     ? 
_symmetry.Int_Tables_number                178 
_symmetry.space_group_name_Hall            'P 61 2 (x,y,z+5/12)' 
_symmetry.space_group_name_H-M             'P 61 2 2' 
_symmetry.pdbx_full_space_group_name_H-M   ? 
# 
_exptl.absorpt_coefficient_mu     ? 
_exptl.absorpt_correction_T_max   ? 
_exptl.absorpt_correction_T_min   ? 
_exptl.absorpt_correction_type    ? 
_exptl.absorpt_process_details    ? 
_exptl.entry_id                   9C73 
_exptl.crystals_number            1 
_exptl.details                    ? 
_exptl.method                     'X-RAY DIFFRACTION' 
_exptl.method_details             ? 
# 
_exptl_crystal.colour                       ? 
_exptl_crystal.density_diffrn               ? 
_exptl_crystal.density_Matthews             2.69 
_exptl_crystal.density_method               ? 
_exptl_crystal.density_percent_sol          54.27 
_exptl_crystal.description                  ? 
_exptl_crystal.F_000                        ? 
_exptl_crystal.id                           1 
_exptl_crystal.preparation                  ? 
_exptl_crystal.size_max                     ? 
_exptl_crystal.size_mid                     ? 
_exptl_crystal.size_min                     ? 
_exptl_crystal.size_rad                     ? 
_exptl_crystal.colour_lustre                ? 
_exptl_crystal.colour_modifier              ? 
_exptl_crystal.colour_primary               ? 
_exptl_crystal.density_meas                 ? 
_exptl_crystal.density_meas_esd             ? 
_exptl_crystal.density_meas_gt              ? 
_exptl_crystal.density_meas_lt              ? 
_exptl_crystal.density_meas_temp            ? 
_exptl_crystal.density_meas_temp_esd        ? 
_exptl_crystal.density_meas_temp_gt         ? 
_exptl_crystal.density_meas_temp_lt         ? 
_exptl_crystal.pdbx_crystal_image_url       ? 
_exptl_crystal.pdbx_crystal_image_format    ? 
_exptl_crystal.pdbx_mosaicity               ? 
_exptl_crystal.pdbx_mosaicity_esd           ? 
_exptl_crystal.pdbx_mosaic_method           ? 
_exptl_crystal.pdbx_mosaic_block_size       ? 
_exptl_crystal.pdbx_mosaic_block_size_esd   ? 
# 
_exptl_crystal_grow.apparatus       ? 
_exptl_crystal_grow.atmosphere      ? 
_exptl_crystal_grow.crystal_id      1 
_exptl_crystal_grow.details         ? 
_exptl_crystal_grow.method          'VAPOR DIFFUSION, HANGING DROP' 
_exptl_crystal_grow.method_ref      ? 
_exptl_crystal_grow.pH              ? 
_exptl_crystal_grow.pressure        ? 
_exptl_crystal_grow.pressure_esd    ? 
_exptl_crystal_grow.seeding         ? 
_exptl_crystal_grow.seeding_ref     ? 
_exptl_crystal_grow.temp_details    ? 
_exptl_crystal_grow.temp_esd        ? 
_exptl_crystal_grow.time            ? 
_exptl_crystal_grow.pdbx_details    
;0.1 M potassium chloride,
0.01 calcium chloride dihydrate,
0.05 M HEPES sodium pH 7.0,
10% v/v PEG 400
;
_exptl_crystal_grow.pdbx_pH_range   ? 
_exptl_crystal_grow.temp            293.15 
# 
_diffrn.ambient_environment              ? 
_diffrn.ambient_temp                     196 
_diffrn.ambient_temp_details             'LIQUID NITROGEN' 
_diffrn.ambient_temp_esd                 ? 
_diffrn.crystal_id                       1 
_diffrn.crystal_support                  ? 
_diffrn.crystal_treatment                ? 
_diffrn.details                          ? 
_diffrn.id                               1 
_diffrn.ambient_pressure                 ? 
_diffrn.ambient_pressure_esd             ? 
_diffrn.ambient_pressure_gt              ? 
_diffrn.ambient_pressure_lt              ? 
_diffrn.ambient_temp_gt                  ? 
_diffrn.ambient_temp_lt                  ? 
_diffrn.pdbx_serial_crystal_experiment   N 
# 
_diffrn_detector.details                      ? 
_diffrn_detector.detector                     PIXEL 
_diffrn_detector.diffrn_id                    1 
_diffrn_detector.type                         'DECTRIS PILATUS 6M' 
_diffrn_detector.area_resol_mean              ? 
_diffrn_detector.dtime                        ? 
_diffrn_detector.pdbx_frames_total            ? 
_diffrn_detector.pdbx_collection_time_total   ? 
_diffrn_detector.pdbx_collection_date         2023-07-09 
_diffrn_detector.pdbx_frequency               ? 
_diffrn_detector.id                           ? 
_diffrn_detector.number_of_axes               ? 
# 
_diffrn_radiation.collimation                      ? 
_diffrn_radiation.diffrn_id                        1 
_diffrn_radiation.filter_edge                      ? 
_diffrn_radiation.inhomogeneity                    ? 
_diffrn_radiation.monochromator                    ? 
_diffrn_radiation.polarisn_norm                    ? 
_diffrn_radiation.polarisn_ratio                   ? 
_diffrn_radiation.probe                            ? 
_diffrn_radiation.type                             ? 
_diffrn_radiation.xray_symbol                      ? 
_diffrn_radiation.wavelength_id                    1 
_diffrn_radiation.pdbx_monochromatic_or_laue_m_l   M 
_diffrn_radiation.pdbx_wavelength_list             ? 
_diffrn_radiation.pdbx_wavelength                  ? 
_diffrn_radiation.pdbx_diffrn_protocol             'SINGLE WAVELENGTH' 
_diffrn_radiation.pdbx_analyzer                    ? 
_diffrn_radiation.pdbx_scattering_type             x-ray 
# 
_diffrn_radiation_wavelength.id           1 
_diffrn_radiation_wavelength.wavelength   0.920105 
_diffrn_radiation_wavelength.wt           1.0 
# 
_diffrn_source.current                     ? 
_diffrn_source.details                     ? 
_diffrn_source.diffrn_id                   1 
_diffrn_source.power                       ? 
_diffrn_source.size                        ? 
_diffrn_source.source                      SYNCHROTRON 
_diffrn_source.target                      ? 
_diffrn_source.type                        'NSLS-II BEAMLINE 17-ID-1' 
_diffrn_source.voltage                     ? 
_diffrn_source.take-off_angle              ? 
_diffrn_source.pdbx_wavelength_list        0.920105 
_diffrn_source.pdbx_wavelength             ? 
_diffrn_source.pdbx_synchrotron_beamline   17-ID-1 
_diffrn_source.pdbx_synchrotron_site       NSLS-II 
# 
_reflns.B_iso_Wilson_estimate                          32.27 
_reflns.entry_id                                       9C73 
_reflns.data_reduction_details                         ? 
_reflns.data_reduction_method                          ? 
_reflns.d_resolution_high                              1.656 
_reflns.d_resolution_low                               47.556 
_reflns.details                                        ? 
_reflns.limit_h_max                                    ? 
_reflns.limit_h_min                                    ? 
_reflns.limit_k_max                                    ? 
_reflns.limit_k_min                                    ? 
_reflns.limit_l_max                                    ? 
_reflns.limit_l_min                                    ? 
_reflns.number_all                                     ? 
_reflns.number_obs                                     11080 
_reflns.observed_criterion                             ? 
_reflns.observed_criterion_F_max                       ? 
_reflns.observed_criterion_F_min                       ? 
_reflns.observed_criterion_I_max                       ? 
_reflns.observed_criterion_I_min                       ? 
_reflns.observed_criterion_sigma_F                     ? 
_reflns.observed_criterion_sigma_I                     ? 
_reflns.percent_possible_obs                           100 
_reflns.R_free_details                                 ? 
_reflns.Rmerge_F_all                                   ? 
_reflns.Rmerge_F_obs                                   ? 
_reflns.Friedel_coverage                               ? 
_reflns.number_gt                                      ? 
_reflns.threshold_expression                           ? 
_reflns.pdbx_redundancy                                18.6 
_reflns.pdbx_netI_over_av_sigmaI                       ? 
_reflns.pdbx_netI_over_sigmaI                          11.3 
_reflns.pdbx_res_netI_over_av_sigmaI_2                 ? 
_reflns.pdbx_res_netI_over_sigmaI_2                    ? 
_reflns.pdbx_chi_squared                               ? 
_reflns.pdbx_scaling_rejects                           ? 
_reflns.pdbx_d_res_high_opt                            ? 
_reflns.pdbx_d_res_low_opt                             ? 
_reflns.pdbx_d_res_opt_method                          ? 
_reflns.phase_calculation_details                      ? 
_reflns.pdbx_Rrim_I_all                                ? 
_reflns.pdbx_Rpim_I_all                                ? 
_reflns.pdbx_d_opt                                     ? 
_reflns.pdbx_number_measured_all                       ? 
_reflns.pdbx_diffrn_id                                 1 
_reflns.pdbx_ordinal                                   1 
_reflns.pdbx_CC_half                                   0.999 
_reflns.pdbx_CC_star                                   ? 
_reflns.pdbx_R_split                                   ? 
_reflns.pdbx_Rmerge_I_obs                              ? 
_reflns.pdbx_Rmerge_I_all                              ? 
_reflns.pdbx_Rsym_value                                ? 
_reflns.pdbx_CC_split_method                           ? 
_reflns.pdbx_aniso_diffraction_limit_axis_1_ortho[1]   ? 
_reflns.pdbx_aniso_diffraction_limit_axis_1_ortho[2]   ? 
_reflns.pdbx_aniso_diffraction_limit_axis_1_ortho[3]   ? 
_reflns.pdbx_aniso_diffraction_limit_axis_2_ortho[1]   ? 
_reflns.pdbx_aniso_diffraction_limit_axis_2_ortho[2]   ? 
_reflns.pdbx_aniso_diffraction_limit_axis_2_ortho[3]   ? 
_reflns.pdbx_aniso_diffraction_limit_axis_3_ortho[1]   ? 
_reflns.pdbx_aniso_diffraction_limit_axis_3_ortho[2]   ? 
_reflns.pdbx_aniso_diffraction_limit_axis_3_ortho[3]   ? 
_reflns.pdbx_aniso_diffraction_limit_1                 ? 
_reflns.pdbx_aniso_diffraction_limit_2                 ? 
_reflns.pdbx_aniso_diffraction_limit_3                 ? 
_reflns.pdbx_aniso_B_tensor_eigenvector_1_ortho[1]     ? 
_reflns.pdbx_aniso_B_tensor_eigenvector_1_ortho[2]     ? 
_reflns.pdbx_aniso_B_tensor_eigenvector_1_ortho[3]     ? 
_reflns.pdbx_aniso_B_tensor_eigenvector_2_ortho[1]     ? 
_reflns.pdbx_aniso_B_tensor_eigenvector_2_ortho[2]     ? 
_reflns.pdbx_aniso_B_tensor_eigenvector_2_ortho[3]     ? 
_reflns.pdbx_aniso_B_tensor_eigenvector_3_ortho[1]     ? 
_reflns.pdbx_aniso_B_tensor_eigenvector_3_ortho[2]     ? 
_reflns.pdbx_aniso_B_tensor_eigenvector_3_ortho[3]     ? 
_reflns.pdbx_aniso_B_tensor_eigenvalue_1               ? 
_reflns.pdbx_aniso_B_tensor_eigenvalue_2               ? 
_reflns.pdbx_aniso_B_tensor_eigenvalue_3               ? 
_reflns.pdbx_orthogonalization_convention              ? 
_reflns.pdbx_percent_possible_ellipsoidal              ? 
_reflns.pdbx_percent_possible_spherical                ? 
_reflns.pdbx_percent_possible_ellipsoidal_anomalous    ? 
_reflns.pdbx_percent_possible_spherical_anomalous      ? 
_reflns.pdbx_redundancy_anomalous                      ? 
_reflns.pdbx_CC_half_anomalous                         ? 
_reflns.pdbx_absDiff_over_sigma_anomalous              ? 
_reflns.pdbx_percent_possible_anomalous                ? 
_reflns.pdbx_observed_signal_threshold                 ? 
_reflns.pdbx_signal_type                               ? 
_reflns.pdbx_signal_details                            ? 
_reflns.pdbx_signal_software_id                        ? 
# 
_reflns_shell.d_res_high                                    1.656 
_reflns_shell.d_res_low                                     1.684 
_reflns_shell.meanI_over_sigI_all                           ? 
_reflns_shell.meanI_over_sigI_obs                           ? 
_reflns_shell.number_measured_all                           ? 
_reflns_shell.number_measured_obs                           ? 
_reflns_shell.number_possible                               ? 
_reflns_shell.number_unique_all                             ? 
_reflns_shell.number_unique_obs                             528 
_reflns_shell.percent_possible_obs                          ? 
_reflns_shell.Rmerge_F_all                                  ? 
_reflns_shell.Rmerge_F_obs                                  ? 
_reflns_shell.meanI_over_sigI_gt                            ? 
_reflns_shell.meanI_over_uI_all                             ? 
_reflns_shell.meanI_over_uI_gt                              ? 
_reflns_shell.number_measured_gt                            ? 
_reflns_shell.number_unique_gt                              ? 
_reflns_shell.percent_possible_gt                           ? 
_reflns_shell.Rmerge_F_gt                                   ? 
_reflns_shell.Rmerge_I_gt                                   ? 
_reflns_shell.pdbx_redundancy                               15.2 
_reflns_shell.pdbx_chi_squared                              ? 
_reflns_shell.pdbx_netI_over_sigmaI_all                     ? 
_reflns_shell.pdbx_netI_over_sigmaI_obs                     ? 
_reflns_shell.pdbx_Rrim_I_all                               ? 
_reflns_shell.pdbx_Rpim_I_all                               ? 
_reflns_shell.pdbx_rejects                                  ? 
_reflns_shell.pdbx_ordinal                                  1 
_reflns_shell.pdbx_diffrn_id                                1 
_reflns_shell.pdbx_CC_half                                  0.572 
_reflns_shell.pdbx_CC_star                                  ? 
_reflns_shell.pdbx_R_split                                  ? 
_reflns_shell.percent_possible_all                          100 
_reflns_shell.Rmerge_I_all                                  ? 
_reflns_shell.Rmerge_I_obs                                  4.554 
_reflns_shell.pdbx_Rsym_value                               ? 
_reflns_shell.pdbx_percent_possible_ellipsoidal             ? 
_reflns_shell.pdbx_percent_possible_spherical               ? 
_reflns_shell.pdbx_percent_possible_ellipsoidal_anomalous   ? 
_reflns_shell.pdbx_percent_possible_spherical_anomalous     ? 
_reflns_shell.pdbx_redundancy_anomalous                     ? 
_reflns_shell.pdbx_CC_half_anomalous                        ? 
_reflns_shell.pdbx_absDiff_over_sigma_anomalous             ? 
_reflns_shell.pdbx_percent_possible_anomalous               ? 
# 
_refine.aniso_B[1][1]                            ? 
_refine.aniso_B[1][2]                            ? 
_refine.aniso_B[1][3]                            ? 
_refine.aniso_B[2][2]                            ? 
_refine.aniso_B[2][3]                            ? 
_refine.aniso_B[3][3]                            ? 
_refine.B_iso_max                                ? 
_refine.B_iso_mean                               49.20 
_refine.B_iso_min                                ? 
_refine.correlation_coeff_Fo_to_Fc               ? 
_refine.correlation_coeff_Fo_to_Fc_free          ? 
_refine.details                                  ? 
_refine.diff_density_max                         ? 
_refine.diff_density_max_esd                     ? 
_refine.diff_density_min                         ? 
_refine.diff_density_min_esd                     ? 
_refine.diff_density_rms                         ? 
_refine.diff_density_rms_esd                     ? 
_refine.entry_id                                 9C73 
_refine.pdbx_refine_id                           'X-RAY DIFFRACTION' 
_refine.ls_abs_structure_details                 ? 
_refine.ls_abs_structure_Flack                   ? 
_refine.ls_abs_structure_Flack_esd               ? 
_refine.ls_abs_structure_Rogers                  ? 
_refine.ls_abs_structure_Rogers_esd              ? 
_refine.ls_d_res_high                            1.66 
_refine.ls_d_res_low                             27.46 
_refine.ls_extinction_coef                       ? 
_refine.ls_extinction_coef_esd                   ? 
_refine.ls_extinction_expression                 ? 
_refine.ls_extinction_method                     ? 
_refine.ls_goodness_of_fit_all                   ? 
_refine.ls_goodness_of_fit_all_esd               ? 
_refine.ls_goodness_of_fit_obs                   ? 
_refine.ls_goodness_of_fit_obs_esd               ? 
_refine.ls_hydrogen_treatment                    ? 
_refine.ls_matrix_type                           ? 
_refine.ls_number_constraints                    ? 
_refine.ls_number_parameters                     ? 
_refine.ls_number_reflns_all                     ? 
_refine.ls_number_reflns_obs                     11040 
_refine.ls_number_reflns_R_free                  578 
_refine.ls_number_reflns_R_work                  10462 
_refine.ls_number_restraints                     ? 
_refine.ls_percent_reflns_obs                    99.62 
_refine.ls_percent_reflns_R_free                 5.24 
_refine.ls_R_factor_all                          ? 
_refine.ls_R_factor_obs                          0.2149 
_refine.ls_R_factor_R_free                       0.2358 
_refine.ls_R_factor_R_free_error                 ? 
_refine.ls_R_factor_R_free_error_details         ? 
_refine.ls_R_factor_R_work                       0.2136 
_refine.ls_R_Fsqd_factor_obs                     ? 
_refine.ls_R_I_factor_obs                        ? 
_refine.ls_redundancy_reflns_all                 ? 
_refine.ls_redundancy_reflns_obs                 ? 
_refine.ls_restrained_S_all                      ? 
_refine.ls_restrained_S_obs                      ? 
_refine.ls_shift_over_esd_max                    ? 
_refine.ls_shift_over_esd_mean                   ? 
_refine.ls_structure_factor_coef                 ? 
_refine.ls_weighting_details                     ? 
_refine.ls_weighting_scheme                      ? 
_refine.ls_wR_factor_all                         ? 
_refine.ls_wR_factor_obs                         ? 
_refine.ls_wR_factor_R_free                      ? 
_refine.ls_wR_factor_R_work                      ? 
_refine.occupancy_max                            ? 
_refine.occupancy_min                            ? 
_refine.solvent_model_details                    'FLAT BULK SOLVENT MODEL' 
_refine.solvent_model_param_bsol                 ? 
_refine.solvent_model_param_ksol                 ? 
_refine.pdbx_R_complete                          ? 
_refine.ls_R_factor_gt                           ? 
_refine.ls_goodness_of_fit_gt                    ? 
_refine.ls_goodness_of_fit_ref                   ? 
_refine.ls_shift_over_su_max                     ? 
_refine.ls_shift_over_su_max_lt                  ? 
_refine.ls_shift_over_su_mean                    ? 
_refine.ls_shift_over_su_mean_lt                 ? 
_refine.pdbx_ls_sigma_I                          ? 
_refine.pdbx_ls_sigma_F                          1.34 
_refine.pdbx_ls_sigma_Fsqd                       ? 
_refine.pdbx_data_cutoff_high_absF               ? 
_refine.pdbx_data_cutoff_high_rms_absF           ? 
_refine.pdbx_data_cutoff_low_absF                ? 
_refine.pdbx_isotropic_thermal_model             ? 
_refine.pdbx_ls_cross_valid_method               'FREE R-VALUE' 
_refine.pdbx_method_to_determine_struct          'MOLECULAR REPLACEMENT' 
_refine.pdbx_starting_model                      ? 
_refine.pdbx_stereochemistry_target_values       'GeoStd + Monomer Library + CDL v1.2' 
_refine.pdbx_R_Free_selection_details            ? 
_refine.pdbx_stereochem_target_val_spec_case     ? 
_refine.pdbx_overall_ESU_R                       ? 
_refine.pdbx_overall_ESU_R_Free                  ? 
_refine.pdbx_solvent_vdw_probe_radii             1.1000 
_refine.pdbx_solvent_ion_probe_radii             ? 
_refine.pdbx_solvent_shrinkage_radii             0.9000 
_refine.pdbx_real_space_R                        ? 
_refine.pdbx_density_correlation                 ? 
_refine.pdbx_pd_number_of_powder_patterns        ? 
_refine.pdbx_pd_number_of_points                 ? 
_refine.pdbx_pd_meas_number_of_points            ? 
_refine.pdbx_pd_proc_ls_prof_R_factor            ? 
_refine.pdbx_pd_proc_ls_prof_wR_factor           ? 
_refine.pdbx_pd_Marquardt_correlation_coeff      ? 
_refine.pdbx_pd_Fsqrd_R_factor                   ? 
_refine.pdbx_pd_ls_matrix_band_width             ? 
_refine.pdbx_overall_phase_error                 36.4149 
_refine.pdbx_overall_SU_R_free_Cruickshank_DPI   ? 
_refine.pdbx_overall_SU_R_free_Blow_DPI          ? 
_refine.pdbx_overall_SU_R_Blow_DPI               ? 
_refine.pdbx_TLS_residual_ADP_flag               ? 
_refine.pdbx_diffrn_id                           1 
_refine.overall_SU_B                             ? 
_refine.overall_SU_ML                            0.2116 
_refine.overall_SU_R_Cruickshank_DPI             ? 
_refine.overall_SU_R_free                        ? 
_refine.overall_FOM_free_R_set                   ? 
_refine.overall_FOM_work_R_set                   ? 
_refine.pdbx_average_fsc_overall                 ? 
_refine.pdbx_average_fsc_work                    ? 
_refine.pdbx_average_fsc_free                    ? 
# 
_refine_hist.pdbx_refine_id                   'X-RAY DIFFRACTION' 
_refine_hist.cycle_id                         LAST 
_refine_hist.details                          ? 
_refine_hist.d_res_high                       1.66 
_refine_hist.d_res_low                        27.46 
_refine_hist.number_atoms_solvent             33 
_refine_hist.number_atoms_total               704 
_refine_hist.number_reflns_all                ? 
_refine_hist.number_reflns_obs                ? 
_refine_hist.number_reflns_R_free             ? 
_refine_hist.number_reflns_R_work             ? 
_refine_hist.R_factor_all                     ? 
_refine_hist.R_factor_obs                     ? 
_refine_hist.R_factor_R_free                  ? 
_refine_hist.R_factor_R_work                  ? 
_refine_hist.pdbx_number_residues_total       ? 
_refine_hist.pdbx_B_iso_mean_ligand           ? 
_refine_hist.pdbx_B_iso_mean_solvent          ? 
_refine_hist.pdbx_number_atoms_protein        0 
_refine_hist.pdbx_number_atoms_nucleic_acid   531 
_refine_hist.pdbx_number_atoms_ligand         140 
_refine_hist.pdbx_number_atoms_lipid          ? 
_refine_hist.pdbx_number_atoms_carb           ? 
_refine_hist.pdbx_pseudo_atom_details         ? 
# 
loop_
_refine_ls_restr.pdbx_refine_id 
_refine_ls_restr.criterion 
_refine_ls_restr.dev_ideal 
_refine_ls_restr.dev_ideal_target 
_refine_ls_restr.number 
_refine_ls_restr.rejects 
_refine_ls_restr.type 
_refine_ls_restr.weight 
_refine_ls_restr.pdbx_restraint_function 
'X-RAY DIFFRACTION' ? 0.0088  ? 742  ? f_bond_d           ? ? 
'X-RAY DIFFRACTION' ? 1.0975  ? 1091 ? f_angle_d          ? ? 
'X-RAY DIFFRACTION' ? 0.0569  ? 99   ? f_chiral_restr     ? ? 
'X-RAY DIFFRACTION' ? 0.0082  ? 26   ? f_plane_restr      ? ? 
'X-RAY DIFFRACTION' ? 31.9750 ? 328  ? f_dihedral_angle_d ? ? 
# 
loop_
_refine_ls_shell.pdbx_refine_id 
_refine_ls_shell.d_res_high 
_refine_ls_shell.d_res_low 
_refine_ls_shell.number_reflns_all 
_refine_ls_shell.number_reflns_obs 
_refine_ls_shell.number_reflns_R_free 
_refine_ls_shell.number_reflns_R_work 
_refine_ls_shell.percent_reflns_obs 
_refine_ls_shell.percent_reflns_R_free 
_refine_ls_shell.R_factor_all 
_refine_ls_shell.R_factor_obs 
_refine_ls_shell.R_factor_R_free_error 
_refine_ls_shell.R_factor_R_work 
_refine_ls_shell.redundancy_reflns_all 
_refine_ls_shell.redundancy_reflns_obs 
_refine_ls_shell.wR_factor_all 
_refine_ls_shell.wR_factor_obs 
_refine_ls_shell.wR_factor_R_free 
_refine_ls_shell.wR_factor_R_work 
_refine_ls_shell.pdbx_R_complete 
_refine_ls_shell.pdbx_total_number_of_bins_used 
_refine_ls_shell.pdbx_phase_error 
_refine_ls_shell.pdbx_fsc_work 
_refine_ls_shell.pdbx_fsc_free 
_refine_ls_shell.R_factor_R_free 
'X-RAY DIFFRACTION' 1.66 1.82  . . 152 2502 98.88  . . . . 0.3395 . . . . . . . . . . . 0.3685 
'X-RAY DIFFRACTION' 1.82 2.09  . . 137 2572 100.00 . . . . 0.2530 . . . . . . . . . . . 0.2854 
'X-RAY DIFFRACTION' 2.09 2.63  . . 118 2636 100.00 . . . . 0.2584 . . . . . . . . . . . 0.2616 
'X-RAY DIFFRACTION' 2.63 27.46 . . 171 2752 99.63  . . . . 0.1892 . . . . . . . . . . . 0.2187 
# 
_struct.entry_id                     9C73 
_struct.title                        'Hybrid G-quadruplex from Tetrahymena thermophila telomeric sequence in complex with TrisQO' 
_struct.pdbx_model_details           ? 
_struct.pdbx_formula_weight          ? 
_struct.pdbx_formula_weight_method   ? 
_struct.pdbx_model_type_details      ? 
_struct.pdbx_CASP_flag               N 
# 
_struct_keywords.entry_id        9C73 
_struct_keywords.text            'G-quadruplex, TrisQO, DNA, hybrid' 
_struct_keywords.pdbx_keywords   DNA 
# 
loop_
_struct_asym.id 
_struct_asym.pdbx_blank_PDB_chainid_flag 
_struct_asym.pdbx_modified 
_struct_asym.entity_id 
_struct_asym.details 
A N N 1 ? 
B N N 2 ? 
C N N 3 ? 
D N N 3 ? 
E N N 3 ? 
F N N 4 ? 
G N N 4 ? 
H N N 4 ? 
I N N 5 ? 
J N N 6 ? 
K N N 6 ? 
L N N 6 ? 
M N N 6 ? 
N N N 6 ? 
O N N 7 ? 
P N N 7 ? 
Q N N 7 ? 
R N N 6 ? 
S N N 6 ? 
T N N 8 ? 
# 
_struct_ref.id                         1 
_struct_ref.db_name                    PDB 
_struct_ref.db_code                    9C73 
_struct_ref.pdbx_db_accession          9C73 
_struct_ref.pdbx_db_isoform            ? 
_struct_ref.entity_id                  1 
_struct_ref.pdbx_seq_one_letter_code   ? 
_struct_ref.pdbx_align_begin           1 
# 
_struct_ref_seq.align_id                      1 
_struct_ref_seq.ref_id                        1 
_struct_ref_seq.pdbx_PDB_id_code              9C73 
_struct_ref_seq.pdbx_strand_id                A 
_struct_ref_seq.seq_align_beg                 1 
_struct_ref_seq.pdbx_seq_align_beg_ins_code   ? 
_struct_ref_seq.seq_align_end                 25 
_struct_ref_seq.pdbx_seq_align_end_ins_code   ? 
_struct_ref_seq.pdbx_db_accession             9C73 
_struct_ref_seq.db_align_beg                  1 
_struct_ref_seq.pdbx_db_align_beg_ins_code    ? 
_struct_ref_seq.db_align_end                  25 
_struct_ref_seq.pdbx_db_align_end_ins_code    ? 
_struct_ref_seq.pdbx_auth_seq_align_beg       1 
_struct_ref_seq.pdbx_auth_seq_align_end       25 
# 
_pdbx_struct_assembly.id                   1 
_pdbx_struct_assembly.details              author_defined_assembly 
_pdbx_struct_assembly.method_details       ? 
_pdbx_struct_assembly.oligomeric_details   monomeric 
_pdbx_struct_assembly.oligomeric_count     1 
# 
_pdbx_struct_assembly_gen.assembly_id       1 
_pdbx_struct_assembly_gen.oper_expression   1 
_pdbx_struct_assembly_gen.asym_id_list      A,B,C,D,E,F,G,H,I,J,K,L,M,N,O,P,Q,R,S,T 
# 
_pdbx_struct_oper_list.id                   1 
_pdbx_struct_oper_list.type                 'identity operation' 
_pdbx_struct_oper_list.name                 1_555 
_pdbx_struct_oper_list.symmetry_operation   x,y,z 
_pdbx_struct_oper_list.matrix[1][1]         1.0000000000 
_pdbx_struct_oper_list.matrix[1][2]         0.0000000000 
_pdbx_struct_oper_list.matrix[1][3]         0.0000000000 
_pdbx_struct_oper_list.vector[1]            0.0000000000 
_pdbx_struct_oper_list.matrix[2][1]         0.0000000000 
_pdbx_struct_oper_list.matrix[2][2]         1.0000000000 
_pdbx_struct_oper_list.matrix[2][3]         0.0000000000 
_pdbx_struct_oper_list.vector[2]            0.0000000000 
_pdbx_struct_oper_list.matrix[3][1]         0.0000000000 
_pdbx_struct_oper_list.matrix[3][2]         0.0000000000 
_pdbx_struct_oper_list.matrix[3][3]         1.0000000000 
_pdbx_struct_oper_list.vector[3]            0.0000000000 
# 
loop_
_struct_conn.id 
_struct_conn.conn_type_id 
_struct_conn.pdbx_leaving_atom_flag 
_struct_conn.pdbx_PDB_id 
_struct_conn.ptnr1_label_asym_id 
_struct_conn.ptnr1_label_comp_id 
_struct_conn.ptnr1_label_seq_id 
_struct_conn.ptnr1_label_atom_id 
_struct_conn.pdbx_ptnr1_label_alt_id 
_struct_conn.pdbx_ptnr1_PDB_ins_code 
_struct_conn.pdbx_ptnr1_standard_comp_id 
_struct_conn.ptnr1_symmetry 
_struct_conn.ptnr2_label_asym_id 
_struct_conn.ptnr2_label_comp_id 
_struct_conn.ptnr2_label_seq_id 
_struct_conn.ptnr2_label_atom_id 
_struct_conn.pdbx_ptnr2_label_alt_id 
_struct_conn.pdbx_ptnr2_PDB_ins_code 
_struct_conn.ptnr1_auth_asym_id 
_struct_conn.ptnr1_auth_comp_id 
_struct_conn.ptnr1_auth_seq_id 
_struct_conn.ptnr2_auth_asym_id 
_struct_conn.ptnr2_auth_comp_id 
_struct_conn.ptnr2_auth_seq_id 
_struct_conn.ptnr2_symmetry 
_struct_conn.pdbx_ptnr3_label_atom_id 
_struct_conn.pdbx_ptnr3_label_seq_id 
_struct_conn.pdbx_ptnr3_label_comp_id 
_struct_conn.pdbx_ptnr3_label_asym_id 
_struct_conn.pdbx_ptnr3_label_alt_id 
_struct_conn.pdbx_ptnr3_PDB_ins_code 
_struct_conn.details 
_struct_conn.pdbx_dist_value 
_struct_conn.pdbx_value_order 
_struct_conn.pdbx_role 
metalc1  metalc ? ? A DG 1  O6  ? ? ? 1_555 C K   .  K  ? ? A DG 1   A K   102 10_444 ? ? ? ? ? ? ?               2.606 ? ? 
metalc2  metalc ? ? A DT 2  OP2 ? ? ? 1_555 F CA  .  CA ? ? A DT 2   A CA  105 10_444 ? ? ? ? ? ? ?               2.226 ? ? 
metalc3  metalc ? ? A DT 3  OP2 ? ? ? 1_555 H CA  .  CA ? ? A DT 3   A CA  107 1_555  ? ? ? ? ? ? ?               2.028 ? ? 
metalc4  metalc ? ? A DG 4  O6  ? ? ? 1_555 C K   .  K  ? ? A DG 4   A K   102 1_555  ? ? ? ? ? ? ?               2.804 ? ? 
metalc5  metalc ? ? A DG 5  O6  ? ? ? 1_555 C K   .  K  ? ? A DG 5   A K   102 1_555  ? ? ? ? ? ? ?               2.863 ? ? 
metalc6  metalc ? ? A DG 5  O6  ? ? ? 1_555 D K   .  K  ? ? A DG 5   A K   103 1_555  ? ? ? ? ? ? ?               2.842 ? ? 
metalc7  metalc ? ? A DG 5  OP1 ? ? ? 1_555 H CA  .  CA ? ? A DG 5   A CA  107 1_555  ? ? ? ? ? ? ?               2.380 ? ? 
metalc8  metalc ? ? A DG 6  O6  ? ? ? 1_555 D K   .  K  ? ? A DG 6   A K   103 1_555  ? ? ? ? ? ? ?               2.809 ? ? 
metalc9  metalc ? ? A DG 6  O6  ? ? ? 1_555 E K   .  K  ? ? A DG 6   A K   104 1_555  ? ? ? ? ? ? ?               2.916 ? ? 
metalc10 metalc ? ? A DG 7  O6  ? ? ? 1_555 E K   .  K  ? ? A DG 7   A K   104 1_555  ? ? ? ? ? ? ?               2.804 ? ? 
metalc11 metalc ? ? A DG 10 O6  ? ? ? 1_555 C K   .  K  ? ? A DG 10  A K   102 1_555  ? ? ? ? ? ? ?               2.967 ? ? 
metalc12 metalc ? ? A DG 10 O6  ? ? ? 1_555 D K   .  K  ? ? A DG 10  A K   103 1_555  ? ? ? ? ? ? ?               2.779 ? ? 
metalc13 metalc ? ? A DG 10 OP2 ? ? ? 1_555 F CA  .  CA ? ? A DG 10  A CA  105 1_555  ? ? ? ? ? ? ?               2.179 ? ? 
metalc14 metalc ? ? A DG 11 O6  ? ? ? 1_555 D K   .  K  ? ? A DG 11  A K   103 1_555  ? ? ? ? ? ? ?               2.828 ? ? 
metalc15 metalc ? ? A DG 11 O6  ? ? ? 1_555 E K   .  K  ? ? A DG 11  A K   104 1_555  ? ? ? ? ? ? ?               2.796 ? ? 
metalc16 metalc ? ? A DG 12 O6  ? ? ? 1_555 E K   .  K  ? ? A DG 12  A K   104 1_555  ? ? ? ? ? ? ?               2.940 ? ? 
metalc17 metalc ? ? A DG 12 OP2 ? ? ? 1_555 G CA  .  CA ? ? A DG 12  A CA  106 12_545 ? ? ? ? ? ? ?               2.659 ? ? 
metalc18 metalc ? ? A DG 13 O6  ? ? ? 1_555 G CA  .  CA ? ? A DG 13  A CA  106 12_545 ? ? ? ? ? ? ?               2.462 ? ? 
metalc19 metalc ? ? A DT 15 OP1 ? ? ? 1_555 H CA  .  CA ? ? A DT 15  A CA  107 6_555  ? ? ? ? ? ? ?               2.139 ? ? 
metalc20 metalc ? ? A DG 16 O6  ? ? ? 1_555 E K   .  K  ? ? A DG 16  A K   104 1_555  ? ? ? ? ? ? ?               2.584 ? ? 
metalc21 metalc ? ? A DG 17 O6  ? ? ? 1_555 D K   .  K  ? ? A DG 17  A K   103 1_555  ? ? ? ? ? ? ?               2.805 ? ? 
metalc22 metalc ? ? A DG 17 O6  ? ? ? 1_555 E K   .  K  ? ? A DG 17  A K   104 1_555  ? ? ? ? ? ? ?               2.822 ? ? 
metalc23 metalc ? ? A DG 17 OP1 ? ? ? 1_555 F CA  .  CA ? ? A DG 17  A CA  105 8_545  ? ? ? ? ? ? ?               2.298 ? ? 
metalc24 metalc ? ? A DG 18 O6  ? ? ? 1_555 C K   .  K  ? ? A DG 18  A K   102 1_555  ? ? ? ? ? ? ?               2.998 ? ? 
metalc25 metalc ? ? A DG 18 O6  ? ? ? 1_555 D K   .  K  ? ? A DG 18  A K   103 1_555  ? ? ? ? ? ? ?               2.808 ? ? 
metalc26 metalc ? ? A DG 19 O6  ? ? ? 1_555 C K   .  K  ? ? A DG 19  A K   102 1_555  ? ? ? ? ? ? ?               2.770 ? ? 
metalc27 metalc ? ? A DT 20 OP2 ? ? ? 1_555 G CA  .  CA ? ? A DT 20  A CA  106 1_555  ? ? ? ? ? ? ?               2.467 ? ? 
metalc28 metalc ? ? A DG 22 O6  ? ? ? 1_555 C K   .  K  ? ? A DG 22  A K   102 1_555  ? ? ? ? ? ? ?               2.785 ? ? 
metalc29 metalc ? ? A DG 23 O6  ? ? ? 1_555 C K   .  K  ? ? A DG 23  A K   102 1_555  ? ? ? ? ? ? ?               2.856 ? ? 
metalc30 metalc ? ? A DG 23 O6  ? ? ? 1_555 D K   .  K  ? ? A DG 23  A K   103 1_555  ? ? ? ? ? ? ?               2.865 ? ? 
metalc31 metalc ? ? A DG 24 O6  ? ? ? 1_555 D K   .  K  ? ? A DG 24  A K   103 1_555  ? ? ? ? ? ? ?               2.691 ? ? 
metalc32 metalc ? ? A DG 24 O6  ? ? ? 1_555 E K   .  K  ? ? A DG 24  A K   104 1_555  ? ? ? ? ? ? ?               2.968 ? ? 
metalc33 metalc ? ? A DG 25 O6  ? ? ? 1_555 E K   .  K  ? ? A DG 25  A K   104 1_555  ? ? ? ? ? ? ?               2.613 ? ? 
metalc34 metalc ? ? F CA .  CA  ? ? ? 1_555 T HOH .  O  ? ? A CA 105 A HOH 220 1_555  ? ? ? ? ? ? ?               2.128 ? ? 
metalc35 metalc ? ? F CA .  CA  ? ? ? 1_555 T HOH .  O  ? ? A CA 105 A HOH 223 1_555  ? ? ? ? ? ? ?               2.322 ? ? 
metalc36 metalc ? ? F CA .  CA  ? ? ? 1_555 T HOH .  O  ? ? A CA 105 A HOH 229 1_555  ? ? ? ? ? ? ?               2.244 ? ? 
metalc37 metalc ? ? G CA .  CA  ? ? ? 1_555 T HOH .  O  ? ? A CA 106 A HOH 224 1_555  ? ? ? ? ? ? ?               2.553 ? ? 
metalc38 metalc ? ? G CA .  CA  ? ? ? 1_555 T HOH .  O  ? ? A CA 106 A HOH 225 1_555  ? ? ? ? ? ? ?               2.501 ? ? 
metalc39 metalc ? ? H CA .  CA  ? ? ? 1_555 J PEG .  O1 ? ? A CA 107 A PEG 109 1_555  ? ? ? ? ? ? ?               2.303 ? ? 
metalc40 metalc ? ? H CA .  CA  ? ? ? 1_555 J PEG .  O2 ? ? A CA 107 A PEG 109 1_555  ? ? ? ? ? ? ?               2.496 ? ? 
metalc41 metalc ? ? H CA .  CA  ? ? ? 1_555 J PEG .  O4 ? ? A CA 107 A PEG 109 1_555  ? ? ? ? ? ? ?               2.220 ? ? 
metalc42 metalc ? ? H CA .  CA  ? ? ? 1_555 T HOH .  O  ? ? A CA 107 A HOH 201 1_555  ? ? ? ? ? ? ?               2.739 ? ? 
hydrog1  hydrog ? ? A DG 4  N1  ? ? ? 1_555 A DG  22 O6 ? ? A DG 4   A DG  22  1_555  ? ? ? ? ? ? TYPE_6_PAIR     ?     ? ? 
hydrog2  hydrog ? ? A DG 4  N2  ? ? ? 1_555 A DG  22 N7 ? ? A DG 4   A DG  22  1_555  ? ? ? ? ? ? TYPE_6_PAIR     ?     ? ? 
hydrog3  hydrog ? ? A DG 5  N1  ? ? ? 1_555 A DG  10 O6 ? ? A DG 5   A DG  10  1_555  ? ? ? ? ? ? TYPE_6_PAIR     ?     ? ? 
hydrog4  hydrog ? ? A DG 5  N2  ? ? ? 1_555 A DG  10 N7 ? ? A DG 5   A DG  10  1_555  ? ? ? ? ? ? TYPE_6_PAIR     ?     ? ? 
hydrog5  hydrog ? ? A DG 5  N7  ? ? ? 1_555 A DG  23 N2 ? ? A DG 5   A DG  23  1_555  ? ? ? ? ? ? TYPE_6_PAIR     ?     ? ? 
hydrog6  hydrog ? ? A DG 5  O6  ? ? ? 1_555 A DG  23 N1 ? ? A DG 5   A DG  23  1_555  ? ? ? ? ? ? TYPE_6_PAIR     ?     ? ? 
hydrog7  hydrog ? ? A DG 6  N1  ? ? ? 1_555 A DG  11 O6 ? ? A DG 6   A DG  11  1_555  ? ? ? ? ? ? TYPE_6_PAIR     ?     ? ? 
hydrog8  hydrog ? ? A DG 6  N2  ? ? ? 1_555 A DG  11 N7 ? ? A DG 6   A DG  11  1_555  ? ? ? ? ? ? TYPE_6_PAIR     ?     ? ? 
hydrog9  hydrog ? ? A DG 6  N7  ? ? ? 1_555 A DG  24 N2 ? ? A DG 6   A DG  24  1_555  ? ? ? ? ? ? TYPE_6_PAIR     ?     ? ? 
hydrog10 hydrog ? ? A DG 6  O6  ? ? ? 1_555 A DG  24 N1 ? ? A DG 6   A DG  24  1_555  ? ? ? ? ? ? TYPE_6_PAIR     ?     ? ? 
hydrog11 hydrog ? ? A DG 7  N1  ? ? ? 1_555 A DG  12 O6 ? ? A DG 7   A DG  12  1_555  ? ? ? ? ? ? TYPE_6_PAIR     ?     ? ? 
hydrog12 hydrog ? ? A DG 7  N2  ? ? ? 1_555 A DG  12 N7 ? ? A DG 7   A DG  12  1_555  ? ? ? ? ? ? TYPE_6_PAIR     ?     ? ? 
hydrog13 hydrog ? ? A DG 7  N2  ? ? ? 1_555 A DG  13 N3 ? ? A DG 7   A DG  13  1_555  ? ? ? ? ? ? 'DG-DG MISPAIR' ?     ? ? 
hydrog14 hydrog ? ? A DG 7  N7  ? ? ? 1_555 A DG  25 N2 ? ? A DG 7   A DG  25  1_555  ? ? ? ? ? ? TYPE_6_PAIR     ?     ? ? 
hydrog15 hydrog ? ? A DG 7  O6  ? ? ? 1_555 A DG  25 N1 ? ? A DG 7   A DG  25  1_555  ? ? ? ? ? ? TYPE_6_PAIR     ?     ? ? 
hydrog16 hydrog ? ? A DG 10 N1  ? ? ? 1_555 A DG  18 O6 ? ? A DG 10  A DG  18  1_555  ? ? ? ? ? ? TYPE_6_PAIR     ?     ? ? 
hydrog17 hydrog ? ? A DG 10 N2  ? ? ? 1_555 A DG  18 N7 ? ? A DG 10  A DG  18  1_555  ? ? ? ? ? ? TYPE_6_PAIR     ?     ? ? 
hydrog18 hydrog ? ? A DG 11 N1  ? ? ? 1_555 A DG  17 O6 ? ? A DG 11  A DG  17  1_555  ? ? ? ? ? ? TYPE_6_PAIR     ?     ? ? 
hydrog19 hydrog ? ? A DG 11 N2  ? ? ? 1_555 A DG  17 N7 ? ? A DG 11  A DG  17  1_555  ? ? ? ? ? ? TYPE_6_PAIR     ?     ? ? 
hydrog20 hydrog ? ? A DG 12 N1  ? ? ? 1_555 A DG  16 O6 ? ? A DG 12  A DG  16  1_555  ? ? ? ? ? ? TYPE_6_PAIR     ?     ? ? 
hydrog21 hydrog ? ? A DG 12 N2  ? ? ? 1_555 A DG  16 N7 ? ? A DG 12  A DG  16  1_555  ? ? ? ? ? ? TYPE_6_PAIR     ?     ? ? 
hydrog22 hydrog ? ? A DG 16 N1  ? ? ? 1_555 A DG  25 O6 ? ? A DG 16  A DG  25  1_555  ? ? ? ? ? ? TYPE_6_PAIR     ?     ? ? 
hydrog23 hydrog ? ? A DG 16 N2  ? ? ? 1_555 A DG  25 N7 ? ? A DG 16  A DG  25  1_555  ? ? ? ? ? ? TYPE_6_PAIR     ?     ? ? 
hydrog24 hydrog ? ? A DG 17 N1  ? ? ? 1_555 A DG  24 O6 ? ? A DG 17  A DG  24  1_555  ? ? ? ? ? ? TYPE_6_PAIR     ?     ? ? 
hydrog25 hydrog ? ? A DG 17 N2  ? ? ? 1_555 A DG  24 N7 ? ? A DG 17  A DG  24  1_555  ? ? ? ? ? ? TYPE_6_PAIR     ?     ? ? 
hydrog26 hydrog ? ? A DG 18 N1  ? ? ? 1_555 A DG  23 O6 ? ? A DG 18  A DG  23  1_555  ? ? ? ? ? ? TYPE_6_PAIR     ?     ? ? 
hydrog27 hydrog ? ? A DG 18 N2  ? ? ? 1_555 A DG  23 N7 ? ? A DG 18  A DG  23  1_555  ? ? ? ? ? ? TYPE_6_PAIR     ?     ? ? 
hydrog28 hydrog ? ? A DG 19 N7  ? ? ? 1_555 A DG  22 N2 ? ? A DG 19  A DG  22  1_555  ? ? ? ? ? ? TYPE_6_PAIR     ?     ? ? 
hydrog29 hydrog ? ? A DG 19 O6  ? ? ? 1_555 A DG  22 N1 ? ? A DG 19  A DG  22  1_555  ? ? ? ? ? ? TYPE_6_PAIR     ?     ? ? 
# 
loop_
_struct_conn_type.id 
_struct_conn_type.criteria 
_struct_conn_type.reference 
metalc ? ? 
hydrog ? ? 
# 
loop_
_pdbx_struct_conn_angle.id 
_pdbx_struct_conn_angle.ptnr1_label_atom_id 
_pdbx_struct_conn_angle.ptnr1_label_alt_id 
_pdbx_struct_conn_angle.ptnr1_label_asym_id 
_pdbx_struct_conn_angle.ptnr1_label_comp_id 
_pdbx_struct_conn_angle.ptnr1_label_seq_id 
_pdbx_struct_conn_angle.ptnr1_auth_atom_id 
_pdbx_struct_conn_angle.ptnr1_auth_asym_id 
_pdbx_struct_conn_angle.ptnr1_auth_comp_id 
_pdbx_struct_conn_angle.ptnr1_auth_seq_id 
_pdbx_struct_conn_angle.ptnr1_PDB_ins_code 
_pdbx_struct_conn_angle.ptnr1_symmetry 
_pdbx_struct_conn_angle.ptnr2_label_atom_id 
_pdbx_struct_conn_angle.ptnr2_label_alt_id 
_pdbx_struct_conn_angle.ptnr2_label_asym_id 
_pdbx_struct_conn_angle.ptnr2_label_comp_id 
_pdbx_struct_conn_angle.ptnr2_label_seq_id 
_pdbx_struct_conn_angle.ptnr2_auth_atom_id 
_pdbx_struct_conn_angle.ptnr2_auth_asym_id 
_pdbx_struct_conn_angle.ptnr2_auth_comp_id 
_pdbx_struct_conn_angle.ptnr2_auth_seq_id 
_pdbx_struct_conn_angle.ptnr2_PDB_ins_code 
_pdbx_struct_conn_angle.ptnr2_symmetry 
_pdbx_struct_conn_angle.ptnr3_label_atom_id 
_pdbx_struct_conn_angle.ptnr3_label_alt_id 
_pdbx_struct_conn_angle.ptnr3_label_asym_id 
_pdbx_struct_conn_angle.ptnr3_label_comp_id 
_pdbx_struct_conn_angle.ptnr3_label_seq_id 
_pdbx_struct_conn_angle.ptnr3_auth_atom_id 
_pdbx_struct_conn_angle.ptnr3_auth_asym_id 
_pdbx_struct_conn_angle.ptnr3_auth_comp_id 
_pdbx_struct_conn_angle.ptnr3_auth_seq_id 
_pdbx_struct_conn_angle.ptnr3_PDB_ins_code 
_pdbx_struct_conn_angle.ptnr3_symmetry 
_pdbx_struct_conn_angle.value 
_pdbx_struct_conn_angle.value_esd 
1   O6  ? A DG  1  ? A DG  1   ? 1_555 K  ? C K  . ? A K  102 ? 10_444 O6  ? A DG  4  ? A DG  4   ? 1_555 69.3  ? 
2   O6  ? A DG  1  ? A DG  1   ? 1_555 K  ? C K  . ? A K  102 ? 10_444 O6  ? A DG  5  ? A DG  5   ? 1_555 67.1  ? 
3   O6  ? A DG  4  ? A DG  4   ? 1_555 K  ? C K  . ? A K  102 ? 10_444 O6  ? A DG  5  ? A DG  5   ? 1_555 4.7   ? 
4   O6  ? A DG  1  ? A DG  1   ? 1_555 K  ? C K  . ? A K  102 ? 10_444 O6  ? A DG  10 ? A DG  10  ? 1_555 77.7  ? 
5   O6  ? A DG  4  ? A DG  4   ? 1_555 K  ? C K  . ? A K  102 ? 10_444 O6  ? A DG  10 ? A DG  10  ? 1_555 8.4   ? 
6   O6  ? A DG  5  ? A DG  5   ? 1_555 K  ? C K  . ? A K  102 ? 10_444 O6  ? A DG  10 ? A DG  10  ? 1_555 11.2  ? 
7   O6  ? A DG  1  ? A DG  1   ? 1_555 K  ? C K  . ? A K  102 ? 10_444 O6  ? A DG  18 ? A DG  18  ? 1_555 81.8  ? 
8   O6  ? A DG  4  ? A DG  4   ? 1_555 K  ? C K  . ? A K  102 ? 10_444 O6  ? A DG  18 ? A DG  18  ? 1_555 16.9  ? 
9   O6  ? A DG  5  ? A DG  5   ? 1_555 K  ? C K  . ? A K  102 ? 10_444 O6  ? A DG  18 ? A DG  18  ? 1_555 16.3  ? 
10  O6  ? A DG  10 ? A DG  10  ? 1_555 K  ? C K  . ? A K  102 ? 10_444 O6  ? A DG  18 ? A DG  18  ? 1_555 11.6  ? 
11  O6  ? A DG  1  ? A DG  1   ? 1_555 K  ? C K  . ? A K  102 ? 10_444 O6  ? A DG  19 ? A DG  19  ? 1_555 86.7  ? 
12  O6  ? A DG  4  ? A DG  4   ? 1_555 K  ? C K  . ? A K  102 ? 10_444 O6  ? A DG  19 ? A DG  19  ? 1_555 21.9  ? 
13  O6  ? A DG  5  ? A DG  5   ? 1_555 K  ? C K  . ? A K  102 ? 10_444 O6  ? A DG  19 ? A DG  19  ? 1_555 21.6  ? 
14  O6  ? A DG  10 ? A DG  10  ? 1_555 K  ? C K  . ? A K  102 ? 10_444 O6  ? A DG  19 ? A DG  19  ? 1_555 15.7  ? 
15  O6  ? A DG  18 ? A DG  18  ? 1_555 K  ? C K  . ? A K  102 ? 10_444 O6  ? A DG  19 ? A DG  19  ? 1_555 5.2   ? 
16  O6  ? A DG  1  ? A DG  1   ? 1_555 K  ? C K  . ? A K  102 ? 10_444 O6  ? A DG  22 ? A DG  22  ? 1_555 71.7  ? 
17  O6  ? A DG  4  ? A DG  4   ? 1_555 K  ? C K  . ? A K  102 ? 10_444 O6  ? A DG  22 ? A DG  22  ? 1_555 15.6  ? 
18  O6  ? A DG  5  ? A DG  5   ? 1_555 K  ? C K  . ? A K  102 ? 10_444 O6  ? A DG  22 ? A DG  22  ? 1_555 12.1  ? 
19  O6  ? A DG  10 ? A DG  10  ? 1_555 K  ? C K  . ? A K  102 ? 10_444 O6  ? A DG  22 ? A DG  22  ? 1_555 16.2  ? 
20  O6  ? A DG  18 ? A DG  18  ? 1_555 K  ? C K  . ? A K  102 ? 10_444 O6  ? A DG  22 ? A DG  22  ? 1_555 11.1  ? 
21  O6  ? A DG  19 ? A DG  19  ? 1_555 K  ? C K  . ? A K  102 ? 10_444 O6  ? A DG  22 ? A DG  22  ? 1_555 15.2  ? 
22  O6  ? A DG  1  ? A DG  1   ? 1_555 K  ? C K  . ? A K  102 ? 10_444 O6  ? A DG  23 ? A DG  23  ? 1_555 71.6  ? 
23  O6  ? A DG  4  ? A DG  4   ? 1_555 K  ? C K  . ? A K  102 ? 10_444 O6  ? A DG  23 ? A DG  23  ? 1_555 15.7  ? 
24  O6  ? A DG  5  ? A DG  5   ? 1_555 K  ? C K  . ? A K  102 ? 10_444 O6  ? A DG  23 ? A DG  23  ? 1_555 12.2  ? 
25  O6  ? A DG  10 ? A DG  10  ? 1_555 K  ? C K  . ? A K  102 ? 10_444 O6  ? A DG  23 ? A DG  23  ? 1_555 16.5  ? 
26  O6  ? A DG  18 ? A DG  18  ? 1_555 K  ? C K  . ? A K  102 ? 10_444 O6  ? A DG  23 ? A DG  23  ? 1_555 11.3  ? 
27  O6  ? A DG  19 ? A DG  19  ? 1_555 K  ? C K  . ? A K  102 ? 10_444 O6  ? A DG  23 ? A DG  23  ? 1_555 15.4  ? 
28  O6  ? A DG  22 ? A DG  22  ? 1_555 K  ? C K  . ? A K  102 ? 10_444 O6  ? A DG  23 ? A DG  23  ? 1_555 0.3   ? 
29  OP2 ? A DT  2  ? A DT  2   ? 1_555 CA ? F CA . ? A CA 105 ? 10_444 OP2 ? A DG  10 ? A DG  10  ? 1_555 17.9  ? 
30  OP2 ? A DT  2  ? A DT  2   ? 1_555 CA ? F CA . ? A CA 105 ? 10_444 OP1 ? A DG  17 ? A DG  17  ? 1_555 36.3  ? 
31  OP2 ? A DG  10 ? A DG  10  ? 1_555 CA ? F CA . ? A CA 105 ? 10_444 OP1 ? A DG  17 ? A DG  17  ? 1_555 52.9  ? 
32  OP2 ? A DT  2  ? A DT  2   ? 1_555 CA ? F CA . ? A CA 105 ? 10_444 O   ? T HOH .  ? A HOH 220 ? 1_555 22.2  ? 
33  OP2 ? A DG  10 ? A DG  10  ? 1_555 CA ? F CA . ? A CA 105 ? 10_444 O   ? T HOH .  ? A HOH 220 ? 1_555 4.4   ? 
34  OP1 ? A DG  17 ? A DG  17  ? 1_555 CA ? F CA . ? A CA 105 ? 10_444 O   ? T HOH .  ? A HOH 220 ? 1_555 57.2  ? 
35  OP2 ? A DT  2  ? A DT  2   ? 1_555 CA ? F CA . ? A CA 105 ? 10_444 O   ? T HOH .  ? A HOH 223 ? 1_555 21.9  ? 
36  OP2 ? A DG  10 ? A DG  10  ? 1_555 CA ? F CA . ? A CA 105 ? 10_444 O   ? T HOH .  ? A HOH 223 ? 1_555 6.2   ? 
37  OP1 ? A DG  17 ? A DG  17  ? 1_555 CA ? F CA . ? A CA 105 ? 10_444 O   ? T HOH .  ? A HOH 223 ? 1_555 54.8  ? 
38  O   ? T HOH .  ? A HOH 220 ? 1_555 CA ? F CA . ? A CA 105 ? 10_444 O   ? T HOH .  ? A HOH 223 ? 1_555 5.9   ? 
39  OP2 ? A DT  2  ? A DT  2   ? 1_555 CA ? F CA . ? A CA 105 ? 10_444 O   ? T HOH .  ? A HOH 229 ? 1_555 23.8  ? 
40  OP2 ? A DG  10 ? A DG  10  ? 1_555 CA ? F CA . ? A CA 105 ? 10_444 O   ? T HOH .  ? A HOH 229 ? 1_555 6.7   ? 
41  OP1 ? A DG  17 ? A DG  17  ? 1_555 CA ? F CA . ? A CA 105 ? 10_444 O   ? T HOH .  ? A HOH 229 ? 1_555 59.4  ? 
42  O   ? T HOH .  ? A HOH 220 ? 1_555 CA ? F CA . ? A CA 105 ? 10_444 O   ? T HOH .  ? A HOH 229 ? 1_555 3.2   ? 
43  O   ? T HOH .  ? A HOH 223 ? 1_555 CA ? F CA . ? A CA 105 ? 10_444 O   ? T HOH .  ? A HOH 229 ? 1_555 9.1   ? 
44  OP2 ? A DT  3  ? A DT  3   ? 1_555 CA ? H CA . ? A CA 107 ? 1_555  OP1 ? A DG  5  ? A DG  5   ? 1_555 100.8 ? 
45  OP2 ? A DT  3  ? A DT  3   ? 1_555 CA ? H CA . ? A CA 107 ? 1_555  OP1 ? A DT  15 ? A DT  15  ? 1_555 103.1 ? 
46  OP1 ? A DG  5  ? A DG  5   ? 1_555 CA ? H CA . ? A CA 107 ? 1_555  OP1 ? A DT  15 ? A DT  15  ? 1_555 11.6  ? 
47  OP2 ? A DT  3  ? A DT  3   ? 1_555 CA ? H CA . ? A CA 107 ? 1_555  O1  ? J PEG .  ? A PEG 109 ? 1_555 78.6  ? 
48  OP1 ? A DG  5  ? A DG  5   ? 1_555 CA ? H CA . ? A CA 107 ? 1_555  O1  ? J PEG .  ? A PEG 109 ? 1_555 154.6 ? 
49  OP1 ? A DT  15 ? A DT  15  ? 1_555 CA ? H CA . ? A CA 107 ? 1_555  O1  ? J PEG .  ? A PEG 109 ? 1_555 143.4 ? 
50  OP2 ? A DT  3  ? A DT  3   ? 1_555 CA ? H CA . ? A CA 107 ? 1_555  O2  ? J PEG .  ? A PEG 109 ? 1_555 75.7  ? 
51  OP1 ? A DG  5  ? A DG  5   ? 1_555 CA ? H CA . ? A CA 107 ? 1_555  O2  ? J PEG .  ? A PEG 109 ? 1_555 135.6 ? 
52  OP1 ? A DT  15 ? A DT  15  ? 1_555 CA ? H CA . ? A CA 107 ? 1_555  O2  ? J PEG .  ? A PEG 109 ? 1_555 147.2 ? 
53  O1  ? J PEG .  ? A PEG 109 ? 1_555 CA ? H CA . ? A CA 107 ? 1_555  O2  ? J PEG .  ? A PEG 109 ? 1_555 69.3  ? 
54  OP2 ? A DT  3  ? A DT  3   ? 1_555 CA ? H CA . ? A CA 107 ? 1_555  O4  ? J PEG .  ? A PEG 109 ? 1_555 88.4  ? 
55  OP1 ? A DG  5  ? A DG  5   ? 1_555 CA ? H CA . ? A CA 107 ? 1_555  O4  ? J PEG .  ? A PEG 109 ? 1_555 72.0  ? 
56  OP1 ? A DT  15 ? A DT  15  ? 1_555 CA ? H CA . ? A CA 107 ? 1_555  O4  ? J PEG .  ? A PEG 109 ? 1_555 83.5  ? 
57  O1  ? J PEG .  ? A PEG 109 ? 1_555 CA ? H CA . ? A CA 107 ? 1_555  O4  ? J PEG .  ? A PEG 109 ? 1_555 133.0 ? 
58  O2  ? J PEG .  ? A PEG 109 ? 1_555 CA ? H CA . ? A CA 107 ? 1_555  O4  ? J PEG .  ? A PEG 109 ? 1_555 63.7  ? 
59  OP2 ? A DT  3  ? A DT  3   ? 1_555 CA ? H CA . ? A CA 107 ? 1_555  O   ? T HOH .  ? A HOH 201 ? 1_555 86.0  ? 
60  OP1 ? A DG  5  ? A DG  5   ? 1_555 CA ? H CA . ? A CA 107 ? 1_555  O   ? T HOH .  ? A HOH 201 ? 1_555 106.4 ? 
61  OP1 ? A DT  15 ? A DT  15  ? 1_555 CA ? H CA . ? A CA 107 ? 1_555  O   ? T HOH .  ? A HOH 201 ? 1_555 95.2  ? 
62  O1  ? J PEG .  ? A PEG 109 ? 1_555 CA ? H CA . ? A CA 107 ? 1_555  O   ? T HOH .  ? A HOH 201 ? 1_555 48.2  ? 
63  O2  ? J PEG .  ? A PEG 109 ? 1_555 CA ? H CA . ? A CA 107 ? 1_555  O   ? T HOH .  ? A HOH 201 ? 1_555 117.2 ? 
64  O4  ? J PEG .  ? A PEG 109 ? 1_555 CA ? H CA . ? A CA 107 ? 1_555  O   ? T HOH .  ? A HOH 201 ? 1_555 173.8 ? 
65  O6  ? A DG  5  ? A DG  5   ? 1_555 K  ? D K  . ? A K  103 ? 1_555  O6  ? A DG  6  ? A DG  6   ? 1_555 78.6  ? 
66  O6  ? A DG  5  ? A DG  5   ? 1_555 K  ? D K  . ? A K  103 ? 1_555  O6  ? A DG  10 ? A DG  10  ? 1_555 68.8  ? 
67  O6  ? A DG  6  ? A DG  6   ? 1_555 K  ? D K  . ? A K  103 ? 1_555  O6  ? A DG  10 ? A DG  10  ? 1_555 89.3  ? 
68  O6  ? A DG  5  ? A DG  5   ? 1_555 K  ? D K  . ? A K  103 ? 1_555  O6  ? A DG  11 ? A DG  11  ? 1_555 133.4 ? 
69  O6  ? A DG  6  ? A DG  6   ? 1_555 K  ? D K  . ? A K  103 ? 1_555  O6  ? A DG  11 ? A DG  11  ? 1_555 70.6  ? 
70  O6  ? A DG  10 ? A DG  10  ? 1_555 K  ? D K  . ? A K  103 ? 1_555  O6  ? A DG  11 ? A DG  11  ? 1_555 76.6  ? 
71  O6  ? A DG  5  ? A DG  5   ? 1_555 K  ? D K  . ? A K  103 ? 1_555  O6  ? A DG  17 ? A DG  17  ? 1_555 154.2 ? 
72  O6  ? A DG  6  ? A DG  6   ? 1_555 K  ? D K  . ? A K  103 ? 1_555  O6  ? A DG  17 ? A DG  17  ? 1_555 106.1 ? 
73  O6  ? A DG  10 ? A DG  10  ? 1_555 K  ? D K  . ? A K  103 ? 1_555  O6  ? A DG  17 ? A DG  17  ? 1_555 135.6 ? 
74  O6  ? A DG  11 ? A DG  11  ? 1_555 K  ? D K  . ? A K  103 ? 1_555  O6  ? A DG  17 ? A DG  17  ? 1_555 70.2  ? 
75  O6  ? A DG  5  ? A DG  5   ? 1_555 K  ? D K  . ? A K  103 ? 1_555  O6  ? A DG  18 ? A DG  18  ? 1_555 107.8 ? 
76  O6  ? A DG  6  ? A DG  6   ? 1_555 K  ? D K  . ? A K  103 ? 1_555  O6  ? A DG  18 ? A DG  18  ? 1_555 154.6 ? 
77  O6  ? A DG  10 ? A DG  10  ? 1_555 K  ? D K  . ? A K  103 ? 1_555  O6  ? A DG  18 ? A DG  18  ? 1_555 71.2  ? 
78  O6  ? A DG  11 ? A DG  11  ? 1_555 K  ? D K  . ? A K  103 ? 1_555  O6  ? A DG  18 ? A DG  18  ? 1_555 88.7  ? 
79  O6  ? A DG  17 ? A DG  17  ? 1_555 K  ? D K  . ? A K  103 ? 1_555  O6  ? A DG  18 ? A DG  18  ? 1_555 79.2  ? 
80  O6  ? A DG  5  ? A DG  5   ? 1_555 K  ? D K  . ? A K  103 ? 1_555  O6  ? A DG  23 ? A DG  23  ? 1_555 68.4  ? 
81  O6  ? A DG  6  ? A DG  6   ? 1_555 K  ? D K  . ? A K  103 ? 1_555  O6  ? A DG  23 ? A DG  23  ? 1_555 133.7 ? 
82  O6  ? A DG  10 ? A DG  10  ? 1_555 K  ? D K  . ? A K  103 ? 1_555  O6  ? A DG  23 ? A DG  23  ? 1_555 107.0 ? 
83  O6  ? A DG  11 ? A DG  11  ? 1_555 K  ? D K  . ? A K  103 ? 1_555  O6  ? A DG  23 ? A DG  23  ? 1_555 154.6 ? 
84  O6  ? A DG  17 ? A DG  17  ? 1_555 K  ? D K  . ? A K  103 ? 1_555  O6  ? A DG  23 ? A DG  23  ? 1_555 92.1  ? 
85  O6  ? A DG  18 ? A DG  18  ? 1_555 K  ? D K  . ? A K  103 ? 1_555  O6  ? A DG  23 ? A DG  23  ? 1_555 69.5  ? 
86  O6  ? A DG  5  ? A DG  5   ? 1_555 K  ? D K  . ? A K  103 ? 1_555  O6  ? A DG  24 ? A DG  24  ? 1_555 92.5  ? 
87  O6  ? A DG  6  ? A DG  6   ? 1_555 K  ? D K  . ? A K  103 ? 1_555  O6  ? A DG  24 ? A DG  24  ? 1_555 69.2  ? 
88  O6  ? A DG  10 ? A DG  10  ? 1_555 K  ? D K  . ? A K  103 ? 1_555  O6  ? A DG  24 ? A DG  24  ? 1_555 154.3 ? 
89  O6  ? A DG  11 ? A DG  11  ? 1_555 K  ? D K  . ? A K  103 ? 1_555  O6  ? A DG  24 ? A DG  24  ? 1_555 107.5 ? 
90  O6  ? A DG  17 ? A DG  17  ? 1_555 K  ? D K  . ? A K  103 ? 1_555  O6  ? A DG  24 ? A DG  24  ? 1_555 66.7  ? 
91  O6  ? A DG  18 ? A DG  18  ? 1_555 K  ? D K  . ? A K  103 ? 1_555  O6  ? A DG  24 ? A DG  24  ? 1_555 133.3 ? 
92  O6  ? A DG  23 ? A DG  23  ? 1_555 K  ? D K  . ? A K  103 ? 1_555  O6  ? A DG  24 ? A DG  24  ? 1_555 80.4  ? 
93  O6  ? A DG  6  ? A DG  6   ? 1_555 K  ? E K  . ? A K  104 ? 1_555  O6  ? A DG  7  ? A DG  7   ? 1_555 73.1  ? 
94  O6  ? A DG  6  ? A DG  6   ? 1_555 K  ? E K  . ? A K  104 ? 1_555  O6  ? A DG  11 ? A DG  11  ? 1_555 69.5  ? 
95  O6  ? A DG  7  ? A DG  7   ? 1_555 K  ? E K  . ? A K  104 ? 1_555  O6  ? A DG  11 ? A DG  11  ? 1_555 94.2  ? 
96  O6  ? A DG  6  ? A DG  6   ? 1_555 K  ? E K  . ? A K  104 ? 1_555  O6  ? A DG  12 ? A DG  12  ? 1_555 126.2 ? 
97  O6  ? A DG  7  ? A DG  7   ? 1_555 K  ? E K  . ? A K  104 ? 1_555  O6  ? A DG  12 ? A DG  12  ? 1_555 78.1  ? 
98  O6  ? A DG  11 ? A DG  11  ? 1_555 K  ? E K  . ? A K  104 ? 1_555  O6  ? A DG  12 ? A DG  12  ? 1_555 68.4  ? 
99  O6  ? A DG  6  ? A DG  6   ? 1_555 K  ? E K  . ? A K  104 ? 1_555  O6  ? A DG  16 ? A DG  16  ? 1_555 159.1 ? 
100 O6  ? A DG  7  ? A DG  7   ? 1_555 K  ? E K  . ? A K  104 ? 1_555  O6  ? A DG  16 ? A DG  16  ? 1_555 115.0 ? 
101 O6  ? A DG  11 ? A DG  11  ? 1_555 K  ? E K  . ? A K  104 ? 1_555  O6  ? A DG  16 ? A DG  16  ? 1_555 126.4 ? 
102 O6  ? A DG  12 ? A DG  12  ? 1_555 K  ? E K  . ? A K  104 ? 1_555  O6  ? A DG  16 ? A DG  16  ? 1_555 74.7  ? 
103 O6  ? A DG  6  ? A DG  6   ? 1_555 K  ? E K  . ? A K  104 ? 1_555  O6  ? A DG  17 ? A DG  17  ? 1_555 102.8 ? 
104 O6  ? A DG  7  ? A DG  7   ? 1_555 K  ? E K  . ? A K  104 ? 1_555  O6  ? A DG  17 ? A DG  17  ? 1_555 164.4 ? 
105 O6  ? A DG  11 ? A DG  11  ? 1_555 K  ? E K  . ? A K  104 ? 1_555  O6  ? A DG  17 ? A DG  17  ? 1_555 70.4  ? 
106 O6  ? A DG  12 ? A DG  12  ? 1_555 K  ? E K  . ? A K  104 ? 1_555  O6  ? A DG  17 ? A DG  17  ? 1_555 93.1  ? 
107 O6  ? A DG  16 ? A DG  16  ? 1_555 K  ? E K  . ? A K  104 ? 1_555  O6  ? A DG  17 ? A DG  17  ? 1_555 74.3  ? 
108 O6  ? A DG  6  ? A DG  6   ? 1_555 K  ? E K  . ? A K  104 ? 1_555  O6  ? A DG  24 ? A DG  24  ? 1_555 64.2  ? 
109 O6  ? A DG  7  ? A DG  7   ? 1_555 K  ? E K  . ? A K  104 ? 1_555  O6  ? A DG  24 ? A DG  24  ? 1_555 125.1 ? 
110 O6  ? A DG  11 ? A DG  11  ? 1_555 K  ? E K  . ? A K  104 ? 1_555  O6  ? A DG  24 ? A DG  24  ? 1_555 101.1 ? 
111 O6  ? A DG  12 ? A DG  12  ? 1_555 K  ? E K  . ? A K  104 ? 1_555  O6  ? A DG  24 ? A DG  24  ? 1_555 156.0 ? 
112 O6  ? A DG  16 ? A DG  16  ? 1_555 K  ? E K  . ? A K  104 ? 1_555  O6  ? A DG  24 ? A DG  24  ? 1_555 97.1  ? 
113 O6  ? A DG  17 ? A DG  17  ? 1_555 K  ? E K  . ? A K  104 ? 1_555  O6  ? A DG  24 ? A DG  24  ? 1_555 62.9  ? 
114 O6  ? A DG  6  ? A DG  6   ? 1_555 K  ? E K  . ? A K  104 ? 1_555  O6  ? A DG  25 ? A DG  25  ? 1_555 87.9  ? 
115 O6  ? A DG  7  ? A DG  7   ? 1_555 K  ? E K  . ? A K  104 ? 1_555  O6  ? A DG  25 ? A DG  25  ? 1_555 72.8  ? 
116 O6  ? A DG  11 ? A DG  11  ? 1_555 K  ? E K  . ? A K  104 ? 1_555  O6  ? A DG  25 ? A DG  25  ? 1_555 156.6 ? 
117 O6  ? A DG  12 ? A DG  12  ? 1_555 K  ? E K  . ? A K  104 ? 1_555  O6  ? A DG  25 ? A DG  25  ? 1_555 125.2 ? 
118 O6  ? A DG  16 ? A DG  16  ? 1_555 K  ? E K  . ? A K  104 ? 1_555  O6  ? A DG  25 ? A DG  25  ? 1_555 77.0  ? 
119 O6  ? A DG  17 ? A DG  17  ? 1_555 K  ? E K  . ? A K  104 ? 1_555  O6  ? A DG  25 ? A DG  25  ? 1_555 122.6 ? 
120 O6  ? A DG  24 ? A DG  24  ? 1_555 K  ? E K  . ? A K  104 ? 1_555  O6  ? A DG  25 ? A DG  25  ? 1_555 72.9  ? 
121 OP2 ? A DG  12 ? A DG  12  ? 1_555 CA ? G CA . ? A CA 106 ? 12_545 O6  ? A DG  13 ? A DG  13  ? 1_555 80.7  ? 
122 OP2 ? A DG  12 ? A DG  12  ? 1_555 CA ? G CA . ? A CA 106 ? 12_545 OP2 ? A DT  20 ? A DT  20  ? 1_555 45.8  ? 
123 O6  ? A DG  13 ? A DG  13  ? 1_555 CA ? G CA . ? A CA 106 ? 12_545 OP2 ? A DT  20 ? A DT  20  ? 1_555 93.2  ? 
124 OP2 ? A DG  12 ? A DG  12  ? 1_555 CA ? G CA . ? A CA 106 ? 12_545 O   ? T HOH .  ? A HOH 224 ? 1_555 35.8  ? 
125 O6  ? A DG  13 ? A DG  13  ? 1_555 CA ? G CA . ? A CA 106 ? 12_545 O   ? T HOH .  ? A HOH 224 ? 1_555 98.5  ? 
126 OP2 ? A DT  20 ? A DT  20  ? 1_555 CA ? G CA . ? A CA 106 ? 12_545 O   ? T HOH .  ? A HOH 224 ? 1_555 14.0  ? 
127 OP2 ? A DG  12 ? A DG  12  ? 1_555 CA ? G CA . ? A CA 106 ? 12_545 O   ? T HOH .  ? A HOH 225 ? 1_555 51.9  ? 
128 O6  ? A DG  13 ? A DG  13  ? 1_555 CA ? G CA . ? A CA 106 ? 12_545 O   ? T HOH .  ? A HOH 225 ? 1_555 103.6 ? 
129 OP2 ? A DT  20 ? A DT  20  ? 1_555 CA ? G CA . ? A CA 106 ? 12_545 O   ? T HOH .  ? A HOH 225 ? 1_555 10.7  ? 
130 O   ? T HOH .  ? A HOH 224 ? 1_555 CA ? G CA . ? A CA 106 ? 12_545 O   ? T HOH .  ? A HOH 225 ? 1_555 16.2  ? 
# 
_pdbx_entry_details.entry_id                   9C73 
_pdbx_entry_details.nonpolymer_details         ? 
_pdbx_entry_details.sequence_details           ? 
_pdbx_entry_details.compound_details           ? 
_pdbx_entry_details.source_details             ? 
_pdbx_entry_details.has_ligand_of_interest     Y 
_pdbx_entry_details.has_protein_modification   N 
# 
loop_
_pdbx_validate_close_contact.id 
_pdbx_validate_close_contact.PDB_model_num 
_pdbx_validate_close_contact.auth_atom_id_1 
_pdbx_validate_close_contact.auth_asym_id_1 
_pdbx_validate_close_contact.auth_comp_id_1 
_pdbx_validate_close_contact.auth_seq_id_1 
_pdbx_validate_close_contact.PDB_ins_code_1 
_pdbx_validate_close_contact.label_alt_id_1 
_pdbx_validate_close_contact.auth_atom_id_2 
_pdbx_validate_close_contact.auth_asym_id_2 
_pdbx_validate_close_contact.auth_comp_id_2 
_pdbx_validate_close_contact.auth_seq_id_2 
_pdbx_validate_close_contact.PDB_ins_code_2 
_pdbx_validate_close_contact.label_alt_id_2 
_pdbx_validate_close_contact.dist 
1 1 O1  A PEG 109 ? ? O A HOH 201 ? ? 2.10 
2 1 OP2 A DG  25  ? ? O A HOH 202 ? ? 2.12 
# 
loop_
_pdbx_validate_rmsd_angle.id 
_pdbx_validate_rmsd_angle.PDB_model_num 
_pdbx_validate_rmsd_angle.auth_atom_id_1 
_pdbx_validate_rmsd_angle.auth_asym_id_1 
_pdbx_validate_rmsd_angle.auth_comp_id_1 
_pdbx_validate_rmsd_angle.auth_seq_id_1 
_pdbx_validate_rmsd_angle.PDB_ins_code_1 
_pdbx_validate_rmsd_angle.label_alt_id_1 
_pdbx_validate_rmsd_angle.auth_atom_id_2 
_pdbx_validate_rmsd_angle.auth_asym_id_2 
_pdbx_validate_rmsd_angle.auth_comp_id_2 
_pdbx_validate_rmsd_angle.auth_seq_id_2 
_pdbx_validate_rmsd_angle.PDB_ins_code_2 
_pdbx_validate_rmsd_angle.label_alt_id_2 
_pdbx_validate_rmsd_angle.auth_atom_id_3 
_pdbx_validate_rmsd_angle.auth_asym_id_3 
_pdbx_validate_rmsd_angle.auth_comp_id_3 
_pdbx_validate_rmsd_angle.auth_seq_id_3 
_pdbx_validate_rmsd_angle.PDB_ins_code_3 
_pdbx_validate_rmsd_angle.label_alt_id_3 
_pdbx_validate_rmsd_angle.angle_value 
_pdbx_validate_rmsd_angle.angle_target_value 
_pdbx_validate_rmsd_angle.angle_deviation 
_pdbx_validate_rmsd_angle.angle_standard_deviation 
_pdbx_validate_rmsd_angle.linker_flag 
1 1 "C1'" A DG 17 ? ? "O4'" A DG 17 ? ? "C4'" A DG 17 ? ? 103.57 110.10 -6.53 1.00 N 
2 1 "O4'" A DG 17 ? ? "C1'" A DG 17 ? ? N9    A DG 17 ? ? 113.38 108.30 5.08  0.30 N 
# 
_pdbx_struct_special_symmetry.id              1 
_pdbx_struct_special_symmetry.PDB_model_num   1 
_pdbx_struct_special_symmetry.auth_asym_id    A 
_pdbx_struct_special_symmetry.auth_comp_id    HOH 
_pdbx_struct_special_symmetry.auth_seq_id     210 
_pdbx_struct_special_symmetry.PDB_ins_code    ? 
_pdbx_struct_special_symmetry.label_asym_id   T 
_pdbx_struct_special_symmetry.label_comp_id   HOH 
_pdbx_struct_special_symmetry.label_seq_id    . 
# 
_pdbx_refine_tls.id               1 
_pdbx_refine_tls.pdbx_refine_id   'X-RAY DIFFRACTION' 
_pdbx_refine_tls.details          ? 
_pdbx_refine_tls.method           refined 
_pdbx_refine_tls.origin_x         -0.04453431487 
_pdbx_refine_tls.origin_y         0.020894008 
_pdbx_refine_tls.origin_z         -0.06220305850 
_pdbx_refine_tls.T[1][1]          0.318128198068 
_pdbx_refine_tls.T[1][1]_esd      ? 
_pdbx_refine_tls.T[1][2]          0.077056911457 
_pdbx_refine_tls.T[1][2]_esd      ? 
_pdbx_refine_tls.T[1][3]          -0.001339692422 
_pdbx_refine_tls.T[1][3]_esd      ? 
_pdbx_refine_tls.T[2][2]          0.21620663212 
_pdbx_refine_tls.T[2][2]_esd      ? 
_pdbx_refine_tls.T[2][3]          0.017656049290 
_pdbx_refine_tls.T[2][3]_esd      ? 
_pdbx_refine_tls.T[3][3]          0.202101540906 
_pdbx_refine_tls.T[3][3]_esd      ? 
_pdbx_refine_tls.L[1][1]          3.97828819222 
_pdbx_refine_tls.L[1][1]_esd      ? 
_pdbx_refine_tls.L[1][2]          -0.495744958053 
_pdbx_refine_tls.L[1][2]_esd      ? 
_pdbx_refine_tls.L[1][3]          0.368166854294 
_pdbx_refine_tls.L[1][3]_esd      ? 
_pdbx_refine_tls.L[2][2]          4.51418189974 
_pdbx_refine_tls.L[2][2]_esd      ? 
_pdbx_refine_tls.L[2][3]          -0.722033708671 
_pdbx_refine_tls.L[2][3]_esd      ? 
_pdbx_refine_tls.L[3][3]          5.32531275081 
_pdbx_refine_tls.L[3][3]_esd      ? 
_pdbx_refine_tls.S[1][1]          0.096378258955 
_pdbx_refine_tls.S[1][1]_esd      ? 
_pdbx_refine_tls.S[1][2]          0.413558180556 
_pdbx_refine_tls.S[1][2]_esd      ? 
_pdbx_refine_tls.S[1][3]          0.026881314586 
_pdbx_refine_tls.S[1][3]_esd      ? 
_pdbx_refine_tls.S[2][1]          -0.662877568571 
_pdbx_refine_tls.S[2][1]_esd      ? 
_pdbx_refine_tls.S[2][2]          -0.260376747997 
_pdbx_refine_tls.S[2][2]_esd      ? 
_pdbx_refine_tls.S[2][3]          -0.152680113635 
_pdbx_refine_tls.S[2][3]_esd      ? 
_pdbx_refine_tls.S[3][1]          -0.052160652342 
_pdbx_refine_tls.S[3][1]_esd      ? 
_pdbx_refine_tls.S[3][2]          0.364873078897 
_pdbx_refine_tls.S[3][2]_esd      ? 
_pdbx_refine_tls.S[3][3]          0.059351518520 
_pdbx_refine_tls.S[3][3]_esd      ? 
# 
_pdbx_refine_tls_group.id                  1 
_pdbx_refine_tls_group.pdbx_refine_id      'X-RAY DIFFRACTION' 
_pdbx_refine_tls_group.refine_tls_id       1 
_pdbx_refine_tls_group.beg_label_asym_id   A 
_pdbx_refine_tls_group.beg_label_seq_id    ? 
_pdbx_refine_tls_group.beg_auth_asym_id    A 
_pdbx_refine_tls_group.beg_auth_seq_id     1 
_pdbx_refine_tls_group.beg_PDB_ins_code    ? 
_pdbx_refine_tls_group.end_label_asym_id   T 
_pdbx_refine_tls_group.end_label_seq_id    ? 
_pdbx_refine_tls_group.end_auth_asym_id    F 
_pdbx_refine_tls_group.end_auth_seq_id     33 
_pdbx_refine_tls_group.end_PDB_ins_code    ? 
_pdbx_refine_tls_group.selection           ? 
_pdbx_refine_tls_group.selection_details   all 
# 
loop_
_chem_comp_atom.comp_id 
_chem_comp_atom.atom_id 
_chem_comp_atom.type_symbol 
_chem_comp_atom.pdbx_aromatic_flag 
_chem_comp_atom.pdbx_stereo_config 
_chem_comp_atom.pdbx_ordinal 
A1AVT C10    C  N N 1   
A1AVT C13    C  Y N 2   
A1AVT C15    C  Y N 3   
A1AVT C17    C  Y N 4   
A1AVT C20    C  Y N 5   
A1AVT C21    C  Y N 6   
A1AVT C22    C  Y N 7   
A1AVT C26    C  Y N 8   
A1AVT C28    C  Y N 9   
A1AVT C02    C  N N 10  
A1AVT C03    C  Y N 11  
A1AVT C04    C  Y N 12  
A1AVT C05    C  N N 13  
A1AVT C06    C  N N 14  
A1AVT C07    C  N N 15  
A1AVT C08    C  N N 16  
A1AVT C09    C  N N 17  
A1AVT C12    C  Y N 18  
A1AVT C16    C  Y N 19  
A1AVT C18    C  Y N 20  
A1AVT C19    C  Y N 21  
A1AVT C23    C  Y N 22  
A1AVT C25    C  Y N 23  
A1AVT C27    C  Y N 24  
A1AVT C29    C  Y N 25  
A1AVT C30    C  Y N 26  
A1AVT C31    C  Y N 27  
A1AVT N11    N  N N 28  
A1AVT N14    N  Y N 29  
A1AVT N24    N  Y N 30  
A1AVT O01    O  N N 31  
A1AVT H1     H  N N 32  
A1AVT H2     H  N N 33  
A1AVT H3     H  N N 34  
A1AVT H4     H  N N 35  
A1AVT H5     H  N N 36  
A1AVT H6     H  N N 37  
A1AVT H7     H  N N 38  
A1AVT H8     H  N N 39  
A1AVT H10    H  N N 40  
A1AVT H11    H  N N 41  
A1AVT H12    H  N N 42  
A1AVT H13    H  N N 43  
A1AVT H14    H  N N 44  
A1AVT H15    H  N N 45  
A1AVT H16    H  N N 46  
A1AVT H17    H  N N 47  
A1AVT H18    H  N N 48  
CA    CA     CA N N 49  
DG    OP3    O  N N 50  
DG    P      P  N N 51  
DG    OP1    O  N N 52  
DG    OP2    O  N N 53  
DG    "O5'"  O  N N 54  
DG    "C5'"  C  N N 55  
DG    "C4'"  C  N R 56  
DG    "O4'"  O  N N 57  
DG    "C3'"  C  N S 58  
DG    "O3'"  O  N N 59  
DG    "C2'"  C  N N 60  
DG    "C1'"  C  N R 61  
DG    N9     N  Y N 62  
DG    C8     C  Y N 63  
DG    N7     N  Y N 64  
DG    C5     C  Y N 65  
DG    C6     C  N N 66  
DG    O6     O  N N 67  
DG    N1     N  N N 68  
DG    C2     C  N N 69  
DG    N2     N  N N 70  
DG    N3     N  N N 71  
DG    C4     C  Y N 72  
DG    HOP3   H  N N 73  
DG    HOP2   H  N N 74  
DG    "H5'"  H  N N 75  
DG    "H5''" H  N N 76  
DG    "H4'"  H  N N 77  
DG    "H3'"  H  N N 78  
DG    "HO3'" H  N N 79  
DG    "H2'"  H  N N 80  
DG    "H2''" H  N N 81  
DG    "H1'"  H  N N 82  
DG    H8     H  N N 83  
DG    H1     H  N N 84  
DG    H21    H  N N 85  
DG    H22    H  N N 86  
DT    OP3    O  N N 87  
DT    P      P  N N 88  
DT    OP1    O  N N 89  
DT    OP2    O  N N 90  
DT    "O5'"  O  N N 91  
DT    "C5'"  C  N N 92  
DT    "C4'"  C  N R 93  
DT    "O4'"  O  N N 94  
DT    "C3'"  C  N S 95  
DT    "O3'"  O  N N 96  
DT    "C2'"  C  N N 97  
DT    "C1'"  C  N R 98  
DT    N1     N  N N 99  
DT    C2     C  N N 100 
DT    O2     O  N N 101 
DT    N3     N  N N 102 
DT    C4     C  N N 103 
DT    O4     O  N N 104 
DT    C5     C  N N 105 
DT    C7     C  N N 106 
DT    C6     C  N N 107 
DT    HOP3   H  N N 108 
DT    HOP2   H  N N 109 
DT    "H5'"  H  N N 110 
DT    "H5''" H  N N 111 
DT    "H4'"  H  N N 112 
DT    "H3'"  H  N N 113 
DT    "HO3'" H  N N 114 
DT    "H2'"  H  N N 115 
DT    "H2''" H  N N 116 
DT    "H1'"  H  N N 117 
DT    H3     H  N N 118 
DT    H71    H  N N 119 
DT    H72    H  N N 120 
DT    H73    H  N N 121 
DT    H6     H  N N 122 
EPE   N1     N  N N 123 
EPE   C2     C  N N 124 
EPE   C3     C  N N 125 
EPE   N4     N  N N 126 
EPE   C5     C  N N 127 
EPE   C6     C  N N 128 
EPE   C7     C  N N 129 
EPE   C8     C  N N 130 
EPE   O8     O  N N 131 
EPE   C9     C  N N 132 
EPE   C10    C  N N 133 
EPE   S      S  N N 134 
EPE   O1S    O  N N 135 
EPE   O2S    O  N N 136 
EPE   O3S    O  N N 137 
EPE   H21    H  N N 138 
EPE   H22    H  N N 139 
EPE   H31    H  N N 140 
EPE   H32    H  N N 141 
EPE   H51    H  N N 142 
EPE   H52    H  N N 143 
EPE   H61    H  N N 144 
EPE   H62    H  N N 145 
EPE   H71    H  N N 146 
EPE   H72    H  N N 147 
EPE   H81    H  N N 148 
EPE   H82    H  N N 149 
EPE   HO8    H  N N 150 
EPE   H91    H  N N 151 
EPE   H92    H  N N 152 
EPE   H101   H  N N 153 
EPE   H102   H  N N 154 
EPE   HOS3   H  N N 155 
HOH   O      O  N N 156 
HOH   H1     H  N N 157 
HOH   H2     H  N N 158 
K     K      K  N N 159 
PEG   C1     C  N N 160 
PEG   O1     O  N N 161 
PEG   C2     C  N N 162 
PEG   O2     O  N N 163 
PEG   C3     C  N N 164 
PEG   C4     C  N N 165 
PEG   O4     O  N N 166 
PEG   H11    H  N N 167 
PEG   H12    H  N N 168 
PEG   HO1    H  N N 169 
PEG   H21    H  N N 170 
PEG   H22    H  N N 171 
PEG   H31    H  N N 172 
PEG   H32    H  N N 173 
PEG   H41    H  N N 174 
PEG   H42    H  N N 175 
PEG   HO4    H  N N 176 
PG4   O1     O  N N 177 
PG4   C1     C  N N 178 
PG4   C2     C  N N 179 
PG4   O2     O  N N 180 
PG4   C3     C  N N 181 
PG4   C4     C  N N 182 
PG4   O3     O  N N 183 
PG4   C5     C  N N 184 
PG4   C6     C  N N 185 
PG4   O4     O  N N 186 
PG4   C7     C  N N 187 
PG4   C8     C  N N 188 
PG4   O5     O  N N 189 
PG4   HO1    H  N N 190 
PG4   H11    H  N N 191 
PG4   H12    H  N N 192 
PG4   H21    H  N N 193 
PG4   H22    H  N N 194 
PG4   H31    H  N N 195 
PG4   H32    H  N N 196 
PG4   H41    H  N N 197 
PG4   H42    H  N N 198 
PG4   H51    H  N N 199 
PG4   H52    H  N N 200 
PG4   H61    H  N N 201 
PG4   H62    H  N N 202 
PG4   H71    H  N N 203 
PG4   H72    H  N N 204 
PG4   H81    H  N N 205 
PG4   H82    H  N N 206 
PG4   HO5    H  N N 207 
# 
loop_
_chem_comp_bond.comp_id 
_chem_comp_bond.atom_id_1 
_chem_comp_bond.atom_id_2 
_chem_comp_bond.value_order 
_chem_comp_bond.pdbx_aromatic_flag 
_chem_comp_bond.pdbx_stereo_config 
_chem_comp_bond.pdbx_ordinal 
A1AVT C17   C18    doub Y N 1   
A1AVT C17   C16    sing Y N 2   
A1AVT C18   C19    sing Y N 3   
A1AVT C26   C25    doub Y N 4   
A1AVT C26   C27    sing Y N 5   
A1AVT C25   N24    sing Y N 6   
A1AVT C16   C15    doub Y N 7   
A1AVT C19   C20    doub Y N 8   
A1AVT C19   N14    sing Y N 9   
A1AVT C20   C21    sing Y N 10  
A1AVT C23   N24    doub Y N 11  
A1AVT C23   C22    sing Y N 12  
A1AVT N24   C29    sing Y N 13  
A1AVT C27   C28    doub Y N 14  
A1AVT C15   N14    sing Y N 15  
A1AVT N14   C13    doub Y N 16  
A1AVT C21   C22    doub Y N 17  
A1AVT C21   C12    sing Y N 18  
A1AVT C22   C31    sing Y N 19  
A1AVT C29   C28    sing Y N 20  
A1AVT C29   C30    doub Y N 21  
A1AVT C13   C12    sing Y N 22  
A1AVT C12   C04    doub Y N 23  
A1AVT C30   C31    sing Y N 24  
A1AVT C31   C03    doub Y N 25  
A1AVT C04   C03    sing Y N 26  
A1AVT C04   C05    sing N N 27  
A1AVT C03   C02    sing N N 28  
A1AVT C05   C06    doub N N 29  
A1AVT C02   O01    doub N N 30  
A1AVT C02   N11    sing N N 31  
A1AVT C06   N11    sing N N 32  
A1AVT C06   C07    sing N N 33  
A1AVT N11   C10    sing N N 34  
A1AVT C07   C08    doub N N 35  
A1AVT C10   C09    doub N N 36  
A1AVT C08   C09    sing N N 37  
A1AVT C10   H1     sing N N 38  
A1AVT C13   H2     sing N N 39  
A1AVT C15   H3     sing N N 40  
A1AVT C17   H4     sing N N 41  
A1AVT C20   H5     sing N N 42  
A1AVT C26   H6     sing N N 43  
A1AVT C28   H7     sing N N 44  
A1AVT C05   H8     sing N N 45  
A1AVT C07   H10    sing N N 46  
A1AVT C08   H11    sing N N 47  
A1AVT C09   H12    sing N N 48  
A1AVT C16   H13    sing N N 49  
A1AVT C18   H14    sing N N 50  
A1AVT C23   H15    sing N N 51  
A1AVT C25   H16    sing N N 52  
A1AVT C27   H17    sing N N 53  
A1AVT C30   H18    sing N N 54  
DG    OP3   P      sing N N 55  
DG    OP3   HOP3   sing N N 56  
DG    P     OP1    doub N N 57  
DG    P     OP2    sing N N 58  
DG    P     "O5'"  sing N N 59  
DG    OP2   HOP2   sing N N 60  
DG    "O5'" "C5'"  sing N N 61  
DG    "C5'" "C4'"  sing N N 62  
DG    "C5'" "H5'"  sing N N 63  
DG    "C5'" "H5''" sing N N 64  
DG    "C4'" "O4'"  sing N N 65  
DG    "C4'" "C3'"  sing N N 66  
DG    "C4'" "H4'"  sing N N 67  
DG    "O4'" "C1'"  sing N N 68  
DG    "C3'" "O3'"  sing N N 69  
DG    "C3'" "C2'"  sing N N 70  
DG    "C3'" "H3'"  sing N N 71  
DG    "O3'" "HO3'" sing N N 72  
DG    "C2'" "C1'"  sing N N 73  
DG    "C2'" "H2'"  sing N N 74  
DG    "C2'" "H2''" sing N N 75  
DG    "C1'" N9     sing N N 76  
DG    "C1'" "H1'"  sing N N 77  
DG    N9    C8     sing Y N 78  
DG    N9    C4     sing Y N 79  
DG    C8    N7     doub Y N 80  
DG    C8    H8     sing N N 81  
DG    N7    C5     sing Y N 82  
DG    C5    C6     sing N N 83  
DG    C5    C4     doub Y N 84  
DG    C6    O6     doub N N 85  
DG    C6    N1     sing N N 86  
DG    N1    C2     sing N N 87  
DG    N1    H1     sing N N 88  
DG    C2    N2     sing N N 89  
DG    C2    N3     doub N N 90  
DG    N2    H21    sing N N 91  
DG    N2    H22    sing N N 92  
DG    N3    C4     sing N N 93  
DT    OP3   P      sing N N 94  
DT    OP3   HOP3   sing N N 95  
DT    P     OP1    doub N N 96  
DT    P     OP2    sing N N 97  
DT    P     "O5'"  sing N N 98  
DT    OP2   HOP2   sing N N 99  
DT    "O5'" "C5'"  sing N N 100 
DT    "C5'" "C4'"  sing N N 101 
DT    "C5'" "H5'"  sing N N 102 
DT    "C5'" "H5''" sing N N 103 
DT    "C4'" "O4'"  sing N N 104 
DT    "C4'" "C3'"  sing N N 105 
DT    "C4'" "H4'"  sing N N 106 
DT    "O4'" "C1'"  sing N N 107 
DT    "C3'" "O3'"  sing N N 108 
DT    "C3'" "C2'"  sing N N 109 
DT    "C3'" "H3'"  sing N N 110 
DT    "O3'" "HO3'" sing N N 111 
DT    "C2'" "C1'"  sing N N 112 
DT    "C2'" "H2'"  sing N N 113 
DT    "C2'" "H2''" sing N N 114 
DT    "C1'" N1     sing N N 115 
DT    "C1'" "H1'"  sing N N 116 
DT    N1    C2     sing N N 117 
DT    N1    C6     sing N N 118 
DT    C2    O2     doub N N 119 
DT    C2    N3     sing N N 120 
DT    N3    C4     sing N N 121 
DT    N3    H3     sing N N 122 
DT    C4    O4     doub N N 123 
DT    C4    C5     sing N N 124 
DT    C5    C7     sing N N 125 
DT    C5    C6     doub N N 126 
DT    C7    H71    sing N N 127 
DT    C7    H72    sing N N 128 
DT    C7    H73    sing N N 129 
DT    C6    H6     sing N N 130 
EPE   N1    C2     sing N N 131 
EPE   N1    C6     sing N N 132 
EPE   N1    C9     sing N N 133 
EPE   C2    C3     sing N N 134 
EPE   C2    H21    sing N N 135 
EPE   C2    H22    sing N N 136 
EPE   C3    N4     sing N N 137 
EPE   C3    H31    sing N N 138 
EPE   C3    H32    sing N N 139 
EPE   N4    C5     sing N N 140 
EPE   N4    C7     sing N N 141 
EPE   C5    C6     sing N N 142 
EPE   C5    H51    sing N N 143 
EPE   C5    H52    sing N N 144 
EPE   C6    H61    sing N N 145 
EPE   C6    H62    sing N N 146 
EPE   C7    C8     sing N N 147 
EPE   C7    H71    sing N N 148 
EPE   C7    H72    sing N N 149 
EPE   C8    O8     sing N N 150 
EPE   C8    H81    sing N N 151 
EPE   C8    H82    sing N N 152 
EPE   O8    HO8    sing N N 153 
EPE   C9    C10    sing N N 154 
EPE   C9    H91    sing N N 155 
EPE   C9    H92    sing N N 156 
EPE   C10   S      sing N N 157 
EPE   C10   H101   sing N N 158 
EPE   C10   H102   sing N N 159 
EPE   S     O1S    doub N N 160 
EPE   S     O2S    doub N N 161 
EPE   S     O3S    sing N N 162 
EPE   O3S   HOS3   sing N N 163 
HOH   O     H1     sing N N 164 
HOH   O     H2     sing N N 165 
PEG   C1    O1     sing N N 166 
PEG   C1    C2     sing N N 167 
PEG   C1    H11    sing N N 168 
PEG   C1    H12    sing N N 169 
PEG   O1    HO1    sing N N 170 
PEG   C2    O2     sing N N 171 
PEG   C2    H21    sing N N 172 
PEG   C2    H22    sing N N 173 
PEG   O2    C3     sing N N 174 
PEG   C3    C4     sing N N 175 
PEG   C3    H31    sing N N 176 
PEG   C3    H32    sing N N 177 
PEG   C4    O4     sing N N 178 
PEG   C4    H41    sing N N 179 
PEG   C4    H42    sing N N 180 
PEG   O4    HO4    sing N N 181 
PG4   O1    C1     sing N N 182 
PG4   O1    HO1    sing N N 183 
PG4   C1    C2     sing N N 184 
PG4   C1    H11    sing N N 185 
PG4   C1    H12    sing N N 186 
PG4   C2    O2     sing N N 187 
PG4   C2    H21    sing N N 188 
PG4   C2    H22    sing N N 189 
PG4   O2    C3     sing N N 190 
PG4   C3    C4     sing N N 191 
PG4   C3    H31    sing N N 192 
PG4   C3    H32    sing N N 193 
PG4   C4    O3     sing N N 194 
PG4   C4    H41    sing N N 195 
PG4   C4    H42    sing N N 196 
PG4   O3    C5     sing N N 197 
PG4   C5    C6     sing N N 198 
PG4   C5    H51    sing N N 199 
PG4   C5    H52    sing N N 200 
PG4   C6    O4     sing N N 201 
PG4   C6    H61    sing N N 202 
PG4   C6    H62    sing N N 203 
PG4   O4    C7     sing N N 204 
PG4   C7    C8     sing N N 205 
PG4   C7    H71    sing N N 206 
PG4   C7    H72    sing N N 207 
PG4   C8    O5     sing N N 208 
PG4   C8    H81    sing N N 209 
PG4   C8    H82    sing N N 210 
PG4   O5    HO5    sing N N 211 
# 
loop_
_ndb_struct_conf_na.entry_id 
_ndb_struct_conf_na.feature 
9C73 'double helix'    
9C73 'quadruple helix' 
# 
loop_
_ndb_struct_na_base_pair.model_number 
_ndb_struct_na_base_pair.i_label_asym_id 
_ndb_struct_na_base_pair.i_label_comp_id 
_ndb_struct_na_base_pair.i_label_seq_id 
_ndb_struct_na_base_pair.i_symmetry 
_ndb_struct_na_base_pair.j_label_asym_id 
_ndb_struct_na_base_pair.j_label_comp_id 
_ndb_struct_na_base_pair.j_label_seq_id 
_ndb_struct_na_base_pair.j_symmetry 
_ndb_struct_na_base_pair.shear 
_ndb_struct_na_base_pair.stretch 
_ndb_struct_na_base_pair.stagger 
_ndb_struct_na_base_pair.buckle 
_ndb_struct_na_base_pair.propeller 
_ndb_struct_na_base_pair.opening 
_ndb_struct_na_base_pair.pair_number 
_ndb_struct_na_base_pair.pair_name 
_ndb_struct_na_base_pair.i_auth_asym_id 
_ndb_struct_na_base_pair.i_auth_seq_id 
_ndb_struct_na_base_pair.i_PDB_ins_code 
_ndb_struct_na_base_pair.j_auth_asym_id 
_ndb_struct_na_base_pair.j_auth_seq_id 
_ndb_struct_na_base_pair.j_PDB_ins_code 
_ndb_struct_na_base_pair.hbond_type_28 
_ndb_struct_na_base_pair.hbond_type_12 
1 A DG 4  1_555 A DG 22 1_555 1.660  3.261  0.193  -4.308 4.065  -90.992 1 A_DG4:DG22_A  A 4  ? A 22 ? 6 3 
1 A DG 5  1_555 A DG 23 1_555 -1.508 -3.522 -0.063 0.872  11.288 89.413  2 A_DG5:DG23_A  A 5  ? A 23 ? 6 3 
1 A DG 10 1_555 A DG 18 1_555 1.581  3.501  -0.170 0.911  1.592  -88.780 3 A_DG10:DG18_A A 10 ? A 18 ? 6 3 
1 A DG 24 1_555 A DG 17 1_555 -1.284 -3.548 -0.015 -5.870 5.565  90.137  4 A_DG24:DG17_A A 24 ? A 17 ? 6 3 
# 
loop_
_ndb_struct_na_base_pair_step.model_number 
_ndb_struct_na_base_pair_step.i_label_asym_id_1 
_ndb_struct_na_base_pair_step.i_label_comp_id_1 
_ndb_struct_na_base_pair_step.i_label_seq_id_1 
_ndb_struct_na_base_pair_step.i_symmetry_1 
_ndb_struct_na_base_pair_step.j_label_asym_id_1 
_ndb_struct_na_base_pair_step.j_label_comp_id_1 
_ndb_struct_na_base_pair_step.j_label_seq_id_1 
_ndb_struct_na_base_pair_step.j_symmetry_1 
_ndb_struct_na_base_pair_step.i_label_asym_id_2 
_ndb_struct_na_base_pair_step.i_label_comp_id_2 
_ndb_struct_na_base_pair_step.i_label_seq_id_2 
_ndb_struct_na_base_pair_step.i_symmetry_2 
_ndb_struct_na_base_pair_step.j_label_asym_id_2 
_ndb_struct_na_base_pair_step.j_label_comp_id_2 
_ndb_struct_na_base_pair_step.j_label_seq_id_2 
_ndb_struct_na_base_pair_step.j_symmetry_2 
_ndb_struct_na_base_pair_step.shift 
_ndb_struct_na_base_pair_step.slide 
_ndb_struct_na_base_pair_step.rise 
_ndb_struct_na_base_pair_step.tilt 
_ndb_struct_na_base_pair_step.roll 
_ndb_struct_na_base_pair_step.twist 
_ndb_struct_na_base_pair_step.x_displacement 
_ndb_struct_na_base_pair_step.y_displacement 
_ndb_struct_na_base_pair_step.helical_rise 
_ndb_struct_na_base_pair_step.inclination 
_ndb_struct_na_base_pair_step.tip 
_ndb_struct_na_base_pair_step.helical_twist 
_ndb_struct_na_base_pair_step.step_number 
_ndb_struct_na_base_pair_step.step_name 
_ndb_struct_na_base_pair_step.i_auth_asym_id_1 
_ndb_struct_na_base_pair_step.i_auth_seq_id_1 
_ndb_struct_na_base_pair_step.i_PDB_ins_code_1 
_ndb_struct_na_base_pair_step.j_auth_asym_id_1 
_ndb_struct_na_base_pair_step.j_auth_seq_id_1 
_ndb_struct_na_base_pair_step.j_PDB_ins_code_1 
_ndb_struct_na_base_pair_step.i_auth_asym_id_2 
_ndb_struct_na_base_pair_step.i_auth_seq_id_2 
_ndb_struct_na_base_pair_step.i_PDB_ins_code_2 
_ndb_struct_na_base_pair_step.j_auth_asym_id_2 
_ndb_struct_na_base_pair_step.j_auth_seq_id_2 
_ndb_struct_na_base_pair_step.j_PDB_ins_code_2 
1 A DG 4  1_555 A DG 22 1_555 A DG 5  1_555 A DG 23 1_555 -1.592 -3.584 0.048 83.247 -154.255 176.373 -1.791 0.796 0.124 -77.129 
-41.624 179.851 1 AA_DG4DG5:DG23DG22_AA   A 4  ? A 22 ? A 5  ? A 23 ? 
1 A DG 5  1_555 A DG 23 1_555 A DG 10 1_555 A DG 18 1_555 -1.522 -3.520 0.342 -1.822 0.059    179.840 -1.760 0.761 0.342 0.029   
0.911   179.840 2 AA_DG5DG10:DG18DG23_AA  A 5  ? A 23 ? A 10 ? A 18 ? 
1 A DG 10 1_555 A DG 18 1_555 A DG 24 1_555 A DG 17 1_555 -1.213 -3.303 3.296 1.580  0.492    120.799 -1.904 0.712 3.279 0.283   
-0.909  120.806 3 AA_DG10DG24:DG17DG18_AA A 10 ? A 18 ? A 24 ? A 17 ? 
# 
_pdbx_audit_support.funding_organization   'National Institutes of Health/National Cancer Institute (NIH/NCI)' 
_pdbx_audit_support.country                'United States' 
_pdbx_audit_support.grant_number           1R15CA253134 
_pdbx_audit_support.ordinal                1 
# 
_pdbx_initial_refinement_model.id               1 
_pdbx_initial_refinement_model.entity_id_list   ? 
_pdbx_initial_refinement_model.type             'experimental model' 
_pdbx_initial_refinement_model.source_name      PDB 
_pdbx_initial_refinement_model.accession_code   6XT7 
_pdbx_initial_refinement_model.details          'Same DNA without ligand' 
# 
_atom_sites.entry_id                    9C73 
_atom_sites.Cartn_transf_matrix[1][1]   ? 
_atom_sites.Cartn_transf_matrix[1][2]   ? 
_atom_sites.Cartn_transf_matrix[1][3]   ? 
_atom_sites.Cartn_transf_matrix[2][1]   ? 
_atom_sites.Cartn_transf_matrix[2][2]   ? 
_atom_sites.Cartn_transf_matrix[2][3]   ? 
_atom_sites.Cartn_transf_matrix[3][1]   ? 
_atom_sites.Cartn_transf_matrix[3][2]   ? 
_atom_sites.Cartn_transf_matrix[3][3]   ? 
_atom_sites.Cartn_transf_vector[1]      ? 
_atom_sites.Cartn_transf_vector[2]      ? 
_atom_sites.Cartn_transf_vector[3]      ? 
_atom_sites.Cartn_transform_axes        ? 
_atom_sites.fract_transf_matrix[1][1]   0.00183305 
_atom_sites.fract_transf_matrix[1][2]   0.01983781 
_atom_sites.fract_transf_matrix[1][3]   -0.00672949 
_atom_sites.fract_transf_matrix[2][1]   0.01579809 
_atom_sites.fract_transf_matrix[2][2]   0.00533970 
_atom_sites.fract_transf_matrix[2][3]   -0.01280956 
_atom_sites.fract_transf_matrix[3][1]   -0.00577270 
_atom_sites.fract_transf_matrix[3][2]   -0.00219162 
_atom_sites.fract_transf_matrix[3][3]   -0.00803307 
_atom_sites.fract_transf_vector[1]      -0.256763 
_atom_sites.fract_transf_vector[2]      -0.468827 
_atom_sites.fract_transf_vector[3]      -0.036391 
_atom_sites.solution_primary            ? 
_atom_sites.solution_secondary          ? 
_atom_sites.solution_hydrogens          ? 
_atom_sites.special_details             ? 
# 
loop_
_atom_type.symbol 
C  
CA 
K  
N  
O  
P  
S  
# 
loop_
_atom_site.group_PDB 
_atom_site.id 
_atom_site.type_symbol 
_atom_site.label_atom_id 
_atom_site.label_alt_id 
_atom_site.label_comp_id 
_atom_site.label_asym_id 
_atom_site.label_entity_id 
_atom_site.label_seq_id 
_atom_site.pdbx_PDB_ins_code 
_atom_site.Cartn_x 
_atom_site.Cartn_y 
_atom_site.Cartn_z 
_atom_site.occupancy 
_atom_site.B_iso_or_equiv 
_atom_site.pdbx_formal_charge 
_atom_site.auth_seq_id 
_atom_site.auth_comp_id 
_atom_site.auth_asym_id 
_atom_site.auth_atom_id 
_atom_site.pdbx_PDB_model_num 
ATOM   1   O  "O5'" . DG    A 1 1  ? 7.21440   -7.13210  10.08911  1.000 42.12055  ?  1   DG    A "O5'" 1 
ATOM   2   C  "C5'" . DG    A 1 1  ? 6.66953   -6.12248  10.90094  1.000 38.68140  ?  1   DG    A "C5'" 1 
ATOM   3   C  "C4'" . DG    A 1 1  ? 7.51241   -5.91472  12.14131  1.000 39.70219  ?  1   DG    A "C4'" 1 
ATOM   4   O  "O4'" . DG    A 1 1  ? 6.81246   -4.98667  13.02321  1.000 39.83940  ?  1   DG    A "O4'" 1 
ATOM   5   C  "C3'" . DG    A 1 1  ? 7.76040   -7.14474  12.97314  1.000 39.82154  ?  1   DG    A "C3'" 1 
ATOM   6   O  "O3'" . DG    A 1 1  ? 8.99256   -6.99229  13.68874  1.000 38.95675  ?  1   DG    A "O3'" 1 
ATOM   7   C  "C2'" . DG    A 1 1  ? 6.55286   -7.13845  13.92575  1.000 36.53971  ?  1   DG    A "C2'" 1 
ATOM   8   C  "C1'" . DG    A 1 1  ? 6.35457   -5.65578  14.17849  1.000 41.00812  ?  1   DG    A "C1'" 1 
ATOM   9   N  N9    . DG    A 1 1  ? 4.95823   -5.22923  14.37841  1.000 35.02280  ?  1   DG    A N9    1 
ATOM   10  C  C8    . DG    A 1 1  ? 4.55190   -4.11244  15.07326  1.000 37.26062  ?  1   DG    A C8    1 
ATOM   11  N  N7    . DG    A 1 1  ? 3.26072   -3.93261  15.06300  1.000 33.56273  ?  1   DG    A N7    1 
ATOM   12  C  C5    . DG    A 1 1  ? 2.76672   -4.97416  14.28461  1.000 32.02098  ?  1   DG    A C5    1 
ATOM   13  C  C6    . DG    A 1 1  ? 1.44463   -5.28790  13.91628  1.000 34.10672  ?  1   DG    A C6    1 
ATOM   14  O  O6    . DG    A 1 1  ? 0.40147   -4.68177  14.20745  1.000 29.98509  ?  1   DG    A O6    1 
ATOM   15  N  N1    . DG    A 1 1  ? 1.37773   -6.41269  13.10786  1.000 29.80936  ?  1   DG    A N1    1 
ATOM   16  C  C2    . DG    A 1 1  ? 2.46235   -7.15383  12.70875  1.000 34.51074  ?  1   DG    A C2    1 
ATOM   17  N  N2    . DG    A 1 1  ? 2.19972   -8.22593  11.94642  1.000 34.16950  ?  1   DG    A N2    1 
ATOM   18  N  N3    . DG    A 1 1  ? 3.70421   -6.88583  13.06117  1.000 33.34843  ?  1   DG    A N3    1 
ATOM   19  C  C4    . DG    A 1 1  ? 3.80122   -5.77739  13.83328  1.000 35.58689  ?  1   DG    A C4    1 
ATOM   20  P  P     . DT    A 1 2  ? 10.27682  -7.86973  13.31214  1.000 35.04354  ?  2   DT    A P     1 
ATOM   21  O  OP1   . DT    A 1 2  ? 9.84668   -9.28276  13.20656  1.000 38.98691  -1 2   DT    A OP1   1 
ATOM   22  O  OP2   . DT    A 1 2  ? 11.37185  -7.64476  14.29910  1.000 38.16186  ?  2   DT    A OP2   1 
ATOM   23  O  "O5'" . DT    A 1 2  ? 10.68491  -7.34703  11.87359  1.000 41.93147  ?  2   DT    A "O5'" 1 
ATOM   24  C  "C5'" . DT    A 1 2  ? 11.61001  -6.30112  11.75917  1.000 41.95632  ?  2   DT    A "C5'" 1 
ATOM   25  C  "C4'" . DT    A 1 2  ? 11.94869  -6.05390  10.30604  1.000 41.34211  ?  2   DT    A "C4'" 1 
ATOM   26  O  "O4'" . DT    A 1 2  ? 12.54798  -7.24297  9.75240   1.000 43.01332  ?  2   DT    A "O4'" 1 
ATOM   27  C  "C3'" . DT    A 1 2  ? 10.75553  -5.73102  9.40577   1.000 43.19178  ?  2   DT    A "C3'" 1 
ATOM   28  O  "O3'" . DT    A 1 2  ? 11.17606  -4.81563  8.40927   1.000 43.59602  ?  2   DT    A "O3'" 1 
ATOM   29  C  "C2'" . DT    A 1 2  ? 10.41656  -7.09138  8.81279   1.000 45.02968  ?  2   DT    A "C2'" 1 
ATOM   30  C  "C1'" . DT    A 1 2  ? 11.81882  -7.64346  8.62044   1.000 44.28335  ?  2   DT    A "C1'" 1 
ATOM   31  N  N1    . DT    A 1 2  ? 11.90922  -9.09946  8.54176   1.000 45.03739  ?  2   DT    A N1    1 
ATOM   32  C  C2    . DT    A 1 2  ? 12.49483  -9.65195  7.44252   1.000 47.31383  ?  2   DT    A C2    1 
ATOM   33  O  O2    . DT    A 1 2  ? 12.91819  -8.98444  6.51938   1.000 50.12918  ?  2   DT    A O2    1 
ATOM   34  N  N3    . DT    A 1 2  ? 12.56153  -11.00751 7.45189   1.000 46.26232  ?  2   DT    A N3    1 
ATOM   35  C  C4    . DT    A 1 2  ? 12.11258  -11.84584 8.45352   1.000 45.18950  ?  2   DT    A C4    1 
ATOM   36  O  O4    . DT    A 1 2  ? 12.19852  -13.05139 8.38370   1.000 42.77915  ?  2   DT    A O4    1 
ATOM   37  C  C5    . DT    A 1 2  ? 11.49825  -11.19313 9.57705   1.000 43.81342  ?  2   DT    A C5    1 
ATOM   38  C  C7    . DT    A 1 2  ? 10.98265  -12.01222 10.71783  1.000 45.72281  ?  2   DT    A C7    1 
ATOM   39  C  C6    . DT    A 1 2  ? 11.44796  -9.86936  9.57809   1.000 45.62899  ?  2   DT    A C6    1 
ATOM   40  P  P     . DT    A 1 3  ? 10.14099  -4.21842  7.33828   1.000 48.87646  ?  3   DT    A P     1 
ATOM   41  O  OP1   . DT    A 1 3  ? 9.36895   -5.34417  6.76031   1.000 45.96931  -1 3   DT    A OP1   1 
ATOM   42  O  OP2   . DT    A 1 3  ? 10.86325  -3.25865  6.45187   1.000 45.30472  ?  3   DT    A OP2   1 
ATOM   43  O  "O5'" . DT    A 1 3  ? 9.14547   -3.38876  8.20692   1.000 41.74892  ?  3   DT    A "O5'" 1 
ATOM   44  C  "C5'" . DT    A 1 3  ? 9.60084   -2.30961  8.95455   1.000 45.62552  ?  3   DT    A "C5'" 1 
ATOM   45  C  "C4'" . DT    A 1 3  ? 8.43764   -1.76069  9.73529   1.000 45.45161  ?  3   DT    A "C4'" 1 
ATOM   46  O  "O4'" . DT    A 1 3  ? 8.30027   -2.49911  10.97603  1.000 45.71744  ?  3   DT    A "O4'" 1 
ATOM   47  C  "C3'" . DT    A 1 3  ? 8.52184   -0.29013  10.11110  1.000 48.86960  ?  3   DT    A "C3'" 1 
ATOM   48  O  "O3'" . DT    A 1 3  ? 7.22985   0.28733   9.96139   1.000 48.73116  ?  3   DT    A "O3'" 1 
ATOM   49  C  "C2'" . DT    A 1 3  ? 8.93100   -0.34649  11.57913  1.000 50.87227  ?  3   DT    A "C2'" 1 
ATOM   50  C  "C1'" . DT    A 1 3  ? 8.18608   -1.59159  12.03979  1.000 48.40094  ?  3   DT    A "C1'" 1 
ATOM   51  N  N1    . DT    A 1 3  ? 8.77407   -2.21387  13.22774  1.000 49.05461  ?  3   DT    A N1    1 
ATOM   52  C  C2    . DT    A 1 3  ? 8.00514   -2.36059  14.35535  1.000 48.97105  ?  3   DT    A C2    1 
ATOM   53  O  O2    . DT    A 1 3  ? 6.83694   -2.00097  14.42385  1.000 47.52520  ?  3   DT    A O2    1 
ATOM   54  N  N3    . DT    A 1 3  ? 8.64630   -2.94391  15.40935  1.000 48.22371  ?  3   DT    A N3    1 
ATOM   55  C  C4    . DT    A 1 3  ? 9.95592   -3.40064  15.44824  1.000 50.49743  ?  3   DT    A C4    1 
ATOM   56  O  O4    . DT    A 1 3  ? 10.44022  -3.91483  16.44969  1.000 51.53561  ?  3   DT    A O4    1 
ATOM   57  C  C5    . DT    A 1 3  ? 10.71316  -3.22181  14.22988  1.000 50.86748  ?  3   DT    A C5    1 
ATOM   58  C  C7    . DT    A 1 3  ? 12.14626  -3.67414  14.15891  1.000 51.97003  ?  3   DT    A C7    1 
ATOM   59  C  C6    . DT    A 1 3  ? 10.09663  -2.64624  13.18659  1.000 49.46974  ?  3   DT    A C6    1 
ATOM   60  P  P     . DG    A 1 4  ? 6.88916   1.21295   8.69301   1.000 50.41970  ?  4   DG    A P     1 
ATOM   61  O  OP1   . DG    A 1 4  ? 7.92438   2.27928   8.61319   1.000 52.53281  ?  4   DG    A OP1   1 
ATOM   62  O  OP2   . DG    A 1 4  ? 5.44340   1.51897   8.73354   1.000 48.29557  -1 4   DG    A OP2   1 
ATOM   63  O  "O5'" . DG    A 1 4  ? 7.14440   0.26150   7.44341   1.000 42.54901  ?  4   DG    A "O5'" 1 
ATOM   64  C  "C5'" . DG    A 1 4  ? 6.12477   -0.58300  6.98059   1.000 38.04908  ?  4   DG    A "C5'" 1 
ATOM   65  C  "C4'" . DG    A 1 4  ? 6.68415   -1.57554  5.98275   1.000 38.21339  ?  4   DG    A "C4'" 1 
ATOM   66  O  "O4'" . DG    A 1 4  ? 5.60460   -2.41670  5.53264   1.000 36.55834  ?  4   DG    A "O4'" 1 
ATOM   67  C  "C3'" . DG    A 1 4  ? 7.29252   -0.96553  4.72829   1.000 37.64126  ?  4   DG    A "C3'" 1 
ATOM   68  O  "O3'" . DG    A 1 4  ? 8.44684   -1.73704  4.32209   1.000 38.42385  ?  4   DG    A "O3'" 1 
ATOM   69  C  "C2'" . DG    A 1 4  ? 6.15483   -1.07854  3.72268   1.000 34.79610  ?  4   DG    A "C2'" 1 
ATOM   70  C  "C1'" . DG    A 1 4  ? 5.54670   -2.40585  4.14565   1.000 35.91268  ?  4   DG    A "C1'" 1 
ATOM   71  N  N9    . DG    A 1 4  ? 4.15947   -2.57147  3.75096   1.000 33.70222  ?  4   DG    A N9    1 
ATOM   72  C  C8    . DG    A 1 4  ? 3.66665   -3.52234  2.90218   1.000 31.97444  ?  4   DG    A C8    1 
ATOM   73  N  N7    . DG    A 1 4  ? 2.39296   -3.41725  2.68045   1.000 32.28260  ?  4   DG    A N7    1 
ATOM   74  C  C5    . DG    A 1 4  ? 2.01209   -2.30818  3.42644   1.000 32.92363  ?  4   DG    A C5    1 
ATOM   75  C  C6    . DG    A 1 4  ? 0.74742   -1.73980  3.57593   1.000 31.58202  ?  4   DG    A C6    1 
ATOM   76  O  O6    . DG    A 1 4  ? -0.29003  -2.10885  3.05551   1.000 30.56284  ?  4   DG    A O6    1 
ATOM   77  N  N1    . DG    A 1 4  ? 0.76113   -0.63276  4.42026   1.000 27.58999  ?  4   DG    A N1    1 
ATOM   78  C  C2    . DG    A 1 4  ? 1.87989   -0.15135  5.04729   1.000 28.98358  ?  4   DG    A C2    1 
ATOM   79  N  N2    . DG    A 1 4  ? 1.69916   0.92460   5.81736   1.000 32.74816  ?  4   DG    A N2    1 
ATOM   80  N  N3    . DG    A 1 4  ? 3.09719   -0.69011  4.91228   1.000 34.19637  ?  4   DG    A N3    1 
ATOM   81  C  C4    . DG    A 1 4  ? 3.08206   -1.76408  4.08726   1.000 31.17930  ?  4   DG    A C4    1 
ATOM   82  P  P     . DG    A 1 5  ? 9.42372   -1.16927  3.19083   1.000 37.51863  ?  5   DG    A P     1 
ATOM   83  O  OP1   . DG    A 1 5  ? 10.72968  -1.82990  3.36662   1.000 44.12761  ?  5   DG    A OP1   1 
ATOM   84  O  OP2   . DG    A 1 5  ? 9.35275   0.30874   3.15016   1.000 41.69802  -1 5   DG    A OP2   1 
ATOM   85  O  "O5'" . DG    A 1 5  ? 8.76286   -1.67521  1.83870   1.000 40.49225  ?  5   DG    A "O5'" 1 
ATOM   86  C  "C5'" . DG    A 1 5  ? 8.61062   -3.07417  1.60884   1.000 42.98549  ?  5   DG    A "C5'" 1 
ATOM   87  C  "C4'" . DG    A 1 5  ? 7.73337   -3.33385  0.39411   1.000 42.54983  ?  5   DG    A "C4'" 1 
ATOM   88  O  "O4'" . DG    A 1 5  ? 6.34113   -3.02400  0.70535   1.000 36.67807  ?  5   DG    A "O4'" 1 
ATOM   89  C  "C3'" . DG    A 1 5  ? 8.07084   -2.50491  -0.84809  1.000 44.05072  ?  5   DG    A "C3'" 1 
ATOM   90  O  "O3'" . DG    A 1 5  ? 8.03346   -3.34924  -1.99050  1.000 47.73841  ?  5   DG    A "O3'" 1 
ATOM   91  C  "C2'" . DG    A 1 5  ? 6.93883   -1.47214  -0.87880  1.000 39.24870  ?  5   DG    A "C2'" 1 
ATOM   92  C  "C1'" . DG    A 1 5  ? 5.79678   -2.31683  -0.37596  1.000 38.23767  ?  5   DG    A "C1'" 1 
ATOM   93  N  N9    . DG    A 1 5  ? 4.62538   -1.55916  0.07647   1.000 32.38375  ?  5   DG    A N9    1 
ATOM   94  C  C8    . DG    A 1 5  ? 4.60509   -0.42886  0.85829   1.000 35.58524  ?  5   DG    A C8    1 
ATOM   95  N  N7    . DG    A 1 5  ? 3.39081   0.02013   1.07900   1.000 29.31739  ?  5   DG    A N7    1 
ATOM   96  C  C5    . DG    A 1 5  ? 2.57404   -0.88216  0.39084   1.000 31.10964  ?  5   DG    A C5    1 
ATOM   97  C  C6    . DG    A 1 5  ? 1.16878   -0.92122  0.24801   1.000 34.88447  ?  5   DG    A C6    1 
ATOM   98  O  O6    . DG    A 1 5  ? 0.35495   -0.15271  0.73351   1.000 27.97845  ?  5   DG    A O6    1 
ATOM   99  N  N1    . DG    A 1 5  ? 0.74372   -1.98756  -0.55027  1.000 29.48159  ?  5   DG    A N1    1 
ATOM   100 C  C2    . DG    A 1 5  ? 1.60685   -2.92262  -1.10929  1.000 35.27160  ?  5   DG    A C2    1 
ATOM   101 N  N2    . DG    A 1 5  ? 1.06194   -3.90053  -1.86004  1.000 34.15820  ?  5   DG    A N2    1 
ATOM   102 N  N3    . DG    A 1 5  ? 2.91892   -2.87595  -0.98222  1.000 33.09167  ?  5   DG    A N3    1 
ATOM   103 C  C4    . DG    A 1 5  ? 3.32939   -1.84066  -0.23421  1.000 34.79650  ?  5   DG    A C4    1 
ATOM   104 P  P     . DG    A 1 6  ? 8.69496   -2.89951  -3.38632  1.000 49.86843  ?  6   DG    A P     1 
ATOM   105 O  OP1   . DG    A 1 6  ? 9.99137   -3.58242  -3.55903  1.000 56.14192  ?  6   DG    A OP1   1 
ATOM   106 O  OP2   . DG    A 1 6  ? 8.57235   -1.42943  -3.46587  1.000 54.57953  -1 6   DG    A OP2   1 
ATOM   107 O  "O5'" . DG    A 1 6  ? 7.69791   -3.50266  -4.48045  1.000 49.09447  ?  6   DG    A "O5'" 1 
ATOM   108 C  "C5'" . DG    A 1 6  ? 7.24944   -4.83773  -4.37818  1.000 50.48098  ?  6   DG    A "C5'" 1 
ATOM   109 C  "C4'" . DG    A 1 6  ? 6.01998   -5.03296  -5.23960  1.000 48.90020  ?  6   DG    A "C4'" 1 
ATOM   110 O  "O4'" . DG    A 1 6  ? 4.88011   -4.41658  -4.59028  1.000 41.69957  ?  6   DG    A "O4'" 1 
ATOM   111 C  "C3'" . DG    A 1 6  ? 6.10954   -4.40134  -6.61685  1.000 51.41370  ?  6   DG    A "C3'" 1 
ATOM   112 O  "O3'" . DG    A 1 6  ? 5.57934   -5.27562  -7.58768  1.000 55.26220  ?  6   DG    A "O3'" 1 
ATOM   113 C  "C2'" . DG    A 1 6  ? 5.26575   -3.12420  -6.48575  1.000 47.85404  ?  6   DG    A "C2'" 1 
ATOM   114 C  "C1'" . DG    A 1 6  ? 4.21252   -3.55919  -5.48443  1.000 43.06933  ?  6   DG    A "C1'" 1 
ATOM   115 N  N9    . DG    A 1 6  ? 3.63787   -2.45100  -4.70940  1.000 39.13958  ?  6   DG    A N9    1 
ATOM   116 C  C8    . DG    A 1 6  ? 4.31399   -1.56516  -3.90551  1.000 39.29177  ?  6   DG    A C8    1 
ATOM   117 N  N7    . DG    A 1 6  ? 3.53613   -0.68481  -3.32650  1.000 38.49041  ?  6   DG    A N7    1 
ATOM   118 C  C5    . DG    A 1 6  ? 2.26166   -1.01291  -3.77034  1.000 38.37024  ?  6   DG    A C5    1 
ATOM   119 C  C6    . DG    A 1 6  ? 1.01263   -0.40132  -3.48879  1.000 37.25670  ?  6   DG    A C6    1 
ATOM   120 O  O6    . DG    A 1 6  ? 0.78172   0.57144   -2.74418  1.000 35.48483  ?  6   DG    A O6    1 
ATOM   121 N  N1    . DG    A 1 6  ? -0.04103  -1.04639  -4.14647  1.000 36.63428  ?  6   DG    A N1    1 
ATOM   122 C  C2    . DG    A 1 6  ? 0.09724   -2.13553  -4.97041  1.000 39.72762  ?  6   DG    A C2    1 
ATOM   123 N  N2    . DG    A 1 6  ? -1.03314  -2.60959  -5.53098  1.000 38.74562  ?  6   DG    A N2    1 
ATOM   124 N  N3    . DG    A 1 6  ? 1.26712   -2.70788  -5.25114  1.000 40.35423  ?  6   DG    A N3    1 
ATOM   125 C  C4    . DG    A 1 6  ? 2.30170   -2.09516  -4.61782  1.000 39.76674  ?  6   DG    A C4    1 
ATOM   126 P  P     . DG    A 1 7  ? 5.96971   -5.04381  -9.12358  1.000 60.73196  ?  7   DG    A P     1 
ATOM   127 O  OP1   . DG    A 1 7  ? 6.95986   -6.07742  -9.49337  1.000 64.23665  ?  7   DG    A OP1   1 
ATOM   128 O  OP2   . DG    A 1 7  ? 6.32113   -3.61907  -9.32583  1.000 57.97396  -1 7   DG    A OP2   1 
ATOM   129 O  "O5'" . DG    A 1 7  ? 4.61366   -5.29732  -9.93381  1.000 59.19071  ?  7   DG    A "O5'" 1 
ATOM   130 C  "C5'" . DG    A 1 7  ? 3.38068   -5.50436  -9.27194  1.000 55.78269  ?  7   DG    A "C5'" 1 
ATOM   131 C  "C4'" . DG    A 1 7  ? 2.24160   -5.05119  -10.16940 1.000 58.26927  ?  7   DG    A "C4'" 1 
ATOM   132 O  "O4'" . DG    A 1 7  ? 1.46876   -4.03505  -9.48181  1.000 54.07583  ?  7   DG    A "O4'" 1 
ATOM   133 C  "C3'" . DG    A 1 7  ? 2.69338   -4.38810  -11.46854 1.000 60.22213  ?  7   DG    A "C3'" 1 
ATOM   134 O  "O3'" . DG    A 1 7  ? 1.69797   -4.54023  -12.48736 1.000 62.45550  ?  7   DG    A "O3'" 1 
ATOM   135 C  "C2'" . DG    A 1 7  ? 2.83424   -2.93303  -11.04476 1.000 55.87841  ?  7   DG    A "C2'" 1 
ATOM   136 C  "C1'" . DG    A 1 7  ? 1.61596   -2.78691  -10.15403 1.000 52.15483  ?  7   DG    A "C1'" 1 
ATOM   137 N  N9    . DG    A 1 7  ? 1.74754   -1.75805  -9.14077  1.000 47.78657  ?  7   DG    A N9    1 
ATOM   138 C  C8    . DG    A 1 7  ? 2.89231   -1.36373  -8.49949  1.000 47.14413  ?  7   DG    A C8    1 
ATOM   139 N  N7    . DG    A 1 7  ? 2.68542   -0.44122  -7.60089  1.000 43.95216  ?  7   DG    A N7    1 
ATOM   140 C  C5    . DG    A 1 7  ? 1.32170   -0.22010  -7.65222  1.000 43.89241  ?  7   DG    A C5    1 
ATOM   141 C  C6    . DG    A 1 7  ? 0.52575   0.66943   -6.90715  1.000 43.63885  ?  7   DG    A C6    1 
ATOM   142 O  O6    . DG    A 1 7  ? 0.89013   1.45676   -6.03302  1.000 41.67960  ?  7   DG    A O6    1 
ATOM   143 N  N1    . DG    A 1 7  ? -0.81968  0.58204   -7.26012  1.000 44.08893  ?  7   DG    A N1    1 
ATOM   144 C  C2    . DG    A 1 7  ? -1.32020  -0.26566  -8.22154  1.000 45.20663  ?  7   DG    A C2    1 
ATOM   145 N  N2    . DG    A 1 7  ? -2.64207  -0.21370  -8.43851  1.000 47.01426  ?  7   DG    A N2    1 
ATOM   146 N  N3    . DG    A 1 7  ? -0.57392  -1.11146  -8.92343  1.000 47.57862  ?  7   DG    A N3    1 
ATOM   147 C  C4    . DG    A 1 7  ? 0.72959   -1.03132  -8.58162  1.000 46.48919  ?  7   DG    A C4    1 
ATOM   148 P  P     . DT    A 1 8  ? 2.14339   -4.83530  -14.00358 1.000 70.60547  ?  8   DT    A P     1 
ATOM   149 O  OP1   . DT    A 1 8  ? 3.46045   -4.19151  -14.21148 1.000 70.81875  ?  8   DT    A OP1   1 
ATOM   150 O  OP2   . DT    A 1 8  ? 1.01132   -4.51541  -14.90784 1.000 70.79101  -1 8   DT    A OP2   1 
ATOM   151 O  "O5'" . DT    A 1 8  ? 2.33930   -6.41868  -14.03315 1.000 71.33043  ?  8   DT    A "O5'" 1 
ATOM   152 C  "C5'" . DT    A 1 8  ? 1.23173   -7.27690  -13.77791 1.000 71.44441  ?  8   DT    A "C5'" 1 
ATOM   153 C  "C4'" . DT    A 1 8  ? 1.69303   -8.70029  -13.51736 1.000 72.32371  ?  8   DT    A "C4'" 1 
ATOM   154 O  "O4'" . DT    A 1 8  ? 2.31582   -9.23698  -14.70864 1.000 79.08494  ?  8   DT    A "O4'" 1 
ATOM   155 C  "C3'" . DT    A 1 8  ? 2.73242   -8.85283  -12.41676 1.000 71.76513  ?  8   DT    A "C3'" 1 
ATOM   156 O  "O3'" . DT    A 1 8  ? 2.60765   -10.12263 -11.83267 1.000 70.97889  ?  8   DT    A "O3'" 1 
ATOM   157 C  "C2'" . DT    A 1 8  ? 4.03785   -8.74664  -13.18426 1.000 77.11466  ?  8   DT    A "C2'" 1 
ATOM   158 C  "C1'" . DT    A 1 8  ? 3.68231   -9.51242  -14.44960 1.000 81.21062  ?  8   DT    A "C1'" 1 
ATOM   159 N  N1    . DT    A 1 8  ? 4.46913   -9.09267  -15.62644 1.000 85.95299  ?  8   DT    A N1    1 
ATOM   160 C  C2    . DT    A 1 8  ? 5.45437   -9.92375  -16.11097 1.000 88.91306  ?  8   DT    A C2    1 
ATOM   161 O  O2    . DT    A 1 8  ? 5.72239   -11.00669 -15.61426 1.000 87.43445  ?  8   DT    A O2    1 
ATOM   162 N  N3    . DT    A 1 8  ? 6.12058   -9.43569  -17.20719 1.000 90.80727  ?  8   DT    A N3    1 
ATOM   163 C  C4    . DT    A 1 8  ? 5.90149   -8.22313  -17.85215 1.000 92.67446  ?  8   DT    A C4    1 
ATOM   164 O  O4    . DT    A 1 8  ? 6.55469   -7.87205  -18.83233 1.000 94.14400  ?  8   DT    A O4    1 
ATOM   165 C  C5    . DT    A 1 8  ? 4.85163   -7.40126  -17.28749 1.000 89.50215  ?  8   DT    A C5    1 
ATOM   166 C  C7    . DT    A 1 8  ? 4.52015   -6.06692  -17.89484 1.000 86.95666  ?  8   DT    A C7    1 
ATOM   167 C  C6    . DT    A 1 8  ? 4.19663   -7.87144  -16.21593 1.000 86.57045  ?  8   DT    A C6    1 
ATOM   168 P  P     . DT    A 1 9  ? 3.03757   -10.33885 -10.30665 1.000 72.08002  ?  9   DT    A P     1 
ATOM   169 O  OP1   . DT    A 1 9  ? 4.30298   -9.59026  -10.08745 1.000 70.31218  -1 9   DT    A OP1   1 
ATOM   170 O  OP2   . DT    A 1 9  ? 2.95638   -11.79525 -10.04091 1.000 72.03313  ?  9   DT    A OP2   1 
ATOM   171 O  "O5'" . DT    A 1 9  ? 1.89640   -9.57245  -9.49604  1.000 65.35291  ?  9   DT    A "O5'" 1 
ATOM   172 C  "C5'" . DT    A 1 9  ? 0.54476   -9.95384  -9.67168  1.000 63.54912  ?  9   DT    A "C5'" 1 
ATOM   173 C  "C4'" . DT    A 1 9  ? -0.37169  -8.78483  -9.39293  1.000 57.62971  ?  9   DT    A "C4'" 1 
ATOM   174 O  "O4'" . DT    A 1 9  ? -0.50579  -7.99193  -10.58391 1.000 60.50291  ?  9   DT    A "O4'" 1 
ATOM   175 C  "C3'" . DT    A 1 9  ? -1.79054  -9.16675  -8.97763  1.000 53.60694  ?  9   DT    A "C3'" 1 
ATOM   176 O  "O3'" . DT    A 1 9  ? -2.03631  -8.68538  -7.69467  1.000 48.90241  ?  9   DT    A "O3'" 1 
ATOM   177 C  "C2'" . DT    A 1 9  ? -2.69635  -8.48757  -10.01418 1.000 56.97900  ?  9   DT    A "C2'" 1 
ATOM   178 C  "C1'" . DT    A 1 9  ? -1.78555  -7.42480  -10.59754 1.000 62.18256  ?  9   DT    A "C1'" 1 
ATOM   179 N  N1    . DT    A 1 9  ? -2.11320  -7.08184  -11.99751 1.000 66.20209  ?  9   DT    A N1    1 
ATOM   180 C  C2    . DT    A 1 9  ? -2.13484  -5.75255  -12.38913 1.000 67.87629  ?  9   DT    A C2    1 
ATOM   181 O  O2    . DT    A 1 9  ? -1.89714  -4.81949  -11.63387 1.000 64.51050  ?  9   DT    A O2    1 
ATOM   182 N  N3    . DT    A 1 9  ? -2.44413  -5.55506  -13.70876 1.000 71.74907  ?  9   DT    A N3    1 
ATOM   183 C  C4    . DT    A 1 9  ? -2.73046  -6.52259  -14.65313 1.000 74.18365  ?  9   DT    A C4    1 
ATOM   184 O  O4    . DT    A 1 9  ? -2.99772  -6.23897  -15.81783 1.000 79.23881  ?  9   DT    A O4    1 
ATOM   185 C  C5    . DT    A 1 9  ? -2.68831  -7.89158  -14.17814 1.000 72.56401  ?  9   DT    A C5    1 
ATOM   186 C  C7    . DT    A 1 9  ? -2.98248  -9.02729  -15.11526 1.000 71.72860  ?  9   DT    A C7    1 
ATOM   187 C  C6    . DT    A 1 9  ? -2.38517  -8.10057  -12.88922 1.000 69.47216  ?  9   DT    A C6    1 
ATOM   188 P  P     . DG    A 1 10 ? -1.54610  -9.52489  -6.41382  1.000 46.14311  ?  10  DG    A P     1 
ATOM   189 O  OP1   . DG    A 1 10 ? -0.09258  -9.28682  -6.21746  1.000 44.69285  ?  10  DG    A OP1   1 
ATOM   190 O  OP2   . DG    A 1 10 ? -2.04530  -10.91630 -6.58415  1.000 45.63146  -1 10  DG    A OP2   1 
ATOM   191 O  "O5'" . DG    A 1 10 ? -2.33683  -8.84336  -5.22127  1.000 40.23045  ?  10  DG    A "O5'" 1 
ATOM   192 C  "C5'" . DG    A 1 10 ? -3.63842  -9.28159  -4.89775  1.000 41.23683  ?  10  DG    A "C5'" 1 
ATOM   193 C  "C4'" . DG    A 1 10 ? -4.61212  -8.11390  -4.84288  1.000 40.85087  ?  10  DG    A "C4'" 1 
ATOM   194 O  "O4'" . DG    A 1 10 ? -4.23549  -7.20360  -3.78160  1.000 38.40598  ?  10  DG    A "O4'" 1 
ATOM   195 C  "C3'" . DG    A 1 10 ? -4.71732  -7.26997  -6.12424  1.000 43.38369  ?  10  DG    A "C3'" 1 
ATOM   196 O  "O3'" . DG    A 1 10 ? -6.09310  -7.12729  -6.46381  1.000 45.31277  ?  10  DG    A "O3'" 1 
ATOM   197 C  "C2'" . DG    A 1 10 ? -4.10411  -5.92386  -5.72255  1.000 40.44492  ?  10  DG    A "C2'" 1 
ATOM   198 C  "C1'" . DG    A 1 10 ? -4.43822  -5.87707  -4.23997  1.000 39.78483  ?  10  DG    A "C1'" 1 
ATOM   199 N  N9    . DG    A 1 10 ? -3.59378  -4.96875  -3.45705  1.000 34.99960  ?  10  DG    A N9    1 
ATOM   200 C  C8    . DG    A 1 10 ? -2.24569  -5.08702  -3.22509  1.000 34.46145  ?  10  DG    A C8    1 
ATOM   201 N  N7    . DG    A 1 10 ? -1.75957  -4.12229  -2.49460  1.000 34.70052  ?  10  DG    A N7    1 
ATOM   202 C  C5    . DG    A 1 10 ? -2.85110  -3.29476  -2.24103  1.000 34.67025  ?  10  DG    A C5    1 
ATOM   203 C  C6    . DG    A 1 10 ? -2.92536  -2.08742  -1.50541  1.000 34.92501  ?  10  DG    A C6    1 
ATOM   204 O  O6    . DG    A 1 10 ? -2.01245  -1.48682  -0.91000  1.000 33.16060  ?  10  DG    A O6    1 
ATOM   205 N  N1    . DG    A 1 10 ? -4.22588  -1.57142  -1.48723  1.000 32.02272  ?  10  DG    A N1    1 
ATOM   206 C  C2    . DG    A 1 10 ? -5.30318  -2.14932  -2.12271  1.000 35.30632  ?  10  DG    A C2    1 
ATOM   207 N  N2    . DG    A 1 10 ? -6.48134  -1.51275  -2.00275  1.000 37.43567  ?  10  DG    A N2    1 
ATOM   208 N  N3    . DG    A 1 10 ? -5.24014  -3.28131  -2.81024  1.000 35.78957  ?  10  DG    A N3    1 
ATOM   209 C  C4    . DG    A 1 10 ? -3.98212  -3.78974  -2.83915  1.000 36.59643  ?  10  DG    A C4    1 
ATOM   210 P  P     . DG    A 1 11 ? -6.54516  -6.51118  -7.87149  1.000 48.02652  ?  11  DG    A P     1 
ATOM   211 O  OP1   . DG    A 1 11 ? -7.73544  -7.23465  -8.35774  1.000 46.71741  ?  11  DG    A OP1   1 
ATOM   212 O  OP2   . DG    A 1 11 ? -5.37434  -6.34370  -8.75352  1.000 51.94783  -1 11  DG    A OP2   1 
ATOM   213 O  "O5'" . DG    A 1 11 ? -7.04045  -5.04684  -7.47727  1.000 48.94111  ?  11  DG    A "O5'" 1 
ATOM   214 C  "C5'" . DG    A 1 11 ? -8.02206  -4.90054  -6.45845  1.000 48.77457  ?  11  DG    A "C5'" 1 
ATOM   215 C  "C4'" . DG    A 1 11 ? -8.57304  -3.48093  -6.42008  1.000 49.49618  ?  11  DG    A "C4'" 1 
ATOM   216 O  "O4'" . DG    A 1 11 ? -7.74621  -2.65106  -5.57187  1.000 46.58160  ?  11  DG    A "O4'" 1 
ATOM   217 C  "C3'" . DG    A 1 11 ? -8.62614  -2.75158  -7.75171  1.000 51.80471  ?  11  DG    A "C3'" 1 
ATOM   218 O  "O3'" . DG    A 1 11 ? -9.67023  -1.80686  -7.68011  1.000 53.78837  ?  11  DG    A "O3'" 1 
ATOM   219 C  "C2'" . DG    A 1 11 ? -7.27794  -2.04407  -7.77299  1.000 50.76477  ?  11  DG    A "C2'" 1 
ATOM   220 C  "C1'" . DG    A 1 11 ? -7.21191  -1.58195  -6.33875  1.000 48.26940  ?  11  DG    A "C1'" 1 
ATOM   221 N  N9    . DG    A 1 11 ? -5.87294  -1.30040  -5.84443  1.000 42.78682  ?  11  DG    A N9    1 
ATOM   222 C  C8    . DG    A 1 11 ? -4.73285  -2.06243  -6.01054  1.000 41.62303  ?  11  DG    A C8    1 
ATOM   223 N  N7    . DG    A 1 11 ? -3.68958  -1.56486  -5.39826  1.000 40.00680  ?  11  DG    A N7    1 
ATOM   224 C  C5    . DG    A 1 11 ? -4.17831  -0.39505  -4.79703  1.000 39.49221  ?  11  DG    A C5    1 
ATOM   225 C  C6    . DG    A 1 11 ? -3.52389  0.58066   -3.99617  1.000 37.80215  ?  11  DG    A C6    1 
ATOM   226 O  O6    . DG    A 1 11 ? -2.34458  0.62451   -3.65256  1.000 37.68270  ?  11  DG    A O6    1 
ATOM   227 N  N1    . DG    A 1 11 ? -4.40041  1.58846   -3.57553  1.000 37.41238  ?  11  DG    A N1    1 
ATOM   228 C  C2    . DG    A 1 11 ? -5.72603  1.65356   -3.89444  1.000 39.25634  ?  11  DG    A C2    1 
ATOM   229 N  N2    . DG    A 1 11 ? -6.40722  2.71857   -3.41656  1.000 38.81174  ?  11  DG    A N2    1 
ATOM   230 N  N3    . DG    A 1 11 ? -6.34986  0.75812   -4.64224  1.000 41.56689  ?  11  DG    A N3    1 
ATOM   231 C  C4    . DG    A 1 11 ? -5.51636  -0.24243  -5.05110  1.000 41.89925  ?  11  DG    A C4    1 
ATOM   232 P  P     . DG    A 1 12 ? -10.86800 -1.80634  -8.75078  1.000 57.14925  ?  12  DG    A P     1 
ATOM   233 O  OP1   . DG    A 1 12 ? -12.05991 -2.36269  -8.05623  1.000 54.02049  ?  12  DG    A OP1   1 
ATOM   234 O  OP2   . DG    A 1 12 ? -10.38989 -2.39046  -10.03084 1.000 56.37641  -1 12  DG    A OP2   1 
ATOM   235 O  "O5'" . DG    A 1 12 ? -11.06406 -0.24364  -9.05474  1.000 55.76037  ?  12  DG    A "O5'" 1 
ATOM   236 C  "C5'" . DG    A 1 12 ? -10.06957 0.45782   -9.84154  1.000 57.47670  ?  12  DG    A "C5'" 1 
ATOM   237 C  "C4'" . DG    A 1 12 ? -9.85756  1.88600   -9.34100  1.000 57.64464  ?  12  DG    A "C4'" 1 
ATOM   238 O  "O4'" . DG    A 1 12 ? -9.08950  1.87015   -8.11533  1.000 54.63580  ?  12  DG    A "O4'" 1 
ATOM   239 C  "C3'" . DG    A 1 12 ? -9.05106  2.76566   -10.27465 1.000 58.99998  ?  12  DG    A "C3'" 1 
ATOM   240 O  "O3'" . DG    A 1 12 ? -9.89447  3.32330   -11.27040 1.000 64.16403  ?  12  DG    A "O3'" 1 
ATOM   241 C  "C2'" . DG    A 1 12 ? -8.50167  3.83162   -9.33055  1.000 57.48227  ?  12  DG    A "C2'" 1 
ATOM   242 C  "C1'" . DG    A 1 12 ? -8.30174  3.04922   -8.02918  1.000 53.03873  ?  12  DG    A "C1'" 1 
ATOM   243 N  N9    . DG    A 1 12 ? -6.91234  2.66633   -7.75153  1.000 47.76744  ?  12  DG    A N9    1 
ATOM   244 C  C8    . DG    A 1 12 ? -6.29085  1.48891   -8.10544  1.000 47.45726  ?  12  DG    A C8    1 
ATOM   245 N  N7    . DG    A 1 12 ? -5.04945  1.41252   -7.69882  1.000 45.63742  ?  12  DG    A N7    1 
ATOM   246 C  C5    . DG    A 1 12 ? -4.82949  2.61624   -7.03030  1.000 44.68839  ?  12  DG    A C5    1 
ATOM   247 C  C6    . DG    A 1 12 ? -3.66440  3.10023   -6.37465  1.000 43.07912  ?  12  DG    A C6    1 
ATOM   248 O  O6    . DG    A 1 12 ? -2.56100  2.53634   -6.24226  1.000 41.85250  ?  12  DG    A O6    1 
ATOM   249 N  N1    . DG    A 1 12 ? -3.87162  4.37081   -5.82288  1.000 41.07550  ?  12  DG    A N1    1 
ATOM   250 C  C2    . DG    A 1 12 ? -5.04830  5.06670   -5.88502  1.000 41.63591  ?  12  DG    A C2    1 
ATOM   251 N  N2    . DG    A 1 12 ? -5.05283  6.27029   -5.29182  1.000 43.23685  ?  12  DG    A N2    1 
ATOM   252 N  N3    . DG    A 1 12 ? -6.14829  4.62954   -6.49924  1.000 43.08673  ?  12  DG    A N3    1 
ATOM   253 C  C4    . DG    A 1 12 ? -5.96784  3.39436   -7.04290  1.000 44.72840  ?  12  DG    A C4    1 
ATOM   254 P  P     . DG    A 1 13 ? -9.47504  3.21043   -12.81908 1.000 67.20203  ?  13  DG    A P     1 
ATOM   255 O  OP1   . DG    A 1 13 ? -10.38020 4.09224   -13.60683 1.000 66.22164  ?  13  DG    A OP1   1 
ATOM   256 O  OP2   . DG    A 1 13 ? -9.43592  1.76789   -13.16840 1.000 65.29769  ?  13  DG    A OP2   1 
ATOM   257 O  "O5'" . DG    A 1 13 ? -7.95821  3.76006   -12.82463 1.000 65.00503  ?  13  DG    A "O5'" 1 
ATOM   258 C  "C5'" . DG    A 1 13 ? -6.86800  2.90911   -13.25608 1.000 65.59652  ?  13  DG    A "C5'" 1 
ATOM   259 C  "C4'" . DG    A 1 13 ? -5.74663  2.88373   -12.22300 1.000 62.43964  ?  13  DG    A "C4'" 1 
ATOM   260 O  "O4'" . DG    A 1 13 ? -6.07481  1.92864   -11.18552 1.000 59.46500  ?  13  DG    A "O4'" 1 
ATOM   261 C  "C3'" . DG    A 1 13 ? -4.38724  2.43518   -12.74793 1.000 63.02843  ?  13  DG    A "C3'" 1 
ATOM   262 O  "O3'" . DG    A 1 13 ? -3.34367  2.92939   -11.89887 1.000 61.60858  ?  13  DG    A "O3'" 1 
ATOM   263 C  "C2'" . DG    A 1 13 ? -4.50120  0.92129   -12.64734 1.000 62.04011  ?  13  DG    A "C2'" 1 
ATOM   264 C  "C1'" . DG    A 1 13 ? -5.29136  0.75581   -11.34873 1.000 59.56771  ?  13  DG    A "C1'" 1 
ATOM   265 N  N9    . DG    A 1 13 ? -6.18235  -0.40329  -11.34994 1.000 57.78232  ?  13  DG    A N9    1 
ATOM   266 C  C8    . DG    A 1 13 ? -7.45208  -0.47967  -11.87264 1.000 59.12626  ?  13  DG    A C8    1 
ATOM   267 N  N7    . DG    A 1 13 ? -8.00798  -1.65006  -11.71899 1.000 57.53296  ?  13  DG    A N7    1 
ATOM   268 C  C5    . DG    A 1 13 ? -7.04483  -2.39625  -11.05906 1.000 56.28445  ?  13  DG    A C5    1 
ATOM   269 C  C6    . DG    A 1 13 ? -7.07565  -3.74887  -10.62269 1.000 56.43609  ?  13  DG    A C6    1 
ATOM   270 O  O6    . DG    A 1 13 ? -7.99649  -4.57622  -10.74724 1.000 56.44069  ?  13  DG    A O6    1 
ATOM   271 N  N1    . DG    A 1 13 ? -5.88510  -4.11567  -9.97681  1.000 54.01923  ?  13  DG    A N1    1 
ATOM   272 C  C2    . DG    A 1 13 ? -4.80270  -3.27700  -9.78588  1.000 54.64896  ?  13  DG    A C2    1 
ATOM   273 N  N2    . DG    A 1 13 ? -3.74137  -3.80328  -9.14292  1.000 51.57306  ?  13  DG    A N2    1 
ATOM   274 N  N3    . DG    A 1 13 ? -4.76609  -2.00717  -10.19712 1.000 54.59232  ?  13  DG    A N3    1 
ATOM   275 C  C4    . DG    A 1 13 ? -5.91659  -1.64081  -10.82153 1.000 55.85871  ?  13  DG    A C4    1 
ATOM   276 P  P     . DT    A 1 14 ? -2.61971  4.32474   -12.23974 1.000 62.86685  ?  14  DT    A P     1 
ATOM   277 O  OP1   . DT    A 1 14 ? -3.70489  5.29296   -12.49239 1.000 65.40653  ?  14  DT    A OP1   1 
ATOM   278 O  OP2   . DT    A 1 14 ? -1.59223  4.09077   -13.28961 1.000 63.34682  ?  14  DT    A OP2   1 
ATOM   279 O  "O5'" . DT    A 1 14 ? -1.91132  4.75305   -10.87399 1.000 57.33622  ?  14  DT    A "O5'" 1 
ATOM   280 C  "C5'" . DT    A 1 14 ? -2.67787  5.19719   -9.76638  1.000 52.35062  ?  14  DT    A "C5'" 1 
ATOM   281 C  "C4'" . DT    A 1 14 ? -1.74926  5.52734   -8.61871  1.000 49.96432  ?  14  DT    A "C4'" 1 
ATOM   282 O  "O4'" . DT    A 1 14 ? -1.22832  4.28549   -8.07051  1.000 50.10735  ?  14  DT    A "O4'" 1 
ATOM   283 C  "C3'" . DT    A 1 14 ? -0.52375  6.34035   -9.02799  1.000 53.60537  ?  14  DT    A "C3'" 1 
ATOM   284 O  "O3'" . DT    A 1 14 ? -0.77618  7.72294   -8.84136  1.000 50.69357  ?  14  DT    A "O3'" 1 
ATOM   285 C  "C2'" . DT    A 1 14 ? 0.55960   5.83961   -8.07910  1.000 53.09123  ?  14  DT    A "C2'" 1 
ATOM   286 C  "C1'" . DT    A 1 14 ? 0.16821   4.37522   -7.87139  1.000 48.08718  ?  14  DT    A "C1'" 1 
ATOM   287 N  N1    . DT    A 1 14 ? 0.84775   3.41142   -8.81254  1.000 49.12181  ?  14  DT    A N1    1 
ATOM   288 C  C2    . DT    A 1 14 ? 2.21440   3.22169   -8.71445  1.000 49.17033  ?  14  DT    A C2    1 
ATOM   289 O  O2    . DT    A 1 14 ? 2.92032   3.80364   -7.89419  1.000 48.28643  ?  14  DT    A O2    1 
ATOM   290 N  N3    . DT    A 1 14 ? 2.73151   2.31491   -9.61053  1.000 48.85926  ?  14  DT    A N3    1 
ATOM   291 C  C4    . DT    A 1 14 ? 2.03695   1.58384   -10.56721 1.000 49.87977  ?  14  DT    A C4    1 
ATOM   292 O  O4    . DT    A 1 14 ? 2.60252   0.79755   -11.33880 1.000 52.77120  ?  14  DT    A O4    1 
ATOM   293 C  C5    . DT    A 1 14 ? 0.60516   1.82462   -10.61072 1.000 51.00884  ?  14  DT    A C5    1 
ATOM   294 C  C7    . DT    A 1 14 ? -0.25269  1.09773   -11.60778 1.000 53.34907  ?  14  DT    A C7    1 
ATOM   295 C  C6    . DT    A 1 14 ? 0.08646   2.71325   -9.73918  1.000 48.62924  ?  14  DT    A C6    1 
ATOM   296 P  P     . DT    A 1 15 ? -0.01741  8.80842   -9.73696  1.000 50.45706  ?  15  DT    A P     1 
ATOM   297 O  OP1   . DT    A 1 15 ? -0.81903  10.06381  -9.71596  1.000 50.93302  ?  15  DT    A OP1   1 
ATOM   298 O  OP2   . DT    A 1 15 ? 0.32785   8.20547   -11.04899 1.000 53.85194  -1 15  DT    A OP2   1 
ATOM   299 O  "O5'" . DT    A 1 15 ? 1.32800   9.08656   -8.94629  1.000 55.03641  ?  15  DT    A "O5'" 1 
ATOM   300 C  "C5'" . DT    A 1 15 ? 1.29635   9.91415   -7.81513  1.000 55.24337  ?  15  DT    A "C5'" 1 
ATOM   301 C  "C4'" . DT    A 1 15 ? 1.77853   9.16873   -6.60676  1.000 54.44536  ?  15  DT    A "C4'" 1 
ATOM   302 O  "O4'" . DT    A 1 15 ? 2.59521   8.05809   -7.02262  1.000 56.91570  ?  15  DT    A "O4'" 1 
ATOM   303 C  "C3'" . DT    A 1 15 ? 2.66406   9.97280   -5.68257  1.000 54.25247  ?  15  DT    A "C3'" 1 
ATOM   304 O  "O3'" . DT    A 1 15 ? 1.84536   10.70062  -4.77231  1.000 51.86461  ?  15  DT    A "O3'" 1 
ATOM   305 C  "C2'" . DT    A 1 15 ? 3.47103   8.87740   -4.96250  1.000 54.01274  ?  15  DT    A "C2'" 1 
ATOM   306 C  "C1'" . DT    A 1 15 ? 3.47830   7.71371   -5.97726  1.000 53.05512  ?  15  DT    A "C1'" 1 
ATOM   307 N  N1    . DT    A 1 15 ? 4.83453   7.35554   -6.58604  1.000 54.97940  ?  15  DT    A N1    1 
ATOM   308 C  C2    . DT    A 1 15 ? 5.76439   8.34074   -6.89443  1.000 61.47726  ?  15  DT    A C2    1 
ATOM   309 O  O2    . DT    A 1 15 ? 5.59851   9.53110   -6.69029  1.000 62.11117  ?  15  DT    A O2    1 
ATOM   310 N  N3    . DT    A 1 15 ? 6.92481   7.87440   -7.46353  1.000 65.04031  ?  15  DT    A N3    1 
ATOM   311 C  C4    . DT    A 1 15 ? 7.25057   6.56120   -7.75771  1.000 64.30828  ?  15  DT    A C4    1 
ATOM   312 O  O4    . DT    A 1 15 ? 8.32566   6.24877   -8.26724  1.000 69.21566  ?  15  DT    A O4    1 
ATOM   313 C  C5    . DT    A 1 15 ? 6.23805   5.58788   -7.43660  1.000 58.10575  ?  15  DT    A C5    1 
ATOM   314 C  C7    . DT    A 1 15 ? 6.48337   4.13173   -7.71763  1.000 56.60831  ?  15  DT    A C7    1 
ATOM   315 C  C6    . DT    A 1 15 ? 5.09103   6.02492   -6.87694  1.000 53.92978  ?  15  DT    A C6    1 
ATOM   316 P  P     . DG    A 1 16 ? 2.36074   12.08542  -4.13864  1.000 56.71834  ?  16  DG    A P     1 
ATOM   317 O  OP1   . DG    A 1 16 ? 2.55177   13.07376  -5.20429  1.000 53.93070  -1 16  DG    A OP1   1 
ATOM   318 O  OP2   . DG    A 1 16 ? 3.46594   11.73559  -3.21781  1.000 54.01536  ?  16  DG    A OP2   1 
ATOM   319 O  "O5'" . DG    A 1 16 ? 1.11517   12.60411  -3.28036  1.000 52.27901  ?  16  DG    A "O5'" 1 
ATOM   320 C  "C5'" . DG    A 1 16 ? 0.72368   11.95070  -2.08053  1.000 46.16269  ?  16  DG    A "C5'" 1 
ATOM   321 C  "C4'" . DG    A 1 16 ? -0.73974  12.24411  -1.78881  1.000 44.42730  ?  16  DG    A "C4'" 1 
ATOM   322 O  "O4'" . DG    A 1 16 ? -1.55522  11.51019  -2.73165  1.000 42.46722  ?  16  DG    A "O4'" 1 
ATOM   323 C  "C3'" . DG    A 1 16 ? -1.24427  11.83791  -0.40084  1.000 45.23696  ?  16  DG    A "C3'" 1 
ATOM   324 O  "O3'" . DG    A 1 16 ? -2.27673  12.71296  0.01904   1.000 45.38006  ?  16  DG    A "O3'" 1 
ATOM   325 C  "C2'" . DG    A 1 16 ? -1.78172  10.44257  -0.63997  1.000 39.79351  ?  16  DG    A "C2'" 1 
ATOM   326 C  "C1'" . DG    A 1 16 ? -2.35071  10.56036  -2.04593  1.000 41.93647  ?  16  DG    A "C1'" 1 
ATOM   327 N  N9    . DG    A 1 16 ? -2.35648  9.27860   -2.78028  1.000 41.95989  ?  16  DG    A N9    1 
ATOM   328 C  C8    . DG    A 1 16 ? -3.43733  8.69099   -3.40382  1.000 41.58993  ?  16  DG    A C8    1 
ATOM   329 N  N7    . DG    A 1 16 ? -3.16411  7.53007   -3.95812  1.000 41.69226  ?  16  DG    A N7    1 
ATOM   330 C  C5    . DG    A 1 16 ? -1.82709  7.32169   -3.66546  1.000 40.77712  ?  16  DG    A C5    1 
ATOM   331 C  C6    . DG    A 1 16 ? -0.98517  6.22994   -4.00144  1.000 41.24515  ?  16  DG    A C6    1 
ATOM   332 O  O6    . DG    A 1 16 ? -1.27525  5.20123   -4.63944  1.000 40.01827  ?  16  DG    A O6    1 
ATOM   333 N  N1    . DG    A 1 16 ? 0.30646   6.40881   -3.51329  1.000 40.00803  ?  16  DG    A N1    1 
ATOM   334 C  C2    . DG    A 1 16 ? 0.73053   7.50281   -2.78805  1.000 44.02481  ?  16  DG    A C2    1 
ATOM   335 N  N2    . DG    A 1 16 ? 2.01444   7.49814   -2.39941  1.000 43.26099  ?  16  DG    A N2    1 
ATOM   336 N  N3    . DG    A 1 16 ? -0.04738  8.54112   -2.47567  1.000 42.54525  ?  16  DG    A N3    1 
ATOM   337 C  C4    . DG    A 1 16 ? -1.30975  8.37941   -2.93373  1.000 42.05968  ?  16  DG    A C4    1 
ATOM   338 P  P     . DG    A 1 17 ? -3.08811  12.42574  1.37419   1.000 42.41428  ?  17  DG    A P     1 
ATOM   339 O  OP1   . DG    A 1 17 ? -3.84173  13.63177  1.77581   1.000 48.52677  ?  17  DG    A OP1   1 
ATOM   340 O  OP2   . DG    A 1 17 ? -2.12304  11.74381  2.28293   1.000 50.08369  -1 17  DG    A OP2   1 
ATOM   341 O  "O5'" . DG    A 1 17 ? -4.12904  11.27629  0.99806   1.000 43.17679  ?  17  DG    A "O5'" 1 
ATOM   342 C  "C5'" . DG    A 1 17 ? -5.18318  11.54799  0.12458   1.000 41.08444  ?  17  DG    A "C5'" 1 
ATOM   343 C  "C4'" . DG    A 1 17 ? -6.05845  10.33066  -0.05758  1.000 41.56059  ?  17  DG    A "C4'" 1 
ATOM   344 O  "O4'" . DG    A 1 17 ? -5.36854  9.33412   -0.85666  1.000 39.18026  ?  17  DG    A "O4'" 1 
ATOM   345 C  "C3'" . DG    A 1 17 ? -6.51320  9.57835   1.22642   1.000 38.28962  ?  17  DG    A "C3'" 1 
ATOM   346 O  "O3'" . DG    A 1 17 ? -7.93440  9.43191   1.17284   1.000 39.39883  ?  17  DG    A "O3'" 1 
ATOM   347 C  "C2'" . DG    A 1 17 ? -5.84763  8.22068   1.05511   1.000 35.91156  ?  17  DG    A "C2'" 1 
ATOM   348 C  "C1'" . DG    A 1 17 ? -5.93461  8.13845   -0.44489  1.000 38.90705  ?  17  DG    A "C1'" 1 
ATOM   349 N  N9    . DG    A 1 17 ? -5.30537  6.96681   -1.03763  1.000 38.96156  ?  17  DG    A N9    1 
ATOM   350 C  C8    . DG    A 1 17 ? -5.95010  6.01539   -1.78699  1.000 39.89129  ?  17  DG    A C8    1 
ATOM   351 N  N7    . DG    A 1 17 ? -5.18893  5.01280   -2.12602  1.000 37.18942  ?  17  DG    A N7    1 
ATOM   352 C  C5    . DG    A 1 17 ? -3.97761  5.29749   -1.54217  1.000 37.77110  ?  17  DG    A C5    1 
ATOM   353 C  C6    . DG    A 1 17 ? -2.78243  4.56659   -1.58631  1.000 36.83958  ?  17  DG    A C6    1 
ATOM   354 O  O6    . DG    A 1 17 ? -2.57099  3.49571   -2.16862  1.000 36.93561  ?  17  DG    A O6    1 
ATOM   355 N  N1    . DG    A 1 17 ? -1.77195  5.19571   -0.87080  1.000 36.04331  ?  17  DG    A N1    1 
ATOM   356 C  C2    . DG    A 1 17 ? -1.90956  6.39773   -0.21080  1.000 37.25072  ?  17  DG    A C2    1 
ATOM   357 N  N2    . DG    A 1 17 ? -0.82736  6.84842   0.43134   1.000 35.36684  ?  17  DG    A N2    1 
ATOM   358 N  N3    . DG    A 1 17 ? -3.03381  7.09459   -0.15956  1.000 36.55165  ?  17  DG    A N3    1 
ATOM   359 C  C4    . DG    A 1 17 ? -4.02483  6.48597   -0.84618  1.000 36.59780  ?  17  DG    A C4    1 
ATOM   360 P  P     . DG    A 1 18 ? -8.77412  8.84597   2.40611   1.000 40.57267  ?  18  DG    A P     1 
ATOM   361 O  OP1   . DG    A 1 18 ? -9.84189  9.81918   2.76050   1.000 43.62166  ?  18  DG    A OP1   1 
ATOM   362 O  OP2   . DG    A 1 18 ? -7.92098  8.35603   3.47688   1.000 37.03789  -1 18  DG    A OP2   1 
ATOM   363 O  "O5'" . DG    A 1 18 ? -9.56409  7.63489   1.79284   1.000 42.57962  ?  18  DG    A "O5'" 1 
ATOM   364 C  "C5'" . DG    A 1 18 ? -8.88480  6.62128   1.12442   1.000 37.24625  ?  18  DG    A "C5'" 1 
ATOM   365 C  "C4'" . DG    A 1 18 ? -9.88932  5.65775   0.56007   1.000 37.41768  ?  18  DG    A "C4'" 1 
ATOM   366 O  "O4'" . DG    A 1 18 ? -9.20047  4.65327   -0.21636  1.000 36.68930  ?  18  DG    A "O4'" 1 
ATOM   367 C  "C3'" . DG    A 1 18 ? -10.66304 4.89376   1.61648   1.000 38.61655  ?  18  DG    A "C3'" 1 
ATOM   368 O  "O3'" . DG    A 1 18 ? -11.95796 4.61004   1.14222   1.000 40.37776  ?  18  DG    A "O3'" 1 
ATOM   369 C  "C2'" . DG    A 1 18 ? -9.83146  3.62319   1.77309   1.000 35.23445  ?  18  DG    A "C2'" 1 
ATOM   370 C  "C1'" . DG    A 1 18 ? -9.45639  3.38641   0.32618   1.000 37.74210  ?  18  DG    A "C1'" 1 
ATOM   371 N  N9    . DG    A 1 18 ? -8.25818  2.57437   0.11706   1.000 35.03530  ?  18  DG    A N9    1 
ATOM   372 C  C8    . DG    A 1 18 ? -8.18793  1.42060   -0.61171  1.000 38.06922  ?  18  DG    A C8    1 
ATOM   373 N  N7    . DG    A 1 18 ? -6.99574  0.92435   -0.67804  1.000 35.96722  ?  18  DG    A N7    1 
ATOM   374 C  C5    . DG    A 1 18 ? -6.20525  1.81794   0.02844   1.000 33.14401  ?  18  DG    A C5    1 
ATOM   375 C  C6    . DG    A 1 18 ? -4.81369  1.77449   0.29584   1.000 34.65875  ?  18  DG    A C6    1 
ATOM   376 O  O6    . DG    A 1 18 ? -3.99569  0.95591   -0.08941  1.000 31.41694  ?  18  DG    A O6    1 
ATOM   377 N  N1    . DG    A 1 18 ? -4.39700  2.83597   1.06477   1.000 28.98686  ?  18  DG    A N1    1 
ATOM   378 C  C2    . DG    A 1 18 ? -5.22297  3.85213   1.50105   1.000 34.76085  ?  18  DG    A C2    1 
ATOM   379 N  N2    . DG    A 1 18 ? -4.63539  4.79500   2.23961   1.000 30.06822  ?  18  DG    A N2    1 
ATOM   380 N  N3    . DG    A 1 18 ? -6.53745  3.90898   1.26448   1.000 33.98696  ?  18  DG    A N3    1 
ATOM   381 C  C4    . DG    A 1 18 ? -6.96179  2.84221   0.53600   1.000 34.00545  ?  18  DG    A C4    1 
ATOM   382 P  P     . DG    A 1 19 ? -13.07710 4.15794   2.18788   1.000 39.66733  ?  19  DG    A P     1 
ATOM   383 O  OP1   . DG    A 1 19 ? -14.42803 4.34821   1.61857   1.000 48.77532  ?  19  DG    A OP1   1 
ATOM   384 O  OP2   . DG    A 1 19 ? -12.69307 4.71644   3.50292   1.000 45.50758  -1 19  DG    A OP2   1 
ATOM   385 O  "O5'" . DG    A 1 19 ? -12.83458 2.59915   2.33757   1.000 39.44190  ?  19  DG    A "O5'" 1 
ATOM   386 C  "C5'" . DG    A 1 19 ? -13.07232 1.75229   1.24785   1.000 42.33205  ?  19  DG    A "C5'" 1 
ATOM   387 C  "C4'" . DG    A 1 19 ? -12.63944 0.34076   1.58508   1.000 41.60146  ?  19  DG    A "C4'" 1 
ATOM   388 O  "O4'" . DG    A 1 19 ? -11.19986 0.23627   1.50886   1.000 39.40773  ?  19  DG    A "O4'" 1 
ATOM   389 C  "C3'" . DG    A 1 19 ? -13.01559 -0.12965  2.99066   1.000 41.04136  ?  19  DG    A "C3'" 1 
ATOM   390 O  "O3'" . DG    A 1 19 ? -13.70394 -1.34384  2.90690   1.000 43.21563  ?  19  DG    A "O3'" 1 
ATOM   391 C  "C2'" . DG    A 1 19 ? -11.67316 -0.30559  3.70375   1.000 40.24084  ?  19  DG    A "C2'" 1 
ATOM   392 C  "C1'" . DG    A 1 19 ? -10.74870 -0.59550  2.54128   1.000 38.97791  ?  19  DG    A "C1'" 1 
ATOM   393 N  N9    . DG    A 1 19 ? -9.35706  -0.26649  2.80981   1.000 35.83409  ?  19  DG    A N9    1 
ATOM   394 C  C8    . DG    A 1 19 ? -8.88101  0.81843   3.48985   1.000 34.50088  ?  19  DG    A C8    1 
ATOM   395 N  N7    . DG    A 1 19 ? -7.57995  0.87594   3.55379   1.000 32.80613  ?  19  DG    A N7    1 
ATOM   396 C  C5    . DG    A 1 19 ? -7.16129  -0.26256  2.87320   1.000 32.84888  ?  19  DG    A C5    1 
ATOM   397 C  C6    . DG    A 1 19 ? -5.86199  -0.72892  2.60656   1.000 33.22878  ?  19  DG    A C6    1 
ATOM   398 O  O6    . DG    A 1 19 ? -4.78507  -0.23728  2.96101   1.000 32.69156  ?  19  DG    A O6    1 
ATOM   399 N  N1    . DG    A 1 19 ? -5.88284  -1.91120  1.87073   1.000 31.31587  ?  19  DG    A N1    1 
ATOM   400 C  C2    . DG    A 1 19 ? -7.01395  -2.54595  1.43589   1.000 36.38944  ?  19  DG    A C2    1 
ATOM   401 N  N2    . DG    A 1 19 ? -6.82527  -3.68750  0.75093   1.000 38.33970  ?  19  DG    A N2    1 
ATOM   402 N  N3    . DG    A 1 19 ? -8.24618  -2.11244  1.67082   1.000 38.00292  ?  19  DG    A N3    1 
ATOM   403 C  C4    . DG    A 1 19 ? -8.24227  -0.97361  2.40084   1.000 34.41614  ?  19  DG    A C4    1 
ATOM   404 P  P     . DT    A 1 20 ? -14.97190 -1.58919  3.85171   1.000 44.32002  ?  20  DT    A P     1 
ATOM   405 O  OP1   . DT    A 1 20 ? -15.55647 -2.89708  3.48571   1.000 46.68332  ?  20  DT    A OP1   1 
ATOM   406 O  OP2   . DT    A 1 20 ? -15.78799 -0.37991  3.76079   1.000 45.48484  -1 20  DT    A OP2   1 
ATOM   407 O  "O5'" . DT    A 1 20 ? -14.33086 -1.68565  5.32117   1.000 43.56483  ?  20  DT    A "O5'" 1 
ATOM   408 C  "C5'" . DT    A 1 20 ? -15.14520 -1.40603  6.45706   1.000 42.91451  ?  20  DT    A "C5'" 1 
ATOM   409 C  "C4'" . DT    A 1 20 ? -14.45455 -1.81605  7.74943   1.000 42.43097  ?  20  DT    A "C4'" 1 
ATOM   410 O  "O4'" . DT    A 1 20 ? -14.31849 -3.24873  7.78582   1.000 42.27730  ?  20  DT    A "O4'" 1 
ATOM   411 C  "C3'" . DT    A 1 20 ? -13.05018 -1.27414  7.94725   1.000 41.25369  ?  20  DT    A "C3'" 1 
ATOM   412 O  "O3'" . DT    A 1 20 ? -13.12348 -0.02977  8.60265   1.000 40.57302  ?  20  DT    A "O3'" 1 
ATOM   413 C  "C2'" . DT    A 1 20 ? -12.42284 -2.32050  8.86235   1.000 41.82088  ?  20  DT    A "C2'" 1 
ATOM   414 C  "C1'" . DT    A 1 20 ? -13.12108 -3.60590  8.44278   1.000 42.54495  ?  20  DT    A "C1'" 1 
ATOM   415 N  N1    . DT    A 1 20 ? -12.31909 -4.43821  7.51901   1.000 43.75934  ?  20  DT    A N1    1 
ATOM   416 C  C2    . DT    A 1 20 ? -11.36736 -5.27405  8.03674   1.000 44.23214  ?  20  DT    A C2    1 
ATOM   417 O  O2    . DT    A 1 20 ? -11.12725 -5.34468  9.22366   1.000 41.83479  ?  20  DT    A O2    1 
ATOM   418 N  N3    . DT    A 1 20 ? -10.67854 -6.00963  7.10909   1.000 47.29882  ?  20  DT    A N3    1 
ATOM   419 C  C4    . DT    A 1 20 ? -10.86227 -5.99514  5.73775   1.000 46.23189  ?  20  DT    A C4    1 
ATOM   420 O  O4    . DT    A 1 20 ? -10.19971 -6.69353  4.98326   1.000 48.14469  ?  20  DT    A O4    1 
ATOM   421 C  C5    . DT    A 1 20 ? -11.89420 -5.11106  5.26086   1.000 45.44812  ?  20  DT    A C5    1 
ATOM   422 C  C7    . DT    A 1 20 ? -12.18052 -5.01259  3.79486   1.000 47.92656  ?  20  DT    A C7    1 
ATOM   423 C  C6    . DT    A 1 20 ? -12.56814 -4.38001  6.16494   1.000 44.76133  ?  20  DT    A C6    1 
ATOM   424 P  P     . DT    A 1 21 ? -12.61217 1.30738   7.88629   1.000 42.26935  ?  21  DT    A P     1 
ATOM   425 O  OP1   . DT    A 1 21 ? -13.12981 2.47603   8.63291   1.000 51.59863  ?  21  DT    A OP1   1 
ATOM   426 O  OP2   . DT    A 1 21 ? -12.89134 1.17835   6.43643   1.000 41.77956  -1 21  DT    A OP2   1 
ATOM   427 O  "O5'" . DT    A 1 21 ? -11.05287 1.27527   8.11130   1.000 40.04033  ?  21  DT    A "O5'" 1 
ATOM   428 C  "C5'" . DT    A 1 21 ? -10.53496 1.42151   9.39495   1.000 42.35265  ?  21  DT    A "C5'" 1 
ATOM   429 C  "C4'" . DT    A 1 21 ? -9.09375  1.86345   9.33174   1.000 38.97196  ?  21  DT    A "C4'" 1 
ATOM   430 O  "O4'" . DT    A 1 21 ? -8.25316  0.74205   8.93850   1.000 35.65368  ?  21  DT    A "O4'" 1 
ATOM   431 C  "C3'" . DT    A 1 21 ? -8.80674  2.97159   8.32912   1.000 40.00255  ?  21  DT    A "C3'" 1 
ATOM   432 O  "O3'" . DT    A 1 21 ? -7.85720  3.83897   8.87565   1.000 41.96930  ?  21  DT    A "O3'" 1 
ATOM   433 C  "C2'" . DT    A 1 21 ? -8.23454  2.21684   7.13275   1.000 36.01686  ?  21  DT    A "C2'" 1 
ATOM   434 C  "C1'" . DT    A 1 21 ? -7.47094  1.10707   7.82454   1.000 34.90344  ?  21  DT    A "C1'" 1 
ATOM   435 N  N1    . DT    A 1 21 ? -7.28369  -0.09716  6.98420   1.000 32.40548  ?  21  DT    A N1    1 
ATOM   436 C  C2    . DT    A 1 21 ? -6.00993  -0.46993  6.64427   1.000 32.83816  ?  21  DT    A C2    1 
ATOM   437 O  O2    . DT    A 1 21 ? -5.03503  0.15161   6.99916   1.000 30.84670  ?  21  DT    A O2    1 
ATOM   438 N  N3    . DT    A 1 21 ? -5.91967  -1.60833  5.88659   1.000 30.93567  ?  21  DT    A N3    1 
ATOM   439 C  C4    . DT    A 1 21 ? -6.96345  -2.38122  5.42207   1.000 33.55015  ?  21  DT    A C4    1 
ATOM   440 O  O4    . DT    A 1 21 ? -6.79446  -3.39217  4.73575   1.000 33.92577  ?  21  DT    A O4    1 
ATOM   441 C  C5    . DT    A 1 21 ? -8.28524  -1.92927  5.81183   1.000 34.89462  ?  21  DT    A C5    1 
ATOM   442 C  C7    . DT    A 1 21 ? -9.49689  -2.69867  5.37108   1.000 35.38592  ?  21  DT    A C7    1 
ATOM   443 C  C6    . DT    A 1 21 ? -8.37743  -0.82359  6.56746   1.000 33.24035  ?  21  DT    A C6    1 
ATOM   444 P  P     . DG    A 1 22 ? -7.74518  5.35022   8.36664   1.000 48.69602  ?  22  DG    A P     1 
ATOM   445 O  OP1   . DG    A 1 22 ? -8.89485  6.09282   8.92011   1.000 54.31745  ?  22  DG    A OP1   1 
ATOM   446 O  OP2   . DG    A 1 22 ? -7.50285  5.26384   6.89782   1.000 42.40379  -1 22  DG    A OP2   1 
ATOM   447 O  "O5'" . DG    A 1 22 ? -6.38255  5.85683   9.02652   1.000 42.99025  ?  22  DG    A "O5'" 1 
ATOM   448 C  "C5'" . DG    A 1 22 ? -5.17471  5.15100   8.73426   1.000 39.77579  ?  22  DG    A "C5'" 1 
ATOM   449 C  "C4'" . DG    A 1 22 ? -3.95116  5.98675   9.04715   1.000 39.57028  ?  22  DG    A "C4'" 1 
ATOM   450 O  "O4'" . DG    A 1 22 ? -2.77535  5.15885   8.87168   1.000 33.99823  ?  22  DG    A "O4'" 1 
ATOM   451 C  "C3'" . DG    A 1 22 ? -3.72557  7.17798   8.12773   1.000 40.82130  ?  22  DG    A "C3'" 1 
ATOM   452 O  "O3'" . DG    A 1 22 ? -2.88866  8.15138   8.79234   1.000 43.02048  ?  22  DG    A "O3'" 1 
ATOM   453 C  "C2'" . DG    A 1 22 ? -3.00371  6.52402   6.94861   1.000 37.82401  ?  22  DG    A "C2'" 1 
ATOM   454 C  "C1'" . DG    A 1 22 ? -2.09689  5.54314   7.68340   1.000 37.10017  ?  22  DG    A "C1'" 1 
ATOM   455 N  N9    . DG    A 1 22 ? -1.74841  4.32641   6.94767   1.000 33.23735  ?  22  DG    A N9    1 
ATOM   456 C  C8    . DG    A 1 22 ? -0.53015  3.71292   6.96109   1.000 34.42262  ?  22  DG    A C8    1 
ATOM   457 N  N7    . DG    A 1 22 ? -0.47835  2.63678   6.24489   1.000 32.02759  ?  22  DG    A N7    1 
ATOM   458 C  C5    . DG    A 1 22 ? -1.75041  2.48474   5.74785   1.000 30.25633  ?  22  DG    A C5    1 
ATOM   459 C  C6    . DG    A 1 22 ? -2.27525  1.48477   4.89192   1.000 30.64307  ?  22  DG    A C6    1 
ATOM   460 O  O6    . DG    A 1 22 ? -1.68723  0.50387   4.41439   1.000 32.26413  ?  22  DG    A O6    1 
ATOM   461 N  N1    . DG    A 1 22 ? -3.61802  1.70818   4.60068   1.000 31.21251  ?  22  DG    A N1    1 
ATOM   462 C  C2    . DG    A 1 22 ? -4.34650  2.78861   5.07723   1.000 33.43496  ?  22  DG    A C2    1 
ATOM   463 N  N2    . DG    A 1 22 ? -5.64245  2.87709   4.69800   1.000 31.49277  ?  22  DG    A N2    1 
ATOM   464 N  N3    . DG    A 1 22 ? -3.84812  3.71331   5.86990   1.000 32.36294  ?  22  DG    A N3    1 
ATOM   465 C  C4    . DG    A 1 22 ? -2.55679  3.52042   6.15319   1.000 32.85396  ?  22  DG    A C4    1 
ATOM   466 P  P     . DG    A 1 23 ? -2.35292  9.43681   8.00115   1.000 39.58917  ?  23  DG    A P     1 
ATOM   467 O  OP1   . DG    A 1 23 ? -1.84069  10.38785  9.00589   1.000 48.90372  ?  23  DG    A OP1   1 
ATOM   468 O  OP2   . DG    A 1 23 ? -3.36067  9.80356   6.98670   1.000 45.14937  -1 23  DG    A OP2   1 
ATOM   469 O  "O5'" . DG    A 1 23 ? -1.13626  8.89095   7.10972   1.000 41.86962  ?  23  DG    A "O5'" 1 
ATOM   470 C  "C5'" . DG    A 1 23 ? 0.12748   8.71033   7.66295   1.000 43.87284  ?  23  DG    A "C5'" 1 
ATOM   471 C  "C4'" . DG    A 1 23 ? 1.03425   7.98775   6.67611   1.000 43.60704  ?  23  DG    A "C4'" 1 
ATOM   472 O  "O4'" . DG    A 1 23 ? 0.34387   6.84438   6.13133   1.000 38.15469  ?  23  DG    A "O4'" 1 
ATOM   473 C  "C3'" . DG    A 1 23 ? 1.49604   8.81245   5.46107   1.000 45.59381  ?  23  DG    A "C3'" 1 
ATOM   474 O  "O3'" . DG    A 1 23 ? 2.91178   8.84978   5.43174   1.000 52.35351  ?  23  DG    A "O3'" 1 
ATOM   475 C  "C2'" . DG    A 1 23 ? 0.94383   8.03597   4.26781   1.000 41.81384  ?  23  DG    A "C2'" 1 
ATOM   476 C  "C1'" . DG    A 1 23 ? 0.86565   6.63988   4.85476   1.000 38.82336  ?  23  DG    A "C1'" 1 
ATOM   477 N  N9    . DG    A 1 23 ? 0.00309   5.73147   4.10283   1.000 34.97935  ?  23  DG    A N9    1 
ATOM   478 C  C8    . DG    A 1 23 ? -1.32691  5.89341   3.80529   1.000 35.21961  ?  23  DG    A C8    1 
ATOM   479 N  N7    . DG    A 1 23 ? -1.81063  4.92095   3.07562   1.000 32.93911  ?  23  DG    A N7    1 
ATOM   480 C  C5    . DG    A 1 23 ? -0.73458  4.06420   2.89118   1.000 32.81380  ?  23  DG    A C5    1 
ATOM   481 C  C6    . DG    A 1 23 ? -0.66603  2.84406   2.20388   1.000 32.34416  ?  23  DG    A C6    1 
ATOM   482 O  O6    . DG    A 1 23 ? -1.56508  2.27040   1.59416   1.000 32.63893  ?  23  DG    A O6    1 
ATOM   483 N  N1    . DG    A 1 23 ? 0.61634   2.29189   2.24475   1.000 30.92514  ?  23  DG    A N1    1 
ATOM   484 C  C2    . DG    A 1 23 ? 1.68447   2.85665   2.89069   1.000 32.27923  ?  23  DG    A C2    1 
ATOM   485 N  N2    . DG    A 1 23 ? 2.84320   2.18742   2.82651   1.000 33.77560  ?  23  DG    A N2    1 
ATOM   486 N  N3    . DG    A 1 23 ? 1.62156   4.00034   3.55208   1.000 34.66081  ?  23  DG    A N3    1 
ATOM   487 C  C4    . DG    A 1 23 ? 0.38549   4.54655   3.50652   1.000 34.06001  ?  23  DG    A C4    1 
ATOM   488 P  P     . DG    A 1 24 ? 3.69549   9.82495   4.42426   1.000 54.86628  ?  24  DG    A P     1 
ATOM   489 O  OP1   . DG    A 1 24 ? 4.64605   10.59248  5.24916   1.000 63.15704  ?  24  DG    A OP1   1 
ATOM   490 O  OP2   . DG    A 1 24 ? 2.71885   10.52974  3.56675   1.000 58.11165  -1 24  DG    A OP2   1 
ATOM   491 O  "O5'" . DG    A 1 24 ? 4.51873   8.82959   3.48746   1.000 52.25387  ?  24  DG    A "O5'" 1 
ATOM   492 C  "C5'" . DG    A 1 24 ? 5.39625   7.87592   4.06689   1.000 52.94193  ?  24  DG    A "C5'" 1 
ATOM   493 C  "C4'" . DG    A 1 24 ? 6.03528   6.99022   3.00278   1.000 51.21352  ?  24  DG    A "C4'" 1 
ATOM   494 O  "O4'" . DG    A 1 24 ? 5.09550   5.97619   2.57164   1.000 46.39654  ?  24  DG    A "O4'" 1 
ATOM   495 C  "C3'" . DG    A 1 24 ? 6.51892   7.70250   1.73418   1.000 52.79529  ?  24  DG    A "C3'" 1 
ATOM   496 O  "O3'" . DG    A 1 24 ? 7.85062   7.29802   1.43074   1.000 55.68724  ?  24  DG    A "O3'" 1 
ATOM   497 C  "C2'" . DG    A 1 24 ? 5.54467   7.22959   0.66179   1.000 49.39226  ?  24  DG    A "C2'" 1 
ATOM   498 C  "C1'" . DG    A 1 24 ? 5.13928   5.86040   1.17452   1.000 46.36868  ?  24  DG    A "C1'" 1 
ATOM   499 N  N9    . DG    A 1 24 ? 3.81575   5.46382   0.71511   1.000 41.50511  ?  24  DG    A N9    1 
ATOM   500 C  C8    . DG    A 1 24 ? 2.63747   6.13493   0.92131   1.000 39.67668  ?  24  DG    A C8    1 
ATOM   501 N  N7    . DG    A 1 24 ? 1.60939   5.55960   0.36227   1.000 37.41459  ?  24  DG    A N7    1 
ATOM   502 C  C5    . DG    A 1 24 ? 2.14489   4.42690   -0.24551  1.000 38.48254  ?  24  DG    A C5    1 
ATOM   503 C  C6    . DG    A 1 24 ? 1.51351   3.41413   -1.00559  1.000 36.99504  ?  24  DG    A C6    1 
ATOM   504 O  O6    . DG    A 1 24 ? 0.31398   3.29769   -1.28677  1.000 37.62697  ?  24  DG    A O6    1 
ATOM   505 N  N1    . DG    A 1 24 ? 2.42046   2.46342   -1.45588  1.000 36.79182  ?  24  DG    A N1    1 
ATOM   506 C  C2    . DG    A 1 24 ? 3.77348   2.49329   -1.21231  1.000 38.91845  ?  24  DG    A C2    1 
ATOM   507 N  N2    . DG    A 1 24 ? 4.49628   1.49330   -1.74121  1.000 38.26510  ?  24  DG    A N2    1 
ATOM   508 N  N3    . DG    A 1 24 ? 4.37870   3.44007   -0.50315  1.000 39.81897  ?  24  DG    A N3    1 
ATOM   509 C  C4    . DG    A 1 24 ? 3.50383   4.37206   -0.05743  1.000 40.26243  ?  24  DG    A C4    1 
ATOM   510 P  P     . DG    A 1 25 ? 8.77123   8.15310   0.43619   1.000 61.36768  ?  25  DG    A P     1 
ATOM   511 O  OP1   . DG    A 1 25 ? 10.10159  8.25121   1.07705   1.000 63.52626  ?  25  DG    A OP1   1 
ATOM   512 O  OP2   . DG    A 1 25 ? 8.05745   9.37230   -0.00052  1.000 61.22075  -1 25  DG    A OP2   1 
ATOM   513 O  "O5'" . DG    A 1 25 ? 8.90625   7.21365   -0.84615  1.000 60.51281  ?  25  DG    A "O5'" 1 
ATOM   514 C  "C5'" . DG    A 1 25 ? 9.12444   5.81191   -0.66744  1.000 58.54411  ?  25  DG    A "C5'" 1 
ATOM   515 C  "C4'" . DG    A 1 25 ? 9.25452   5.09932   -2.00371  1.000 56.66556  ?  25  DG    A "C4'" 1 
ATOM   516 O  "O4'" . DG    A 1 25 ? 8.00747   4.42771   -2.32046  1.000 53.48916  ?  25  DG    A "O4'" 1 
ATOM   517 C  "C3'" . DG    A 1 25 ? 9.57036   6.00323   -3.19532  1.000 59.62319  ?  25  DG    A "C3'" 1 
ATOM   518 O  "O3'" . DG    A 1 25 ? 10.52658  5.37984   -4.04780  1.000 61.47317  ?  25  DG    A "O3'" 1 
ATOM   519 C  "C2'" . DG    A 1 25 ? 8.22496   6.14337   -3.89084  1.000 57.15305  ?  25  DG    A "C2'" 1 
ATOM   520 C  "C1'" . DG    A 1 25 ? 7.59587   4.78587   -3.61934  1.000 53.74167  ?  25  DG    A "C1'" 1 
ATOM   521 N  N9    . DG    A 1 25 ? 6.14887   4.83171   -3.62867  1.000 48.21942  ?  25  DG    A N9    1 
ATOM   522 C  C8    . DG    A 1 25 ? 5.37302   5.79841   -3.05637  1.000 47.51715  ?  25  DG    A C8    1 
ATOM   523 N  N7    . DG    A 1 25 ? 4.10140   5.59586   -3.20951  1.000 46.26627  ?  25  DG    A N7    1 
ATOM   524 C  C5    . DG    A 1 25 ? 4.02230   4.41449   -3.92511  1.000 44.77221  ?  25  DG    A C5    1 
ATOM   525 C  C6    . DG    A 1 25 ? 2.88636   3.70534   -4.37703  1.000 43.29904  ?  25  DG    A C6    1 
ATOM   526 O  O6    . DG    A 1 25 ? 1.69869   3.99593   -4.23069  1.000 40.93796  ?  25  DG    A O6    1 
ATOM   527 N  N1    . DG    A 1 25 ? 3.23398   2.54278   -5.05381  1.000 42.39251  ?  25  DG    A N1    1 
ATOM   528 C  C2    . DG    A 1 25 ? 4.52111   2.13604   -5.28572  1.000 43.35288  ?  25  DG    A C2    1 
ATOM   529 N  N2    . DG    A 1 25 ? 4.65309   1.00370   -5.98228  1.000 44.84290  ?  25  DG    A N2    1 
ATOM   530 N  N3    . DG    A 1 25 ? 5.60240   2.79660   -4.87035  1.000 45.25255  ?  25  DG    A N3    1 
ATOM   531 C  C4    . DG    A 1 25 ? 5.27455   3.92564   -4.19703  1.000 46.40105  ?  25  DG    A C4    1 
HETATM 532 C  C10   . A1AVT B 2 .  ? -3.97822  -4.82982  4.26855   1.000 32.69870  ?  101 A1AVT A C10   1 
HETATM 533 C  C13   . A1AVT B 2 .  ? 2.22983   -4.99938  6.06074   1.000 32.53919  ?  101 A1AVT A C13   1 
HETATM 534 C  C15   . A1AVT B 2 .  ? 4.43518   -5.79676  6.24231   1.000 35.07349  ?  101 A1AVT A C15   1 
HETATM 535 C  C17   . A1AVT B 2 .  ? 6.06026   -4.64557  7.57763   1.000 36.83158  ?  101 A1AVT A C17   1 
HETATM 536 C  C20   . A1AVT B 2 .  ? 2.78838   -2.88959  7.72148   1.000 32.52545  ?  101 A1AVT A C20   1 
HETATM 537 C  C21   . A1AVT B 2 .  ? 1.47792   -3.03353  7.18999   1.000 31.81228  ?  101 A1AVT A C21   1 
HETATM 538 C  C22   . A1AVT B 2 .  ? 0.44766   -2.07132  7.53189   1.000 31.62213  ?  101 A1AVT A C22   1 
HETATM 539 C  C26   . A1AVT B 2 .  ? -0.68568  1.94335   9.85985   1.000 33.91832  ?  101 A1AVT A C26   1 
HETATM 540 C  C28   . A1AVT B 2 .  ? -2.35209  0.83422   8.59553   1.000 29.66417  ?  101 A1AVT A C28   1 
HETATM 541 C  C02   . A1AVT B 2 .  ? -2.49614  -3.56190  5.58354   1.000 31.57464  ?  101 A1AVT A C02   1 
HETATM 542 C  C03   . A1AVT B 2 .  ? -1.17593  -3.34972  6.13925   1.000 30.10314  ?  101 A1AVT A C03   1 
HETATM 543 C  C04   . A1AVT B 2 .  ? -0.16838  -4.24952  5.83136   1.000 31.20942  ?  101 A1AVT A C04   1 
HETATM 544 C  C05   . A1AVT B 2 .  ? -0.46185  -5.36355  5.00233   1.000 31.50435  ?  101 A1AVT A C05   1 
HETATM 545 C  C06   . A1AVT B 2 .  ? -1.77541  -5.51524  4.47841   1.000 33.33779  ?  101 A1AVT A C06   1 
HETATM 546 C  C07   . A1AVT B 2 .  ? -2.02512  -6.65779  3.66173   1.000 32.67521  ?  101 A1AVT A C07   1 
HETATM 547 C  C08   . A1AVT B 2 .  ? -3.29351  -6.85884  3.12209   1.000 32.60718  ?  101 A1AVT A C08   1 
HETATM 548 C  C09   . A1AVT B 2 .  ? -4.28510  -5.91590  3.44960   1.000 33.04512  ?  101 A1AVT A C09   1 
HETATM 549 C  C12   . A1AVT B 2 .  ? 1.18070   -4.09578  6.37991   1.000 30.14100  ?  101 A1AVT A C12   1 
HETATM 550 C  C16   . A1AVT B 2 .  ? 5.72513   -5.70963  6.74049   1.000 38.01577  ?  101 A1AVT A C16   1 
HETATM 551 C  C18   . A1AVT B 2 .  ? 5.06094   -3.72543  7.90855   1.000 36.51970  ?  101 A1AVT A C18   1 
HETATM 552 C  C19   . A1AVT B 2 .  ? 3.76847   -3.86842  7.36103   1.000 32.54448  ?  101 A1AVT A C19   1 
HETATM 553 C  C23   . A1AVT B 2 .  ? 0.80853   -0.98629  8.37444   1.000 31.36008  ?  101 A1AVT A C23   1 
HETATM 554 C  C25   . A1AVT B 2 .  ? 0.24543   0.97177   9.48721   1.000 33.02598  ?  101 A1AVT A C25   1 
HETATM 555 C  C27   . A1AVT B 2 .  ? -2.00681  1.90748   9.41530   1.000 32.72473  ?  101 A1AVT A C27   1 
HETATM 556 C  C29   . A1AVT B 2 .  ? -1.36966  -0.13743  8.24579   1.000 31.62040  ?  101 A1AVT A C29   1 
HETATM 557 C  C30   . A1AVT B 2 .  ? -1.78344  -1.20120  7.40525   1.000 30.06174  ?  101 A1AVT A C30   1 
HETATM 558 C  C31   . A1AVT B 2 .  ? -0.83818  -2.20933  7.02056   1.000 31.40160  ?  101 A1AVT A C31   1 
HETATM 559 N  N11   . A1AVT B 2 .  ? -2.72873  -4.66465  4.78266   1.000 30.64548  ?  101 A1AVT A N11   1 
HETATM 560 N  N14   . A1AVT B 2 .  ? 3.49255   -4.85894  6.58565   1.000 34.98231  ?  101 A1AVT A N14   1 
HETATM 561 N  N24   . A1AVT B 2 .  ? -0.14745  -0.04988  8.67919   1.000 28.87880  ?  101 A1AVT A N24   1 
HETATM 562 O  O01   . A1AVT B 2 .  ? -3.42245  -2.85034  5.80053   1.000 31.91123  ?  101 A1AVT A O01   1 
HETATM 563 K  K     . K     C 3 .  ? -2.24979  -0.48817  1.87336   1.000 27.31985  ?  102 K     A K     1 
HETATM 564 K  K     . K     D 3 .  ? -1.37389  1.21342   -1.06197  1.000 29.17428  ?  103 K     A K     1 
HETATM 565 K  K     . K     E 3 .  ? -0.60441  2.77422   -4.06020  1.000 33.44059  ?  104 K     A K     1 
HETATM 566 CA CA    . CA    F 4 .  ? -2.27546  -13.01907 -6.05989  1.000 39.88860  ?  105 CA    A CA    1 
HETATM 567 CA CA    . CA    G 4 .  ? -17.70806 0.85155   2.82227   1.000 53.89010  ?  106 CA    A CA    1 
HETATM 568 CA CA    . CA    H 4 .  ? 12.19485  -2.69960  5.02829   1.000 42.66919  ?  107 CA    A CA    1 
HETATM 569 N  N1    A EPE   I 5 .  ? 4.36758   -7.11429  -0.95337  0.570 36.88422  ?  108 EPE   A N1    1 
HETATM 570 N  N1    B EPE   I 5 .  ? 4.36011   -7.26404  0.67785   0.430 38.24487  ?  108 EPE   A N1    1 
HETATM 571 C  C2    A EPE   I 5 .  ? 3.06238   -6.79727  -0.39497  0.570 37.43070  ?  108 EPE   A C2    1 
HETATM 572 C  C2    B EPE   I 5 .  ? 2.95879   -7.39515  0.36786   0.430 37.51134  ?  108 EPE   A C2    1 
HETATM 573 C  C3    A EPE   I 5 .  ? 1.92116   -7.14409  -1.34735  0.570 36.91089  ?  108 EPE   A C3    1 
HETATM 574 C  C3    B EPE   I 5 .  ? 2.63152   -7.43714  -1.10146  0.430 37.35149  ?  108 EPE   A C3    1 
HETATM 575 N  N4    A EPE   I 5 .  ? 2.10512   -6.58031  -2.67429  0.570 37.34954  ?  108 EPE   A N4    1 
HETATM 576 N  N4    B EPE   I 5 .  ? 3.15203   -6.25767  -1.75380  0.430 37.98282  ?  108 EPE   A N4    1 
HETATM 577 C  C5    A EPE   I 5 .  ? 3.42113   -6.92124  -3.18538  0.570 38.68330  ?  108 EPE   A C5    1 
HETATM 578 C  C5    B EPE   I 5 .  ? 4.58502   -6.14609  -1.48668  0.430 38.09498  ?  108 EPE   A C5    1 
HETATM 579 C  C6    A EPE   I 5 .  ? 4.48754   -6.43095  -2.22897  0.570 38.02234  ?  108 EPE   A C6    1 
HETATM 580 C  C6    B EPE   I 5 .  ? 4.91824   -6.11130  0.00349   0.430 37.96627  ?  108 EPE   A C6    1 
HETATM 581 C  C7    A EPE   I 5 .  ? 1.09125   -6.97676  -3.63559  0.570 37.90219  ?  108 EPE   A C7    1 
HETATM 582 C  C7    B EPE   I 5 .  ? 2.86628   -6.31316  -3.17688  0.430 37.76068  ?  108 EPE   A C7    1 
HETATM 583 C  C8    A EPE   I 5 .  ? 0.74969   -5.89903  -4.65171  0.570 37.83612  ?  108 EPE   A C8    1 
HETATM 584 C  C8    B EPE   I 5 .  ? 1.50246   -6.87879  -3.54078  0.430 37.78551  ?  108 EPE   A C8    1 
HETATM 585 O  O8    A EPE   I 5 .  ? 0.05945   -6.45167  -5.74713  0.570 40.62742  ?  108 EPE   A O8    1 
HETATM 586 O  O8    B EPE   I 5 .  ? 1.14154   -6.50727  -4.85551  0.430 38.26034  ?  108 EPE   A O8    1 
HETATM 587 C  C9    A EPE   I 5 .  ? 5.44386   -6.71938  -0.06232  0.570 38.21410  ?  108 EPE   A C9    1 
HETATM 588 C  C9    B EPE   I 5 .  ? 4.64741   -7.33454  2.09885   0.430 39.56080  ?  108 EPE   A C9    1 
HETATM 589 C  C10   A EPE   I 5 .  ? 5.43008   -7.51540  1.23602   0.570 38.81245  ?  108 EPE   A C10   1 
HETATM 590 C  C10   B EPE   I 5 .  ? 3.51788   -6.81411  2.98110   0.430 37.84264  ?  108 EPE   A C10   1 
HETATM 591 S  S     A EPE   I 5 .  ? 6.65262   -6.90249  2.40585   0.570 39.05253  ?  108 EPE   A S     1 
HETATM 592 S  S     B EPE   I 5 .  ? 2.34575   -8.07125  3.51019   0.430 32.28644  ?  108 EPE   A S     1 
HETATM 593 O  O1S   A EPE   I 5 .  ? 7.91518   -6.92842  1.63892   0.570 43.91370  ?  108 EPE   A O1S   1 
HETATM 594 O  O1S   B EPE   I 5 .  ? 1.22626   -8.08087  2.57209   0.430 34.95321  ?  108 EPE   A O1S   1 
HETATM 595 O  O2S   A EPE   I 5 .  ? 6.69009   -7.88113  3.51173   0.570 45.66753  ?  108 EPE   A O2S   1 
HETATM 596 O  O2S   B EPE   I 5 .  ? 1.97140   -7.67352  4.86085   0.430 36.42182  ?  108 EPE   A O2S   1 
HETATM 597 O  O3S   A EPE   I 5 .  ? 6.27128   -5.55001  2.82029   0.570 39.67447  ?  108 EPE   A O3S   1 
HETATM 598 O  O3S   B EPE   I 5 .  ? 3.09831   -9.35772  3.50747   0.430 41.49102  ?  108 EPE   A O3S   1 
HETATM 599 C  C1    . PEG   J 6 .  ? 14.08007  -3.75549  7.45574   1.000 47.68850  ?  109 PEG   A C1    1 
HETATM 600 O  O1    . PEG   J 6 .  ? 13.48470  -2.58060  6.93240   1.000 49.54816  ?  109 PEG   A O1    1 
HETATM 601 C  C2    . PEG   J 6 .  ? 14.19865  -4.79790  6.36934   1.000 47.49746  ?  109 PEG   A C2    1 
HETATM 602 O  O2    . PEG   J 6 .  ? 12.95629  -4.97321  5.72345   1.000 50.65756  ?  109 PEG   A O2    1 
HETATM 603 C  C3    . PEG   J 6 .  ? 12.96904  -5.97053  4.72642   1.000 51.82993  ?  109 PEG   A C3    1 
HETATM 604 C  C4    . PEG   J 6 .  ? 12.34881  -5.44749  3.45411   1.000 53.15820  ?  109 PEG   A C4    1 
HETATM 605 O  O4    . PEG   J 6 .  ? 11.48400  -4.39616  3.78602   1.000 49.26292  ?  109 PEG   A O4    1 
HETATM 606 C  C1    . PEG   K 6 .  ? 7.84219   -10.60221 7.15483   1.000 64.54314  ?  110 PEG   A C1    1 
HETATM 607 O  O1    . PEG   K 6 .  ? 8.62275   -11.76977 7.00769   1.000 67.63313  ?  110 PEG   A O1    1 
HETATM 608 C  C2    . PEG   K 6 .  ? 8.22660   -9.62198  6.07851   1.000 65.52345  ?  110 PEG   A C2    1 
HETATM 609 O  O2    . PEG   K 6 .  ? 9.18467   -10.22828 5.23817   1.000 77.14039  ?  110 PEG   A O2    1 
HETATM 610 C  C3    . PEG   K 6 .  ? 9.99418   -9.27388  4.59212   1.000 74.54118  ?  110 PEG   A C3    1 
HETATM 611 C  C4    . PEG   K 6 .  ? 10.66913  -9.83862  3.36794   1.000 69.37120  ?  110 PEG   A C4    1 
HETATM 612 O  O4    . PEG   K 6 .  ? 10.57283  -8.88163  2.33328   1.000 72.71443  ?  110 PEG   A O4    1 
HETATM 613 C  C1    . PEG   L 6 .  ? 9.77024   1.46171   14.64320  1.000 68.82785  ?  111 PEG   A C1    1 
HETATM 614 O  O1    . PEG   L 6 .  ? 8.78950   0.73549   15.35328  1.000 72.31375  ?  111 PEG   A O1    1 
HETATM 615 C  C2    . PEG   L 6 .  ? 11.11430  0.82348   14.86088  1.000 71.08305  ?  111 PEG   A C2    1 
HETATM 616 O  O2    . PEG   L 6 .  ? 11.14408  0.20343   16.12202  1.000 73.28075  ?  111 PEG   A O2    1 
HETATM 617 C  C3    . PEG   L 6 .  ? 12.44920  -0.16675  16.49935  1.000 78.65962  ?  111 PEG   A C3    1 
HETATM 618 C  C4    . PEG   L 6 .  ? 12.47296  -0.64025  17.93249  1.000 84.75195  ?  111 PEG   A C4    1 
HETATM 619 O  O4    . PEG   L 6 .  ? 13.77368  -1.05980  18.28728  1.000 92.25783  ?  111 PEG   A O4    1 
HETATM 620 C  C1    . PEG   M 6 .  ? 5.69104   9.41701   8.44081   1.000 93.85919  ?  112 PEG   A C1    1 
HETATM 621 O  O1    . PEG   M 6 .  ? 6.27929   9.61592   7.17493   1.000 90.35720  ?  112 PEG   A O1    1 
HETATM 622 C  C2    . PEG   M 6 .  ? 6.29710   8.18978   9.06727   1.000 100.45572 ?  112 PEG   A C2    1 
HETATM 623 O  O2    . PEG   M 6 .  ? 6.51406   7.21759   8.07454   1.000 96.66883  ?  112 PEG   A O2    1 
HETATM 624 C  C3    . PEG   M 6 .  ? 6.71105   5.93101   8.60514   1.000 93.59694  ?  112 PEG   A C3    1 
HETATM 625 C  C4    . PEG   M 6 .  ? 5.46985   5.09020   8.43870   1.000 88.12341  ?  112 PEG   A C4    1 
HETATM 626 O  O4    . PEG   M 6 .  ? 4.37737   5.67620   9.11700   1.000 86.20785  ?  112 PEG   A O4    1 
HETATM 627 C  C1    . PEG   N 6 .  ? 3.17462   13.34187  3.17387   1.000 90.64381  ?  113 PEG   A C1    1 
HETATM 628 O  O1    . PEG   N 6 .  ? 3.84473   14.44793  2.60860   1.000 95.76824  ?  113 PEG   A O1    1 
HETATM 629 C  C2    . PEG   N 6 .  ? 2.60672   13.69373  4.52610   1.000 90.63835  ?  113 PEG   A C2    1 
HETATM 630 O  O2    . PEG   N 6 .  ? 1.49636   12.88058  4.82019   1.000 87.52291  ?  113 PEG   A O2    1 
HETATM 631 C  C3    . PEG   N 6 .  ? 0.97248   13.12661  6.10537   1.000 88.06116  ?  113 PEG   A C3    1 
HETATM 632 C  C4    . PEG   N 6 .  ? -0.36715  13.82169  6.03431   1.000 92.30321  ?  113 PEG   A C4    1 
HETATM 633 O  O4    . PEG   N 6 .  ? -1.41869  12.88079  5.96369   1.000 84.50002  ?  113 PEG   A O4    1 
HETATM 634 O  O1    . PG4   O 7 .  ? -8.38546  -5.42282  -2.34407  1.000 59.35427  ?  114 PG4   A O1    1 
HETATM 635 C  C1    . PG4   O 7 .  ? -8.37334  -5.87242  -0.99822  1.000 65.12881  ?  114 PG4   A C1    1 
HETATM 636 C  C2    . PG4   O 7 .  ? -9.75611  -6.17729  -0.46159  1.000 71.20367  ?  114 PG4   A C2    1 
HETATM 637 O  O2    . PG4   O 7 .  ? -10.25784 -5.11351  0.31545   1.000 71.24335  ?  114 PG4   A O2    1 
HETATM 638 C  C3    . PG4   O 7 .  ? -11.28617 -4.38846  -0.32801  1.000 66.08384  ?  114 PG4   A C3    1 
HETATM 639 C  C4    . PG4   O 7 .  ? -11.00677 -2.90247  -0.28673  1.000 63.57102  ?  114 PG4   A C4    1 
HETATM 640 O  O3    . PG4   O 7 .  ? -10.67645 -2.40183  -1.56654  1.000 67.77614  ?  114 PG4   A O3    1 
HETATM 641 C  C5    . PG4   O 7 .  ? -11.34047 -1.19791  -1.88834  1.000 63.43035  ?  114 PG4   A C5    1 
HETATM 642 C  C6    . PG4   O 7 .  ? -11.26958 -0.91194  -3.37411  1.000 65.94502  ?  114 PG4   A C6    1 
HETATM 643 O  O4    . PG4   O 7 .  ? -10.23019 -0.00574  -3.66374  1.000 62.89558  ?  114 PG4   A O4    1 
HETATM 644 C  C7    . PG4   O 7 .  ? -10.68678 1.23340   -4.16678  1.000 64.42206  ?  114 PG4   A C7    1 
HETATM 645 C  C8    . PG4   O 7 .  ? -9.52724  2.14789   -4.50765  1.000 60.42482  ?  114 PG4   A C8    1 
HETATM 646 O  O5    . PG4   O 7 .  ? -9.62191  3.38992   -3.83671  1.000 54.74613  ?  114 PG4   A O5    1 
HETATM 647 O  O1    . PG4   P 7 .  ? -14.62325 0.32877   12.47343  1.000 77.94744  ?  115 PG4   A O1    1 
HETATM 648 C  C1    . PG4   P 7 .  ? -14.87068 1.53973   13.14658  1.000 85.21219  ?  115 PG4   A C1    1 
HETATM 649 C  C2    . PG4   P 7 .  ? -13.57413 2.27692   13.35645  1.000 84.27063  ?  115 PG4   A C2    1 
HETATM 650 O  O2    . PG4   P 7 .  ? -13.61102 3.53001   12.71446  1.000 89.59231  ?  115 PG4   A O2    1 
HETATM 651 C  C3    . PG4   P 7 .  ? -12.46855 3.78716   11.92222  1.000 85.77518  ?  115 PG4   A C3    1 
HETATM 652 C  C4    . PG4   P 7 .  ? -12.59152 5.09843   11.16885  1.000 85.87710  ?  115 PG4   A C4    1 
HETATM 653 O  O3    . PG4   P 7 .  ? -11.95425 5.01693   9.91218   1.000 79.18974  ?  115 PG4   A O3    1 
HETATM 654 C  C5    . PG4   P 7 .  ? -12.33107 6.01949   8.99788   1.000 78.63277  ?  115 PG4   A C5    1 
HETATM 655 C  C6    . PG4   P 7 .  ? -12.39245 5.41668   7.61670   1.000 77.02777  ?  115 PG4   A C6    1 
HETATM 656 O  O4    . PG4   P 7 .  ? -11.79783 6.26878   6.66913   1.000 84.09699  ?  115 PG4   A O4    1 
HETATM 657 C  C7    . PG4   P 7 .  ? -12.73819 6.88444   5.82177   1.000 77.52117  ?  115 PG4   A C7    1 
HETATM 658 C  C8    . PG4   P 7 .  ? -12.07917 7.37074   4.55471   1.000 68.39775  ?  115 PG4   A C8    1 
HETATM 659 O  O5    . PG4   P 7 .  ? -13.03806 7.98044   3.71688   1.000 76.26047  ?  115 PG4   A O5    1 
HETATM 660 O  O1    . PG4   Q 7 .  ? 12.18256  -4.36761  -2.56728  1.000 56.52669  ?  116 PG4   A O1    1 
HETATM 661 C  C1    . PG4   Q 7 .  ? 12.15462  -3.40838  -1.52822  1.000 58.16204  ?  116 PG4   A C1    1 
HETATM 662 C  C2    . PG4   Q 7 .  ? 11.30298  -3.89893  -0.38130  1.000 56.45482  ?  116 PG4   A C2    1 
HETATM 663 O  O2    . PG4   Q 7 .  ? 11.76489  -5.12387  0.14459   1.000 59.73975  ?  116 PG4   A O2    1 
HETATM 664 C  C3    . PG4   Q 7 .  ? 10.76064  -6.09999  0.30653   1.000 59.38809  ?  116 PG4   A C3    1 
HETATM 665 C  C4    . PG4   Q 7 .  ? 10.66597  -6.98553  -0.91396  1.000 62.49096  ?  116 PG4   A C4    1 
HETATM 666 O  O3    . PG4   Q 7 .  ? 10.22547  -6.27374  -2.05433  1.000 60.89293  ?  116 PG4   A O3    1 
HETATM 667 C  C5    . PG4   Q 7 .  ? 10.02404  -7.11581  -3.17289  1.000 64.74415  ?  116 PG4   A C5    1 
HETATM 668 C  C6    . PG4   Q 7 .  ? 10.79491  -6.63252  -4.37918  1.000 62.41009  ?  116 PG4   A C6    1 
HETATM 669 O  O4    . PG4   Q 7 .  ? 9.97168   -6.64210  -5.52061  1.000 64.52997  ?  116 PG4   A O4    1 
HETATM 670 C  C7    . PG4   Q 7 .  ? 9.77056   -7.91500  -6.08930  1.000 69.41296  ?  116 PG4   A C7    1 
HETATM 671 C  C8    . PG4   Q 7 .  ? 8.82642   -7.82414  -7.26866  1.000 68.09320  ?  116 PG4   A C8    1 
HETATM 672 O  O5    . PG4   Q 7 .  ? 7.50265   -8.12287  -6.87125  1.000 69.46606  ?  116 PG4   A O5    1 
HETATM 673 C  C1    . PEG   R 6 .  ? 8.51733   12.65644  -1.90339  1.000 106.82635 ?  117 PEG   A C1    1 
HETATM 674 O  O1    . PEG   R 6 .  ? 9.13750   13.79966  -1.35576  1.000 113.07263 ?  117 PEG   A O1    1 
HETATM 675 C  C2    . PEG   R 6 .  ? 9.55070   11.58137  -2.12897  1.000 99.81823  ?  117 PEG   A C2    1 
HETATM 676 O  O2    . PEG   R 6 .  ? 9.30439   10.90082  -3.33642  1.000 98.10654  ?  117 PEG   A O2    1 
HETATM 677 C  C3    . PEG   R 6 .  ? 10.19357  11.26656  -4.36124  1.000 106.05016 ?  117 PEG   A C3    1 
HETATM 678 C  C4    . PEG   R 6 .  ? 11.44511  10.43437  -4.26982  1.000 105.00127 ?  117 PEG   A C4    1 
HETATM 679 O  O4    . PEG   R 6 .  ? 11.18853  9.29434   -3.48226  1.000 90.02193  ?  117 PEG   A O4    1 
HETATM 680 C  C1    . PEG   S 6 .  ? 1.26163   15.20990  0.71754   1.000 84.11552  ?  118 PEG   A C1    1 
HETATM 681 O  O1    . PEG   S 6 .  ? 0.71696   16.16637  -0.16422  1.000 83.65827  ?  118 PEG   A O1    1 
HETATM 682 C  C2    . PEG   S 6 .  ? 0.19267   14.70173  1.65396   1.000 83.88366  ?  118 PEG   A C2    1 
HETATM 683 O  O2    . PEG   S 6 .  ? 0.00563   15.58048  2.73882   1.000 91.16159  ?  118 PEG   A O2    1 
HETATM 684 C  C3    . PEG   S 6 .  ? -1.08116  16.45786  2.56635   1.000 86.40636  ?  118 PEG   A C3    1 
HETATM 685 C  C4    . PEG   S 6 .  ? -1.73813  16.75360  3.89265   1.000 89.11065  ?  118 PEG   A C4    1 
HETATM 686 O  O4    . PEG   S 6 .  ? -2.43768  15.61501  4.34847   1.000 87.20193  ?  118 PEG   A O4    1 
HETATM 687 O  O     . HOH   T 8 .  ? 12.80620  -0.61100  6.69143   1.000 50.17387  ?  201 HOH   A O     1 
HETATM 688 O  O     . HOH   T 8 .  ? 6.85579   9.02829   -1.71147  1.000 62.63889  ?  202 HOH   A O     1 
HETATM 689 O  O     . HOH   T 8 .  ? 6.33892   -8.88763  -9.23458  1.000 66.51218  ?  203 HOH   A O     1 
HETATM 690 O  O     . HOH   T 8 .  ? 9.24790   -6.10027  3.59958   1.000 61.65941  ?  204 HOH   A O     1 
HETATM 691 O  O     . HOH   T 8 .  ? 3.78982   -0.21821  9.88010   1.000 38.61560  ?  205 HOH   A O     1 
HETATM 692 O  O     . HOH   T 8 .  ? 9.89737   -11.36297 14.87116  1.000 49.29915  ?  206 HOH   A O     1 
HETATM 693 O  O     . HOH   T 8 .  ? 7.44700   2.19224   -0.92998  1.000 51.99399  ?  207 HOH   A O     1 
HETATM 694 O  O     . HOH   T 8 .  ? -7.77259  -7.89437  -3.38068  1.000 50.37284  ?  208 HOH   A O     1 
HETATM 695 O  O     . HOH   T 8 .  ? 4.52995   -9.87388  -1.00050  1.000 45.44171  ?  209 HOH   A O     1 
HETATM 696 O  O     . HOH   T 8 .  ? 5.18996   -10.63040 4.84515   0.500 49.66934  ?  210 HOH   A O     1 
HETATM 697 O  O     . HOH   T 8 .  ? -11.18253 2.99809   5.16363   1.000 42.60327  ?  211 HOH   A O     1 
HETATM 698 O  O     . HOH   T 8 .  ? -1.06101  -4.74655  -7.69872  1.000 47.11171  ?  212 HOH   A O     1 
HETATM 699 O  O     . HOH   T 8 .  ? -12.34129 2.65008   -15.05857 1.000 66.02536  ?  213 HOH   A O     1 
HETATM 700 O  O     . HOH   T 8 .  ? 3.80924   9.79233   -1.15091  1.000 50.22019  ?  214 HOH   A O     1 
HETATM 701 O  O     . HOH   T 8 .  ? -8.19392  5.84439   -4.90979  1.000 53.30317  ?  215 HOH   A O     1 
HETATM 702 O  O     . HOH   T 8 .  ? 2.99493   3.17180   8.79556   1.000 50.12091  ?  216 HOH   A O     1 
HETATM 703 O  O     . HOH   T 8 .  ? 9.76493   -11.09807 0.62883   1.000 63.96192  ?  217 HOH   A O     1 
HETATM 704 O  O     . HOH   T 8 .  ? 5.57288   2.89127   3.61002   1.000 39.53321  ?  218 HOH   A O     1 
HETATM 705 O  O     . HOH   T 8 .  ? 7.09511   1.74094   1.95778   1.000 46.52307  ?  219 HOH   A O     1 
HETATM 706 O  O     . HOH   T 8 .  ? -2.79808  -13.33492 -8.09874  1.000 57.29554  ?  220 HOH   A O     1 
HETATM 707 O  O     . HOH   T 8 .  ? -2.46091  -2.61591  -14.21506 1.000 69.94731  ?  221 HOH   A O     1 
HETATM 708 O  O     . HOH   T 8 .  ? -4.03798  8.51551   4.31178   1.000 39.65493  ?  222 HOH   A O     1 
HETATM 709 O  O     . HOH   T 8 .  ? -4.43865  -12.44272 -5.44458  1.000 50.35824  ?  223 HOH   A O     1 
HETATM 710 O  O     . HOH   T 8 .  ? -17.24681 3.33048   2.42474   1.000 54.14558  ?  224 HOH   A O     1 
HETATM 711 O  O     . HOH   T 8 .  ? -18.20578 -1.48865  2.09438   1.000 50.62529  ?  225 HOH   A O     1 
HETATM 712 O  O     . HOH   T 8 .  ? -5.39906  6.80173   4.57408   1.000 37.64969  ?  226 HOH   A O     1 
HETATM 713 O  O     . HOH   T 8 .  ? -12.80407 -5.42171  -7.41757  1.000 52.77461  ?  227 HOH   A O     1 
HETATM 714 O  O     . HOH   T 8 .  ? 7.08325   2.48559   13.24400  1.000 57.29892  ?  228 HOH   A O     1 
HETATM 715 O  O     . HOH   T 8 .  ? -0.09100  -13.48482 -6.27893  1.000 42.65372  ?  229 HOH   A O     1 
HETATM 716 O  O     . HOH   T 8 .  ? 13.23854  -1.57888  0.65155   1.000 63.54879  ?  230 HOH   A O     1 
HETATM 717 O  O     . HOH   T 8 .  ? 12.75750  0.73098   0.93241   1.000 63.56624  ?  231 HOH   A O     1 
HETATM 718 O  O     . HOH   T 8 .  ? 2.85988   0.59836   12.46528  1.000 42.47314  ?  232 HOH   A O     1 
HETATM 719 O  O     . HOH   T 8 .  ? 9.71010   -3.65402  -17.84448 1.000 87.16758  ?  233 HOH   A O     1 
# 
loop_
_atom_site_anisotrop.id 
_atom_site_anisotrop.type_symbol 
_atom_site_anisotrop.pdbx_label_atom_id 
_atom_site_anisotrop.pdbx_label_alt_id 
_atom_site_anisotrop.pdbx_label_comp_id 
_atom_site_anisotrop.pdbx_label_asym_id 
_atom_site_anisotrop.pdbx_label_seq_id 
_atom_site_anisotrop.pdbx_PDB_ins_code 
_atom_site_anisotrop.U[1][1] 
_atom_site_anisotrop.U[2][2] 
_atom_site_anisotrop.U[3][3] 
_atom_site_anisotrop.U[1][2] 
_atom_site_anisotrop.U[1][3] 
_atom_site_anisotrop.U[2][3] 
_atom_site_anisotrop.pdbx_auth_seq_id 
_atom_site_anisotrop.pdbx_auth_comp_id 
_atom_site_anisotrop.pdbx_auth_asym_id 
_atom_site_anisotrop.pdbx_auth_atom_id 
1   O  "O5'" . DG    A 1  ? 0.48888 0.56545 0.54604 0.13131  -0.02820 0.08214  1   DG    A "O5'" 
2   C  "C5'" . DG    A 1  ? 0.44736 0.52716 0.49519 0.10502  -0.03772 0.07813  1   DG    A "C5'" 
3   C  "C4'" . DG    A 1  ? 0.44374 0.56138 0.50338 0.10074  -0.05481 0.08927  1   DG    A "C4'" 
4   O  "O4'" . DG    A 1  ? 0.45544 0.56445 0.49381 0.07629  -0.06353 0.08135  1   DG    A "O4'" 
5   C  "C3'" . DG    A 1  ? 0.44978 0.56114 0.50212 0.12002  -0.06336 0.10425  1   DG    A "C3'" 
6   O  "O3'" . DG    A 1  ? 0.41320 0.57690 0.49009 0.12377  -0.07969 0.11665  1   DG    A "O3'" 
7   C  "C2'" . DG    A 1  ? 0.43276 0.50822 0.44736 0.10477  -0.06718 0.10179  1   DG    A "C2'" 
8   C  "C1'" . DG    A 1  ? 0.48468 0.57652 0.49693 0.07899  -0.07147 0.08862  1   DG    A "C1'" 
9   N  N9    . DG    A 1  ? 0.42967 0.48716 0.41389 0.06418  -0.06423 0.07665  1   DG    A N9    
10  C  C8    . DG    A 1  ? 0.46285 0.52222 0.43066 0.04546  -0.06912 0.06566  1   DG    A C8    
11  N  N7    . DG    A 1  ? 0.43156 0.46260 0.38107 0.03938  -0.05836 0.05647  1   DG    A N7    
12  C  C5    . DG    A 1  ? 0.41716 0.42682 0.37267 0.05053  -0.04799 0.06150  1   DG    A C5    
13  C  C6    . DG    A 1  ? 0.45522 0.43712 0.40356 0.04770  -0.03664 0.05633  1   DG    A C6    
14  O  O6    . DG    A 1  ? 0.40843 0.38390 0.34697 0.03757  -0.03090 0.04732  1   DG    A O6    
15  N  N1    . DG    A 1  ? 0.40503 0.36686 0.36074 0.05864  -0.03235 0.06145  1   DG    A N1    
16  C  C2    . DG    A 1  ? 0.45977 0.42541 0.42607 0.07527  -0.03559 0.06995  1   DG    A C2    
17  N  N2    . DG    A 1  ? 0.46585 0.40084 0.43160 0.08587  -0.03053 0.07061  1   DG    A N2    
18  N  N3    . DG    A 1  ? 0.43053 0.42841 0.40817 0.08153  -0.04392 0.07677  1   DG    A N3    
19  C  C4    . DG    A 1  ? 0.45294 0.47321 0.42599 0.06644  -0.05109 0.07238  1   DG    A C4    
20  P  P     . DT    A 2  ? 0.33934 0.53912 0.45303 0.15576  -0.07937 0.13152  2   DT    A P     
21  O  OP1   . DT    A 2  ? 0.41554 0.55997 0.50581 0.17671  -0.07130 0.13350  2   DT    A OP1   
22  O  OP2   . DT    A 2  ? 0.35532 0.60469 0.48997 0.15079  -0.10036 0.14051  2   DT    A OP2   
23  O  "O5'" . DT    A 2  ? 0.40987 0.63110 0.55223 0.15672  -0.05988 0.12233  2   DT    A "O5'" 
24  C  "C5'" . DT    A 2  ? 0.37727 0.65907 0.55782 0.14064  -0.06394 0.12410  2   DT    A "C5'" 
25  C  "C4'" . DT    A 2  ? 0.35778 0.65379 0.55924 0.14681  -0.03981 0.11971  2   DT    A "C4'" 
26  O  "O4'" . DT    A 2  ? 0.37582 0.67183 0.58666 0.18153  -0.02671 0.12356  2   DT    A "O4'" 
27  C  "C3'" . DT    A 2  ? 0.41249 0.65168 0.57692 0.13652  -0.02404 0.10358  2   DT    A "C3'" 
28  O  "O3'" . DT    A 2  ? 0.40216 0.66838 0.58590 0.12473  -0.00962 0.10213  2   DT    A "O3'" 
29  C  "C2'" . DT    A 2  ? 0.45633 0.65421 0.60039 0.16901  -0.01163 0.10093  2   DT    A "C2'" 
30  C  "C1'" . DT    A 2  ? 0.41689 0.66564 0.60003 0.19461  -0.00602 0.11228  2   DT    A "C1'" 
31  N  N1    . DT    A 2  ? 0.44579 0.65432 0.61110 0.22086  -0.00206 0.10915  2   DT    A N1    
32  C  C2    . DT    A 2  ? 0.47277 0.68255 0.64239 0.24243  0.01793  0.10336  2   DT    A C2    
33  O  O2    . DT    A 2  ? 0.49212 0.73545 0.67711 0.24076  0.03454  0.10192  2   DT    A O2    
34  N  N3    . DT    A 2  ? 0.47843 0.64757 0.63175 0.26528  0.01850  0.10005  2   DT    A N3    
35  C  C4    . DT    A 2  ? 0.48419 0.61289 0.61992 0.26701  0.00181  0.10467  2   DT    A C4    
36  O  O4    . DT    A 2  ? 0.47032 0.56121 0.59388 0.28673  0.00312  0.10275  2   DT    A O4    
37  C  C5    . DT    A 2  ? 0.46779 0.59933 0.59759 0.24325  -0.01658 0.11245  2   DT    A C5    
38  C  C7    . DT    A 2  ? 0.51317 0.60396 0.62014 0.24243  -0.03287 0.12083  2   DT    A C7    
39  C  C6    . DT    A 2  ? 0.47269 0.64414 0.61686 0.22247  -0.01814 0.11320  2   DT    A C6    
40  P  P     . DT    A 3  ? 0.49569 0.71543 0.64596 0.11290  0.00499  0.08880  3   DT    A P     
41  O  OP1   . DT    A 3  ? 0.48683 0.65600 0.60378 0.13688  0.01401  0.07991  3   DT    A OP1   
42  O  OP2   . DT    A 3  ? 0.42983 0.68714 0.60441 0.10059  0.01896  0.09460  3   DT    A OP2   
43  O  "O5'" . DT    A 3  ? 0.42371 0.61203 0.55055 0.08465  -0.01150 0.08038  3   DT    A "O5'" 
44  C  "C5'" . DT    A 3  ? 0.45754 0.67384 0.60218 0.05835  -0.02542 0.08298  3   DT    A "C5'" 
45  C  "C4'" . DT    A 3  ? 0.48108 0.65419 0.59168 0.04104  -0.03699 0.07080  3   DT    A "C4'" 
46  O  "O4'" . DT    A 3  ? 0.48917 0.65966 0.58823 0.04798  -0.05141 0.07281  3   DT    A "O4'" 
47  C  "C3'" . DT    A 3  ? 0.52251 0.69833 0.63598 0.01033  -0.04690 0.06560  3   DT    A "C3'" 
48  O  "O3'" . DT    A 3  ? 0.54869 0.67394 0.62893 0.00344  -0.04347 0.05260  3   DT    A "O3'" 
49  C  "C2'" . DT    A 3  ? 0.54085 0.73655 0.65552 0.00270  -0.06925 0.06623  3   DT    A "C2'" 
50  C  "C1'" . DT    A 3  ? 0.52653 0.69731 0.61517 0.02518  -0.06797 0.06669  3   DT    A "C1'" 
51  N  N1    . DT    A 3  ? 0.52572 0.72171 0.61642 0.03127  -0.08565 0.07560  3   DT    A N1    
52  C  C2    . DT    A 3  ? 0.54588 0.71547 0.59932 0.02831  -0.09497 0.07093  3   DT    A C2    
53  O  O2    . DT    A 3  ? 0.55073 0.68059 0.57441 0.02148  -0.08758 0.05887  3   DT    A O2    
54  N  N3    . DT    A 3  ? 0.52848 0.72312 0.58067 0.03517  -0.11269 0.08230  3   DT    A N3    
55  C  C4    . DT    A 3  ? 0.52776 0.77360 0.61731 0.04638  -0.12374 0.09760  3   DT    A C4    
56  O  O4    . DT    A 3  ? 0.53585 0.80199 0.62028 0.05401  -0.14250 0.10881  3   DT    A O4    
57  C  C5    . DT    A 3  ? 0.50694 0.78407 0.64172 0.04998  -0.11113 0.10097  3   DT    A C5    
58  C  C7    . DT    A 3  ? 0.48223 0.82495 0.66743 0.06452  -0.11891 0.11787  3   DT    A C7    
59  C  C6    . DT    A 3  ? 0.49994 0.74942 0.63026 0.04166  -0.09196 0.09014  3   DT    A C6    
60  P  P     . DG    A 4  ? 0.57860 0.68240 0.65472 -0.00447 -0.03019 0.05094  4   DG    A P     
61  O  OP1   . DG    A 4  ? 0.58784 0.71804 0.69014 -0.02797 -0.03369 0.05798  4   DG    A OP1   
62  O  OP2   . DG    A 4  ? 0.57850 0.63425 0.62227 -0.00344 -0.03005 0.03817  4   DG    A OP2   
63  O  "O5'" . DG    A 4  ? 0.47346 0.58778 0.55542 0.01833  -0.01227 0.05871  4   DG    A "O5'" 
64  C  "C5'" . DG    A 4  ? 0.43629 0.51705 0.49235 0.03664  -0.00630 0.05157  4   DG    A "C5'" 
65  C  "C4'" . DG    A 4  ? 0.43239 0.52628 0.49326 0.05935  0.00824  0.05695  4   DG    A "C4'" 
66  O  "O4'" . DG    A 4  ? 0.43455 0.48812 0.46638 0.07377  0.01033  0.04703  4   DG    A "O4'" 
67  C  "C3'" . DG    A 4  ? 0.41786 0.52773 0.48461 0.05770  0.02440  0.06430  4   DG    A "C3'" 
68  O  "O3'" . DG    A 4  ? 0.40686 0.55676 0.49632 0.07662  0.03742  0.07321  4   DG    A "O3'" 
69  C  "C2'" . DG    A 4  ? 0.40936 0.47461 0.43813 0.06598  0.02971  0.05495  4   DG    A "C2'" 
70  C  "C1'" . DG    A 4  ? 0.43484 0.47837 0.45133 0.08283  0.02349  0.04547  4   DG    A "C1'" 
71  N  N9    . DG    A 4  ? 0.43111 0.43171 0.41771 0.08358  0.01824  0.03358  4   DG    A N9    
72  C  C8    . DG    A 4  ? 0.42610 0.40020 0.38858 0.09951  0.02141  0.02472  4   DG    A C8    
73  N  N7    . DG    A 4  ? 0.44604 0.39057 0.38998 0.09356  0.01229  0.01550  4   DG    A N7    
74  C  C5    . DG    A 4  ? 0.44786 0.39908 0.40401 0.07607  0.00538  0.01862  4   DG    A C5    
75  C  C6    . DG    A 4  ? 0.43895 0.37229 0.38872 0.06716  -0.00411 0.01241  4   DG    A C6    
76  O  O6    . DG    A 4  ? 0.43706 0.35079 0.37341 0.07035  -0.01022 0.00437  4   DG    A O6    
77  N  N1    . DG    A 4  ? 0.38157 0.32306 0.34367 0.05393  -0.00726 0.01543  4   DG    A N1    
78  C  C2    . DG    A 4  ? 0.38655 0.35013 0.36456 0.04585  -0.00486 0.02290  4   DG    A C2    
79  N  N2    . DG    A 4  ? 0.43388 0.39431 0.41609 0.03228  -0.01064 0.02122  4   DG    A N2    
80  N  N3    . DG    A 4  ? 0.44033 0.42853 0.43045 0.05156  0.00202  0.03065  4   DG    A N3    
81  C  C4    . DG    A 4  ? 0.40845 0.38922 0.38700 0.06874  0.00836  0.02831  4   DG    A C4    
82  P  P     . DG    A 5  ? 0.37776 0.56414 0.48364 0.07496  0.05886  0.08598  5   DG    A P     
83  O  OP1   . DG    A 5  ? 0.42846 0.67293 0.57526 0.09070  0.06682  0.09642  5   DG    A OP1   
84  O  OP2   . DG    A 5  ? 0.43068 0.61360 0.54005 0.04334  0.05548  0.09212  5   DG    A OP2   
85  O  "O5'" . DG    A 5  ? 0.44251 0.59165 0.50436 0.09557  0.07438  0.07784  5   DG    A "O5'" 
86  C  "C5'" . DG    A 5  ? 0.48562 0.61748 0.53015 0.12586  0.07835  0.06751  5   DG    A "C5'" 
87  C  "C4'" . DG    A 5  ? 0.51232 0.59818 0.50618 0.13714  0.08534  0.05546  5   DG    A "C4'" 
88  O  "O4'" . DG    A 5  ? 0.46069 0.50155 0.43137 0.12197  0.06587  0.04530  5   DG    A "O4'" 
89  C  "C3'" . DG    A 5  ? 0.53257 0.63035 0.51081 0.13350  0.10461  0.06452  5   DG    A "C3'" 
90  O  "O3'" . DG    A 5  ? 0.59863 0.67764 0.53757 0.16075  0.11968  0.05451  5   DG    A "O3'" 
91  C  "C2'" . DG    A 5  ? 0.49121 0.55262 0.44744 0.11034  0.08937  0.06293  5   DG    A "C2'" 
92  C  "C1'" . DG    A 5  ? 0.49781 0.51846 0.43658 0.11694  0.07025  0.04483  5   DG    A "C1'" 
93  N  N9    . DG    A 5  ? 0.43509 0.42820 0.36715 0.09809  0.05165  0.04087  5   DG    A N9    
94  C  C8    . DG    A 5  ? 0.46570 0.46700 0.41937 0.07600  0.04382  0.04838  5   DG    A C8    
95  N  N7    . DG    A 5  ? 0.40084 0.37179 0.34130 0.06842  0.02956  0.04100  5   DG    A N7    
96  C  C5    . DG    A 5  ? 0.44097 0.38742 0.35364 0.08338  0.02608  0.02931  5   DG    A C5    
97  C  C6    . DG    A 5  ? 0.50396 0.42180 0.39970 0.08291  0.01129  0.01880  5   DG    A C6    
98  O  O6    . DG    A 5  ? 0.41681 0.32656 0.31968 0.07295  0.00090  0.01813  5   DG    A O6    
99  N  N1    . DG    A 5  ? 0.45041 0.34963 0.32012 0.09649  0.00885  0.00741  5   DG    A N1    
100 C  C2    . DG    A 5  ? 0.52724 0.42895 0.38397 0.11241  0.02160  0.00466  5   DG    A C2    
101 N  N2    . DG    A 5  ? 0.53302 0.40639 0.35845 0.12402  0.01598  -0.01032 5   DG    A N2    
102 N  N3    . DG    A 5  ? 0.48422 0.41515 0.35796 0.11731  0.03847  0.01513  5   DG    A N3    
103 C  C4    . DG    A 5  ? 0.48785 0.44282 0.39143 0.10073  0.03891  0.02793  5   DG    A C4    
104 P  P     . DG    A 6  ? 0.62596 0.72589 0.54291 0.16875  0.14849  0.06484  6   DG    A P     
105 O  OP1   . DG    A 6  ? 0.68065 0.82883 0.62366 0.19347  0.17326  0.07016  6   DG    A OP1   
106 O  OP2   . DG    A 6  ? 0.68139 0.78786 0.60452 0.13796  0.14638  0.08189  6   DG    A OP2   
107 O  "O5'" . DG    A 6  ? 0.65865 0.70105 0.50567 0.18616  0.14586  0.04500  6   DG    A "O5'" 
108 C  "C5'" . DG    A 6  ? 0.69534 0.70084 0.52187 0.20754  0.13638  0.02261  6   DG    A "C5'" 
109 C  "C4'" . DG    A 6  ? 0.71458 0.66355 0.47986 0.20878  0.12227  0.00471  6   DG    A "C4'" 
110 O  "O4'" . DG    A 6  ? 0.62652 0.55605 0.40182 0.18248  0.09500  0.00510  6   DG    A "O4'" 
111 C  "C3'" . DG    A 6  ? 0.76235 0.71128 0.47986 0.21298  0.13837  0.01034  6   DG    A "C3'" 
112 O  "O3'" . DG    A 6  ? 0.84508 0.74989 0.50473 0.23018  0.13272  -0.01205 6   DG    A "O3'" 
113 C  "C2'" . DG    A 6  ? 0.71914 0.66032 0.43878 0.18397  0.12014  0.02284  6   DG    A "C2'" 
114 C  "C1'" . DG    A 6  ? 0.66144 0.57515 0.39984 0.17354  0.09011  0.00854  6   DG    A "C1'" 
115 N  N9    . DG    A 6  ? 0.59993 0.51873 0.36846 0.14763  0.07425  0.02036  6   DG    A N9    
116 C  C8    . DG    A 6  ? 0.57582 0.52782 0.38927 0.13098  0.08035  0.03832  6   DG    A C8    
117 N  N7    . DG    A 6  ? 0.56533 0.50577 0.39137 0.11199  0.06312  0.04193  6   DG    A N7    
118 C  C5    . DG    A 6  ? 0.58638 0.49140 0.38013 0.11699  0.04503  0.02763  6   DG    A C5    
119 C  C6    . DG    A 6  ? 0.57850 0.46384 0.37324 0.10632  0.02352  0.02496  6   DG    A C6    
120 O  O6    . DG    A 6  ? 0.54651 0.43520 0.36657 0.09204  0.01753  0.03304  6   DG    A O6    
121 N  N1    . DG    A 6  ? 0.58951 0.44947 0.35294 0.11471  0.00744  0.00974  6   DG    A N1    
122 C  C2    . DG    A 6  ? 0.64502 0.49112 0.37333 0.12998  0.01052  -0.00385 6   DG    A C2    
123 N  N2    . DG    A 6  ? 0.65029 0.47086 0.35101 0.13227  -0.01089 -0.01915 6   DG    A N2    
124 N  N3    . DG    A 6  ? 0.65176 0.50896 0.37256 0.14308  0.03266  -0.00338 6   DG    A N3    
125 C  C4    . DG    A 6  ? 0.62077 0.51145 0.37875 0.13629  0.04963  0.01397  6   DG    A C4    
126 P  P     . DG    A 7  ? 0.92833 0.83597 0.54324 0.23798  0.14890  -0.00826 7   DG    A P     
127 O  OP1   . DG    A 7  ? 0.96768 0.88599 0.58703 0.26018  0.16664  -0.01650 7   DG    A OP1   
128 O  OP2   . DG    A 7  ? 0.87968 0.82086 0.50220 0.22235  0.16378  0.01970  7   DG    A OP2   
129 O  "O5'" . DG    A 7  ? 0.94663 0.79940 0.50295 0.23484  0.12091  -0.02786 7   DG    A "O5'" 
130 C  "C5'" . DG    A 7  ? 0.91380 0.73369 0.47201 0.22294  0.08951  -0.04117 7   DG    A "C5'" 
131 C  "C4'" . DG    A 7  ? 0.96968 0.76227 0.48201 0.21393  0.06646  -0.04581 7   DG    A "C4'" 
132 O  "O4'" . DG    A 7  ? 0.91000 0.70606 0.43858 0.19662  0.05021  -0.03392 7   DG    A "O4'" 
133 C  "C3'" . DG    A 7  ? 1.00349 0.80755 0.47713 0.21907  0.08301  -0.03268 7   DG    A "C3'" 
134 O  "O3'" . DG    A 7  ? 1.05867 0.83085 0.48351 0.21781  0.05918  -0.04592 7   DG    A "O3'" 
135 C  "C2'" . DG    A 7  ? 0.93234 0.76304 0.42775 0.20419  0.09066  -0.00339 7   DG    A "C2'" 
136 C  "C1'" . DG    A 7  ? 0.88692 0.69737 0.39736 0.19124  0.05881  -0.01043 7   DG    A "C1'" 
137 N  N9    . DG    A 7  ? 0.80573 0.64039 0.36956 0.17293  0.06046  0.01130  7   DG    A N9    
138 C  C8    . DG    A 7  ? 0.77001 0.64142 0.37983 0.16699  0.08468  0.02881  7   DG    A C8    
139 N  N7    . DG    A 7  ? 0.71129 0.59266 0.36604 0.14623  0.07534  0.04249  7   DG    A N7    
140 C  C5    . DG    A 7  ? 0.72516 0.57736 0.36519 0.14138  0.04603  0.03448  7   DG    A C5    
141 C  C6    . DG    A 7  ? 0.71335 0.56055 0.38418 0.12561  0.02719  0.04122  7   DG    A C6    
142 O  O6    . DG    A 7  ? 0.67025 0.53126 0.38213 0.11107  0.03188  0.05386  7   DG    A O6    
143 N  N1    . DG    A 7  ? 0.73390 0.55790 0.38337 0.12870  -0.00016 0.03014  7   DG    A N1    
144 C  C2    . DG    A 7  ? 0.77002 0.57571 0.37191 0.14146  -0.01141 0.01361  7   DG    A C2    
145 N  N2    . DG    A 7  ? 0.80046 0.59217 0.39370 0.14029  -0.04149 0.00538  7   DG    A N2    
146 N  N3    . DG    A 7  ? 0.81343 0.61558 0.37877 0.15532  0.00515  0.00444  7   DG    A N3    
147 C  C4    . DG    A 7  ? 0.78374 0.61074 0.37190 0.15613  0.03515  0.01616  7   DG    A C4    
148 P  P     . DT    A 8  ? 1.18244 0.94816 0.55208 0.23217  0.07297  -0.05127 8   DT    A P     
149 O  OP1   . DT    A 8  ? 1.16843 0.97361 0.54874 0.23790  0.11097  -0.02777 8   DT    A OP1   
150 O  OP2   . DT    A 8  ? 1.20736 0.94962 0.53276 0.22524  0.04523  -0.05606 8   DT    A OP2   
151 O  "O5'" . DT    A 8  ? 1.20218 0.94294 0.56510 0.24647  0.07201  -0.08006 8   DT    A "O5'" 
152 C  "C5'" . DT    A 8  ? 1.21710 0.92023 0.57723 0.23830  0.03869  -0.10353 8   DT    A "C5'" 
153 C  "C4'" . DT    A 8  ? 1.23287 0.91493 0.60016 0.25046  0.04442  -0.12377 8   DT    A "C4'" 
154 O  "O4'" . DT    A 8  ? 1.33808 1.00966 0.65713 0.26969  0.06120  -0.13499 8   DT    A "O4'" 
155 C  "C3'" . DT    A 8  ? 1.19911 0.90823 0.61941 0.25818  0.06757  -0.11241 8   DT    A "C3'" 
156 O  "O3'" . DT    A 8  ? 1.19370 0.87351 0.62968 0.26040  0.05743  -0.13006 8   DT    A "O3'" 
157 C  "C2'" . DT    A 8  ? 1.26282 0.99928 0.66791 0.27907  0.10315  -0.10402 8   DT    A "C2'" 
158 C  "C1'" . DT    A 8  ? 1.34862 1.04606 0.69097 0.28865  0.09517  -0.12758 8   DT    A "C1'" 
159 N  N1    . DT    A 8  ? 1.41480 1.13254 0.71848 0.30336  0.12235  -0.12025 8   DT    A N1    
160 C  C2    . DT    A 8  ? 1.45688 1.17505 0.74637 0.32770  0.14723  -0.13081 8   DT    A C2    
161 O  O2    . DT    A 8  ? 1.43843 1.13816 0.74552 0.33879  0.14690  -0.14569 8   DT    A O2    
162 N  N3    . DT    A 8  ? 1.48541 1.22612 0.73873 0.33898  0.17331  -0.12227 8   DT    A N3    
163 C  C4    . DT    A 8  ? 1.51069 1.27042 0.74010 0.32687  0.17611  -0.10270 8   DT    A C4    
164 O  O4    . DT    A 8  ? 1.53386 1.31315 0.73003 0.33671  0.20170  -0.09439 8   DT    A O4    
165 C  C5    . DT    A 8  ? 1.46669 1.22123 0.71276 0.30213  0.14743  -0.09175 8   DT    A C5    
166 C  C7    . DT    A 8  ? 1.43723 1.20670 0.66002 0.28824  0.14623  -0.06857 8   DT    A C7    
167 C  C6    . DT    A 8  ? 1.42381 1.15929 0.70618 0.29254  0.12276  -0.10187 8   DT    A C6    
168 P  P     . DT    A 9  ? 1.18089 0.87801 0.67982 0.25790  0.06241  -0.11993 9   DT    A P     
169 O  OP1   . DT    A 9  ? 1.13170 0.88133 0.65850 0.26941  0.09380  -0.09757 9   DT    A OP1   
170 O  OP2   . DT    A 9  ? 1.19277 0.85094 0.69322 0.26290  0.05359  -0.13859 9   DT    A OP2   
171 O  "O5'" . DT    A 9  ? 1.08740 0.78594 0.60977 0.23226  0.03765  -0.11321 9   DT    A "O5'" 
172 C  "C5'" . DT    A 9  ? 1.08168 0.74492 0.58797 0.21508  0.00546  -0.12917 9   DT    A "C5'" 
173 C  "C4'" . DT    A 9  ? 0.99811 0.67676 0.51481 0.19697  -0.01166 -0.11870 9   DT    A "C4'" 
174 O  "O4'" . DT    A 9  ? 1.04665 0.73142 0.52076 0.20052  -0.01162 -0.11436 9   DT    A "O4'" 
175 C  "C3'" . DT    A 9  ? 0.94959 0.60654 0.48070 0.17453  -0.04570 -0.13042 9   DT    A "C3'" 
176 O  "O3'" . DT    A 9  ? 0.86844 0.54322 0.44642 0.16270  -0.04867 -0.11936 9   DT    A "O3'" 
177 C  "C2'" . DT    A 9  ? 1.00366 0.66033 0.50095 0.16784  -0.06602 -0.13245 9   DT    A "C2'" 
178 C  "C1'" . DT    A 9  ? 1.06882 0.75043 0.54340 0.18292  -0.04112 -0.11453 9   DT    A "C1'" 
179 N  N1    . DT    A 9  ? 1.13869 0.81408 0.56260 0.18669  -0.04884 -0.11650 9   DT    A N1    
180 C  C2    . DT    A 9  ? 1.15642 0.85363 0.56894 0.18642  -0.04526 -0.09559 9   DT    A C2    
181 O  O2    . DT    A 9  ? 1.09651 0.81634 0.53824 0.18247  -0.03605 -0.07609 9   DT    A O2    
182 N  N3    . DT    A 9  ? 1.22450 0.91360 0.58804 0.19026  -0.05321 -0.09754 9   DT    A N3    
183 C  C4    . DT    A 9  ? 1.27771 0.94023 0.60069 0.19421  -0.06467 -0.12012 9   DT    A C4    
184 O  O4    . DT    A 9  ? 1.35880 1.01671 0.63521 0.19757  -0.07188 -0.12040 9   DT    A O4    
185 C  C5    . DT    A 9  ? 1.26070 0.89880 0.59760 0.19355  -0.06788 -0.14263 9   DT    A C5    
186 C  C7    . DT    A 9  ? 1.27630 0.87927 0.56979 0.19625  -0.08058 -0.16922 9   DT    A C7    
187 C  C6    . DT    A 9  ? 1.20230 0.84781 0.58951 0.18985  -0.05967 -0.13842 9   DT    A C6    
188 P  P     . DG    A 10 ? 0.82025 0.49169 0.44128 0.16197  -0.03920 -0.11730 10  DG    A P     
189 O  OP1   . DG    A 10 ? 0.79063 0.48733 0.42016 0.18210  -0.00834 -0.10429 10  DG    A OP1   
190 O  OP2   . DG    A 10 ? 0.82912 0.46223 0.44244 0.15517  -0.05351 -0.13458 10  DG    A OP2   
191 O  "O5'" . DG    A 10 ? 0.72570 0.41317 0.38970 0.14287  -0.05210 -0.10826 10  DG    A "O5'" 
192 C  "C5'" . DG    A 10 ? 0.73764 0.41067 0.41849 0.12073  -0.07838 -0.11684 10  DG    A "C5'" 
193 C  "C4'" . DG    A 10 ? 0.71722 0.41912 0.41581 0.10673  -0.09415 -0.10872 10  DG    A "C4'" 
194 O  "O4'" . DG    A 10 ? 0.65842 0.39896 0.40187 0.10329  -0.07880 -0.08680 10  DG    A "O4'" 
195 C  "C3'" . DG    A 10 ? 0.76201 0.46899 0.41737 0.11600  -0.09984 -0.10902 10  DG    A "C3'" 
196 O  "O3'" . DG    A 10 ? 0.78442 0.49390 0.44335 0.10110  -0.13095 -0.11585 10  DG    A "O3'" 
197 C  "C2'" . DG    A 10 ? 0.70438 0.44928 0.38306 0.11965  -0.08057 -0.08415 10  DG    A "C2'" 
198 C  "C1'" . DG    A 10 ? 0.66909 0.43395 0.40862 0.10429  -0.08046 -0.07550 10  DG    A "C1'" 
199 N  N9    . DG    A 10 ? 0.58982 0.38285 0.35717 0.10582  -0.05989 -0.05626 10  DG    A N9    
200 C  C8    . DG    A 10 ? 0.58042 0.38053 0.34843 0.11622  -0.03675 -0.04919 10  DG    A C8    
201 N  N7    . DG    A 10 ? 0.56458 0.39205 0.36185 0.11084  -0.02620 -0.03283 10  DG    A N7    
202 C  C5    . DG    A 10 ? 0.55694 0.39070 0.36968 0.09921  -0.04113 -0.02975 10  DG    A C5    
203 C  C6    . DG    A 10 ? 0.54495 0.39727 0.38475 0.09100  -0.03883 -0.01712 10  DG    A C6    
204 O  O6    . DG    A 10 ? 0.51247 0.37943 0.36805 0.08808  -0.02520 -0.00615 10  DG    A O6    
205 N  N1    . DG    A 10 ? 0.50480 0.35775 0.35416 0.08610  -0.05585 -0.01918 10  DG    A N1    
206 C  C2    . DG    A 10 ? 0.55276 0.39699 0.39173 0.08613  -0.07496 -0.03046 10  DG    A C2    
207 N  N2    . DG    A 10 ? 0.56936 0.42521 0.42782 0.08307  -0.09000 -0.02928 10  DG    A N2    
208 N  N3    . DG    A 10 ? 0.57391 0.39936 0.38657 0.08925  -0.08012 -0.04318 10  DG    A N3    
209 C  C4    . DG    A 10 ? 0.59165 0.40932 0.38952 0.09716  -0.06138 -0.04266 10  DG    A C4    
210 P  P     . DG    A 11 ? 0.83310 0.54415 0.44754 0.10760  -0.14671 -0.11689 11  DG    A P     
211 O  OP1   . DG    A 11 ? 0.81740 0.52129 0.43636 0.09174  -0.17594 -0.13127 11  DG    A OP1   
212 O  OP2   . DG    A 11 ? 0.90157 0.60376 0.46845 0.12793  -0.12223 -0.11260 11  DG    A OP2   
213 O  "O5'" . DG    A 11 ? 0.82181 0.57000 0.46773 0.10504  -0.15142 -0.09557 11  DG    A "O5'" 
214 C  "C5'" . DG    A 11 ? 0.79002 0.56441 0.49878 0.08849  -0.16352 -0.09114 11  DG    A "C5'" 
215 C  "C4'" . DG    A 11 ? 0.78207 0.58672 0.51184 0.09223  -0.16933 -0.07265 11  DG    A "C4'" 
216 O  "O4'" . DG    A 11 ? 0.73355 0.54987 0.48648 0.09619  -0.14190 -0.05516 11  DG    A "O4'" 
217 C  "C3'" . DG    A 11 ? 0.83142 0.62846 0.50847 0.10630  -0.18092 -0.06697 11  DG    A "C3'" 
218 O  "O3'" . DG    A 11 ? 0.83789 0.66105 0.54476 0.10705  -0.19997 -0.05563 11  DG    A "O3'" 
219 C  "C2'" . DG    A 11 ? 0.82751 0.61785 0.48347 0.11766  -0.14832 -0.05032 11  DG    A "C2'" 
220 C  "C1'" . DG    A 11 ? 0.76792 0.57974 0.48636 0.10919  -0.13423 -0.04016 11  DG    A "C1'" 
221 N  N9    . DG    A 11 ? 0.69778 0.50898 0.41895 0.11132  -0.10337 -0.02943 11  DG    A N9    
222 C  C8    . DG    A 11 ? 0.69393 0.49442 0.39314 0.11618  -0.08358 -0.03460 11  DG    A C8    
223 N  N7    . DG    A 11 ? 0.66310 0.47585 0.38113 0.11549  -0.05986 -0.02107 11  DG    A N7    
224 C  C5    . DG    A 11 ? 0.64256 0.46705 0.39091 0.10858  -0.06475 -0.00817 11  DG    A C5    
225 C  C6    . DG    A 11 ? 0.60857 0.44386 0.38389 0.10235  -0.04960 0.00684  11  DG    A C6    
226 O  O6    . DG    A 11 ? 0.60149 0.44570 0.38457 0.09953  -0.02970 0.01390  11  DG    A O6    
227 N  N1    . DG    A 11 ? 0.59650 0.43246 0.39254 0.09957  -0.06134 0.01270  11  DG    A N1    
228 C  C2    . DG    A 11 ? 0.61960 0.45507 0.41689 0.10422  -0.08389 0.00738  11  DG    A C2    
229 N  N2    . DG    A 11 ? 0.60552 0.44317 0.42599 0.10600  -0.09041 0.01453  11  DG    A N2    
230 N  N3    . DG    A 11 ? 0.65610 0.48926 0.43398 0.10749  -0.10027 -0.00487 11  DG    A N3    
231 C  C4    . DG    A 11 ? 0.67234 0.49611 0.42353 0.10844  -0.08976 -0.01317 11  DG    A C4    
232 P  P     . DG    A 12 ? 0.87971 0.71378 0.57792 0.10595  -0.23128 -0.06020 12  DG    A P     
233 O  OP1   . DG    A 12 ? 0.81066 0.67359 0.56828 0.08961  -0.25198 -0.07003 12  DG    A OP1   
234 O  OP2   . DG    A 12 ? 0.90003 0.70636 0.53567 0.10959  -0.23006 -0.06990 12  DG    A OP2   
235 O  "O5'" . DG    A 12 ? 0.85762 0.70405 0.55697 0.12065  -0.22980 -0.03568 12  DG    A "O5'" 
236 C  "C5'" . DG    A 12 ? 0.90468 0.72771 0.55146 0.13262  -0.21077 -0.02088 12  DG    A "C5'" 
237 C  "C4'" . DG    A 12 ? 0.89928 0.72515 0.56581 0.14079  -0.19723 0.00323  12  DG    A "C4'" 
238 O  "O4'" . DG    A 12 ? 0.85407 0.67677 0.54507 0.13712  -0.17678 0.00447  12  DG    A "O4'" 
239 C  "C3'" . DG    A 12 ? 0.93940 0.74454 0.55779 0.14900  -0.18109 0.02311  12  DG    A "C3'" 
240 O  "O3'" . DG    A 12 ? 1.00803 0.81827 0.61165 0.15576  -0.20089 0.03167  12  DG    A "O3'" 
241 C  "C2'" . DG    A 12 ? 0.91275 0.71255 0.55876 0.14943  -0.16117 0.04098  12  DG    A "C2'" 
242 C  "C1'" . DG    A 12 ? 0.84124 0.65008 0.52390 0.14191  -0.15559 0.02627  12  DG    A "C1'" 
243 N  N9    . DG    A 12 ? 0.78291 0.58138 0.45066 0.13625  -0.12726 0.02668  12  DG    A N9    
244 C  C8    . DG    A 12 ? 0.78883 0.58359 0.43072 0.13421  -0.11868 0.01177  12  DG    A C8    
245 N  N7    . DG    A 12 ? 0.76400 0.55945 0.41056 0.13012  -0.08967 0.01649  12  DG    A N7    
246 C  C5    . DG    A 12 ? 0.74135 0.53944 0.41716 0.12517  -0.08014 0.03473  12  DG    A C5    
247 C  C6    . DG    A 12 ? 0.71280 0.51552 0.40849 0.11619  -0.05438 0.04644  12  DG    A C6    
248 O  O6    . DG    A 12 ? 0.69359 0.50651 0.39011 0.11295  -0.03348 0.04483  12  DG    A O6    
249 N  N1    . DG    A 12 ? 0.68240 0.47737 0.40092 0.11147  -0.05581 0.06046  12  DG    A N1    
250 C  C2    . DG    A 12 ? 0.69124 0.47632 0.41443 0.11936  -0.07688 0.06339  12  DG    A C2    
251 N  N2    . DG    A 12 ? 0.70983 0.48049 0.45249 0.11641  -0.07387 0.07533  12  DG    A N2    
252 N  N3    . DG    A 12 ? 0.71256 0.50151 0.42302 0.13005  -0.10077 0.05480  12  DG    A N3    
253 C  C4    . DG    A 12 ? 0.73907 0.53454 0.42585 0.13007  -0.10200 0.04022  12  DG    A C4    
254 P  P     . DG    A 13 ? 1.07508 0.86897 0.60933 0.16042  -0.19991 0.03567  13  DG    A P     
255 O  OP1   . DG    A 13 ? 1.06245 0.86341 0.59026 0.16863  -0.22079 0.05138  13  DG    A OP1   
256 O  OP2   . DG    A 13 ? 1.05936 0.85036 0.57129 0.15475  -0.20659 0.00895  13  DG    A OP2   
257 O  "O5'" . DG    A 13 ? 1.06319 0.83675 0.56996 0.16102  -0.16315 0.05339  13  DG    A "O5'" 
258 C  "C5'" . DG    A 13 ? 1.08743 0.85099 0.55396 0.16029  -0.14163 0.04387  13  DG    A "C5'" 
259 C  "C4'" . DG    A 13 ? 1.04023 0.80310 0.52909 0.15545  -0.11251 0.04758  13  DG    A "C4'" 
260 O  "O4'" . DG    A 13 ? 0.98809 0.75846 0.51285 0.15091  -0.12150 0.02546  13  DG    A "O4'" 
261 C  "C3'" . DG    A 13 ? 1.06172 0.82026 0.51281 0.15785  -0.08111 0.04869  13  DG    A "C3'" 
262 O  "O3'" . DG    A 13 ? 1.03349 0.79743 0.50992 0.15192  -0.05367 0.06426  13  DG    A "O3'" 
263 C  "C2'" . DG    A 13 ? 1.05145 0.80816 0.49762 0.16005  -0.08792 0.01736  13  DG    A "C2'" 
264 C  "C1'" . DG    A 13 ? 0.99951 0.76374 0.50005 0.15251  -0.10677 0.00812  13  DG    A "C1'" 
265 N  N9    . DG    A 13 ? 0.97559 0.73775 0.48213 0.14887  -0.13193 -0.01899 13  DG    A N9    
266 C  C8    . DG    A 13 ? 0.99008 0.75729 0.49915 0.14577  -0.16377 -0.02658 13  DG    A C8    
267 N  N7    . DG    A 13 ? 0.96723 0.73169 0.48707 0.13766  -0.18057 -0.05070 13  DG    A N7    
268 C  C5    . DG    A 13 ? 0.95455 0.70738 0.47662 0.13764  -0.15825 -0.05986 13  DG    A C5    
269 C  C6    . DG    A 13 ? 0.95709 0.69676 0.49047 0.12998  -0.16167 -0.08318 13  DG    A C6    
270 O  O6    . DG    A 13 ? 0.95492 0.69029 0.49927 0.11820  -0.18586 -0.10047 13  DG    A O6    
271 N  N1    . DG    A 13 ? 0.92866 0.66037 0.46346 0.13584  -0.13268 -0.08350 13  DG    A N1    
272 C  C2    . DG    A 13 ? 0.93571 0.67696 0.46375 0.14566  -0.10432 -0.06388 13  DG    A C2    
273 N  N2    . DG    A 13 ? 0.89306 0.63371 0.43277 0.15010  -0.07843 -0.06618 13  DG    A N2    
274 N  N3    . DG    A 13 ? 0.93449 0.68708 0.45268 0.14895  -0.10076 -0.04110 13  DG    A N3    
275 C  C4    . DG    A 13 ? 0.95091 0.70589 0.46558 0.14561  -0.12846 -0.04070 13  DG    A C4    
276 P  P     . DT    A 14 ? 1.05255 0.81335 0.52276 0.14575  -0.03321 0.09818  14  DT    A P     
277 O  OP1   . DT    A 14 ? 1.08716 0.83657 0.56143 0.14669  -0.05810 0.10956  14  DT    A OP1   
278 O  OP2   . DT    A 14 ? 1.07082 0.83733 0.49873 0.14896  -0.00699 0.10482  14  DT    A OP2   
279 O  "O5'" . DT    A 14 ? 0.96460 0.73118 0.48274 0.13428  -0.01640 0.10802  14  DT    A "O5'" 
280 C  "C5'" . DT    A 14 ? 0.88906 0.64963 0.45040 0.13014  -0.03460 0.10561  14  DT    A "C5'" 
281 C  "C4'" . DT    A 14 ? 0.84196 0.61059 0.44587 0.11582  -0.01433 0.11287  14  DT    A "C4'" 
282 O  "O4'" . DT    A 14 ? 0.82760 0.62185 0.45440 0.11455  -0.00436 0.09160  14  DT    A "O4'" 
283 C  "C3'" . DT    A 14 ? 0.89290 0.65997 0.48389 0.10501  0.01372  0.14084  14  DT    A "C3'" 
284 O  "O3'" . DT    A 14 ? 0.86019 0.60239 0.46354 0.09524  0.00746  0.16021  14  DT    A "O3'" 
285 C  "C2'" . DT    A 14 ? 0.85967 0.65907 0.49848 0.09195  0.03403  0.13309  14  DT    A "C2'" 
286 C  "C1'" . DT    A 14 ? 0.79038 0.60433 0.43237 0.10479  0.02492  0.10316  14  DT    A "C1'" 
287 N  N1    . DT    A 14 ? 0.81248 0.63857 0.41536 0.11830  0.04293  0.09779  14  DT    A N1    
288 C  C2    . DT    A 14 ? 0.79726 0.65346 0.41752 0.11451  0.07324  0.10613  14  DT    A C2    
289 O  O2    . DT    A 14 ? 0.76393 0.63916 0.43158 0.09713  0.08338  0.11824  14  DT    A O2    
290 N  N3    . DT    A 14 ? 0.80364 0.66859 0.38420 0.13260  0.09058  0.09849  14  DT    A N3    
291 C  C4    . DT    A 14 ? 0.84357 0.68507 0.36656 0.15091  0.07831  0.08081  14  DT    A C4    
292 O  O4    . DT    A 14 ? 0.88502 0.73507 0.38497 0.16411  0.09381  0.06995  14  DT    A O4    
293 C  C5    . DT    A 14 ? 0.87196 0.68422 0.38192 0.14952  0.04245  0.07289  14  DT    A C5    
294 C  C7    . DT    A 14 ? 0.92171 0.71538 0.38993 0.16061  0.02133  0.05143  14  DT    A C7    
295 C  C6    . DT    A 14 ? 0.82924 0.63783 0.38063 0.13515  0.02794  0.08289  14  DT    A C6    
296 P  P     . DT    A 15 ? 0.86688 0.59969 0.45056 0.08253  0.02491  0.19105  15  DT    A P     
297 O  OP1   . DT    A 15 ? 0.88171 0.58145 0.47206 0.08103  0.00614  0.20303  15  DT    A OP1   
298 O  OP2   . DT    A 15 ? 0.91947 0.66876 0.45790 0.09151  0.03649  0.19266  15  DT    A OP2   
299 O  "O5'" . DT    A 15 ? 0.90922 0.65511 0.52681 0.05983  0.05150  0.20384  15  DT    A "O5'" 
300 C  "C5'" . DT    A 15 ? 0.90636 0.63058 0.56207 0.04429  0.04499  0.20663  15  DT    A "C5'" 
301 C  "C4'" . DT    A 15 ? 0.86611 0.62758 0.57499 0.03517  0.04796  0.18328  15  DT    A "C4'" 
302 O  "O4'" . DT    A 15 ? 0.88405 0.68906 0.58942 0.04067  0.06751  0.17850  15  DT    A "O4'" 
303 C  "C3'" . DT    A 15 ? 0.84884 0.61166 0.60085 0.00630  0.05585  0.19172  15  DT    A "C3'" 
304 O  "O3'" . DT    A 15 ? 0.82565 0.55168 0.59329 0.00418  0.03475  0.18115  15  DT    A "O3'" 
305 C  "C2'" . DT    A 15 ? 0.81469 0.63184 0.60571 0.00262  0.06547  0.17468  15  DT    A "C2'" 
306 C  "C1'" . DT    A 15 ? 0.80575 0.64655 0.56356 0.02599  0.07616  0.17003  15  DT    A "C1'" 
307 N  N1    . DT    A 15 ? 0.81487 0.69859 0.57551 0.02157  0.10711  0.18515  15  DT    A N1    
308 C  C2    . DT    A 15 ? 0.89212 0.78183 0.66192 -0.00201 0.12615  0.21473  15  DT    A C2    
309 O  O2    . DT    A 15 ? 0.91086 0.76489 0.68419 -0.02160 0.11814  0.22956  15  DT    A O2    
310 N  N3    . DT    A 15 ? 0.91870 0.85777 0.69478 -0.00186 0.15660  0.22704  15  DT    A N3    
311 C  C4    . DT    A 15 ? 0.89893 0.87533 0.66916 0.02281  0.16961  0.21128  15  DT    A C4    
312 O  O4    . DT    A 15 ? 0.94303 0.96551 0.72134 0.02496  0.19981  0.22379  15  DT    A O4    
313 C  C5    . DT    A 15 ? 0.83194 0.78881 0.58700 0.04605  0.14652  0.17972  15  DT    A C5    
314 C  C7    . DT    A 15 ? 0.80828 0.79035 0.55222 0.07336  0.15676  0.15959  15  DT    A C7    
315 C  C6    . DT    A 15 ? 0.79368 0.70877 0.54663 0.04250  0.11697  0.16941  15  DT    A C6    
316 P  P     . DG    A 16 ? 0.89219 0.58293 0.67993 -0.02423 0.03484  0.19431  16  DG    A P     
317 O  OP1   . DG    A 16 ? 0.88070 0.53389 0.63454 -0.03132 0.04332  0.22735  16  DG    A OP1   
318 O  OP2   . DG    A 16 ? 0.82888 0.56174 0.66171 -0.04718 0.04335  0.18605  16  DG    A OP2   
319 O  "O5'" . DG    A 16 ? 0.84869 0.49729 0.64038 -0.01127 0.01081  0.17475  16  DG    A "O5'" 
320 C  "C5'" . DG    A 16 ? 0.75408 0.42500 0.57489 -0.00574 0.00100  0.14474  16  DG    A "C5'" 
321 C  "C4'" . DG    A 16 ? 0.74493 0.38511 0.55799 0.01868  -0.01740 0.13080  16  DG    A "C4'" 
322 O  "O4'" . DG    A 16 ? 0.72199 0.37807 0.51349 0.04330  -0.02305 0.13171  16  DG    A "O4'" 
323 C  "C3'" . DG    A 16 ? 0.74091 0.39576 0.58213 0.02296  -0.02558 0.10160  16  DG    A "C3'" 
324 O  "O3'" . DG    A 16 ? 0.75781 0.37088 0.59555 0.03801  -0.03744 0.09389  16  DG    A "O3'" 
325 C  "C2'" . DG    A 16 ? 0.65604 0.35569 0.50024 0.03999  -0.02740 0.09021  16  DG    A "C2'" 
326 C  "C1'" . DG    A 16 ? 0.69856 0.38450 0.51034 0.05686  -0.03212 0.10644  16  DG    A "C1'" 
327 N  N9    . DG    A 16 ? 0.69045 0.41294 0.49089 0.06534  -0.03007 0.10304  16  DG    A N9    
328 C  C8    . DG    A 16 ? 0.68776 0.41806 0.47442 0.08558  -0.04436 0.09661  16  DG    A C8    
329 N  N7    . DG    A 16 ? 0.68440 0.44109 0.45863 0.08772  -0.04035 0.09099  16  DG    A N7    
330 C  C5    . DG    A 16 ? 0.66466 0.43625 0.44844 0.07140  -0.02040 0.09497  16  DG    A C5    
331 C  C6    . DG    A 16 ? 0.66295 0.46296 0.44120 0.07044  -0.00663 0.09134  16  DG    A C6    
332 O  O6    . DG    A 16 ? 0.65106 0.46077 0.40869 0.08298  -0.00984 0.08147  16  DG    A O6    
333 N  N1    . DG    A 16 ? 0.63438 0.45116 0.43458 0.05354  0.01126  0.09918  16  DG    A N1    
334 C  C2    . DG    A 16 ? 0.68209 0.48637 0.50430 0.03525  0.01298  0.10784  16  DG    A C2    
335 N  N2    . DG    A 16 ? 0.65572 0.48586 0.50214 0.01761  0.02779  0.11458  16  DG    A N2    
336 N  N3    . DG    A 16 ? 0.67579 0.44389 0.49684 0.03499  0.00004  0.10909  16  DG    A N3    
337 C  C4    . DG    A 16 ? 0.68014 0.43515 0.48279 0.05556  -0.01506 0.10288  16  DG    A C4    
338 P  P     . DG    A 17 ? 0.70903 0.33373 0.56878 0.04928  -0.04375 0.06478  17  DG    A P     
339 O  OP1   . DG    A 17 ? 0.79876 0.38583 0.65921 0.06072  -0.04879 0.05799  17  DG    A OP1   
340 O  OP2   . DG    A 17 ? 0.78863 0.44740 0.66692 0.02763  -0.03686 0.05371  17  DG    A OP2   
341 O  "O5'" . DG    A 17 ? 0.70242 0.36937 0.56873 0.07210  -0.04909 0.05763  17  DG    A "O5'" 
342 C  "C5'" . DG    A 17 ? 0.68084 0.34167 0.53851 0.09434  -0.05887 0.06501  17  DG    A "C5'" 
343 C  "C4'" . DG    A 17 ? 0.66899 0.37242 0.53771 0.10883  -0.06661 0.05521  17  DG    A "C4'" 
344 O  "O4'" . DG    A 17 ? 0.63594 0.36257 0.49016 0.09940  -0.06254 0.06164  17  DG    A "O4'" 
345 C  "C3'" . DG    A 17 ? 0.60643 0.34238 0.50602 0.10883  -0.06393 0.03276  17  DG    A "C3'" 
346 O  "O3'" . DG    A 17 ? 0.60709 0.36447 0.52543 0.12933  -0.07401 0.02626  17  DG    A "O3'" 
347 C  "C2'" . DG    A 17 ? 0.56446 0.33510 0.46492 0.09507  -0.05859 0.03064  17  DG    A "C2'" 
348 C  "C1'" . DG    A 17 ? 0.61282 0.37804 0.48743 0.10264  -0.06602 0.04514  17  DG    A "C1'" 
349 N  N9    . DG    A 17 ? 0.61010 0.39738 0.47288 0.09520  -0.06150 0.04510  17  DG    A N9    
350 C  C8    . DG    A 17 ? 0.61880 0.42355 0.47334 0.10360  -0.07243 0.03997  17  DG    A C8    
351 N  N7    . DG    A 17 ? 0.58487 0.40120 0.42697 0.09685  -0.06458 0.03713  17  DG    A N7    
352 C  C5    . DG    A 17 ? 0.59057 0.40533 0.43922 0.08395  -0.04738 0.04238  17  DG    A C5    
353 C  C6    . DG    A 17 ? 0.57504 0.40424 0.42046 0.07603  -0.03268 0.04329  17  DG    A C6    
354 O  O6    . DG    A 17 ? 0.57768 0.41704 0.40867 0.08116  -0.03037 0.03794  17  DG    A O6    
355 N  N1    . DG    A 17 ? 0.55917 0.38979 0.42053 0.06190  -0.02089 0.05026  17  DG    A N1    
356 C  C2    . DG    A 17 ? 0.57742 0.38836 0.44956 0.05474  -0.02375 0.05346  17  DG    A C2    
357 N  N2    . DG    A 17 ? 0.54775 0.36200 0.43404 0.03735  -0.01478 0.05814  17  DG    A N2    
358 N  N3    . DG    A 17 ? 0.57620 0.36593 0.44667 0.06486  -0.03564 0.05096  17  DG    A N3    
359 C  C4    . DG    A 17 ? 0.57741 0.37440 0.43874 0.08006  -0.04661 0.04662  17  DG    A C4    
360 P  P     . DG    A 18 ? 0.59967 0.39038 0.55153 0.13529  -0.07083 0.00713  18  DG    A P     
361 O  OP1   . DG    A 18 ? 0.63310 0.42248 0.60185 0.15305  -0.07049 0.00321  18  DG    A OP1   
362 O  OP2   . DG    A 18 ? 0.55165 0.34982 0.50580 0.11604  -0.05773 -0.00246 18  DG    A OP2   
363 O  "O5'" . DG    A 18 ? 0.60531 0.43950 0.57301 0.13807  -0.08141 0.00605  18  DG    A "O5'" 
364 C  "C5'" . DG    A 18 ? 0.54016 0.38301 0.49202 0.12377  -0.08263 0.00926  18  DG    A "C5'" 
365 C  "C4'" . DG    A 18 ? 0.52633 0.40220 0.49316 0.12786  -0.09743 0.00517  18  DG    A "C4'" 
366 O  "O4'" . DG    A 18 ? 0.52552 0.40043 0.46807 0.11634  -0.09933 0.00585  18  DG    A "O4'" 
367 C  "C3'" . DG    A 18 ? 0.51612 0.42890 0.52224 0.12330  -0.09331 -0.00701 18  DG    A "C3'" 
368 O  "O3'" . DG    A 18 ? 0.51936 0.46348 0.55132 0.13199  -0.11035 -0.00834 18  DG    A "O3'" 
369 C  "C2'" . DG    A 18 ? 0.47545 0.39135 0.47195 0.10386  -0.08635 -0.01111 18  DG    A "C2'" 
370 C  "C1'" . DG    A 18 ? 0.52342 0.42373 0.48689 0.10511  -0.09819 -0.00542 18  DG    A "C1'" 
371 N  N9    . DG    A 18 ? 0.50127 0.38954 0.44037 0.09389  -0.08887 -0.00598 18  DG    A N9    
372 C  C8    . DG    A 18 ? 0.54487 0.43327 0.46832 0.08957  -0.09605 -0.01174 18  DG    A C8    
373 N  N7    . DG    A 18 ? 0.52888 0.40539 0.43232 0.08500  -0.08318 -0.01105 18  DG    A N7    
374 C  C5    . DG    A 18 ? 0.49265 0.36519 0.40148 0.08307  -0.06846 -0.00302 18  DG    A C5    
375 C  C6    . DG    A 18 ? 0.51570 0.38453 0.41664 0.07737  -0.05238 0.00212  18  DG    A C6    
376 O  O6    . DG    A 18 ? 0.47929 0.34809 0.36632 0.07729  -0.04544 0.00144  18  DG    A O6    
377 N  N1    . DG    A 18 ? 0.44131 0.30691 0.35314 0.07253  -0.04504 0.00793  18  DG    A N1    
378 C  C2    . DG    A 18 ? 0.51289 0.37178 0.43609 0.07638  -0.05047 0.00739  18  DG    A C2    
379 N  N2    . DG    A 18 ? 0.45589 0.30365 0.38293 0.06996  -0.04326 0.01017  18  DG    A N2    
380 N  N3    . DG    A 18 ? 0.49824 0.36248 0.43063 0.08639  -0.06284 0.00324  18  DG    A N3    
381 C  C4    . DG    A 18 ? 0.49672 0.37138 0.42396 0.08758  -0.07213 -0.00116 18  DG    A C4    
382 P  P     . DG    A 19 ? 0.47802 0.46821 0.56094 0.13110  -0.10524 -0.01658 19  DG    A P     
383 O  OP1   . DG    A 19 ? 0.57072 0.59596 0.68656 0.14558  -0.12433 -0.01450 19  DG    A OP1   
384 O  OP2   . DG    A 19 ? 0.55456 0.53507 0.63945 0.13282  -0.08271 -0.02098 19  DG    A OP2   
385 O  "O5'" . DG    A 19 ? 0.46975 0.47300 0.55586 0.10657  -0.10406 -0.02181 19  DG    A "O5'" 
386 C  "C5'" . DG    A 19 ? 0.50764 0.51456 0.58622 0.09863  -0.12430 -0.02307 19  DG    A "C5'" 
387 C  "C4'" . DG    A 19 ? 0.50038 0.50410 0.57619 0.07647  -0.11874 -0.02883 19  DG    A "C4'" 
388 O  "O4'" . DG    A 19 ? 0.49881 0.46520 0.53331 0.07415  -0.10699 -0.02754 19  DG    A "O4'" 
389 C  "C3'" . DG    A 19 ? 0.47304 0.50210 0.58424 0.06552  -0.10159 -0.02982 19  DG    A "C3'" 
390 O  "O3'" . DG    A 19 ? 0.48636 0.53440 0.62126 0.04690  -0.11133 -0.03292 19  DG    A "O3'" 
391 C  "C2'" . DG    A 19 ? 0.48253 0.48189 0.56455 0.06035  -0.08259 -0.02862 19  DG    A "C2'" 
392 C  "C1'" . DG    A 19 ? 0.49081 0.45737 0.53280 0.06083  -0.09188 -0.02931 19  DG    A "C1'" 
393 N  N9    . DG    A 19 ? 0.46873 0.41039 0.48242 0.06313  -0.07746 -0.02565 19  DG    A N9    
394 C  C8    . DG    A 19 ? 0.45420 0.39115 0.46553 0.06912  -0.06565 -0.02202 19  DG    A C8    
395 N  N7    . DG    A 19 ? 0.44612 0.36511 0.43526 0.06640  -0.05691 -0.01858 19  DG    A N7    
396 C  C5    . DG    A 19 ? 0.45378 0.36539 0.42894 0.06232  -0.06060 -0.02000 19  DG    A C5    
397 C  C6    . DG    A 19 ? 0.47000 0.36848 0.42406 0.06178  -0.05305 -0.01732 19  DG    A C6    
398 O  O6    . DG    A 19 ? 0.46557 0.36234 0.41422 0.06129  -0.04270 -0.01149 19  DG    A O6    
399 N  N1    . DG    A 19 ? 0.45354 0.34182 0.39450 0.06178  -0.05911 -0.02302 19  DG    A N1    
400 C  C2    . DG    A 19 ? 0.51557 0.40442 0.46265 0.05790  -0.07390 -0.03076 19  DG    A C2    
401 N  N2    . DG    A 19 ? 0.55346 0.42265 0.48063 0.05713  -0.07955 -0.03862 19  DG    A N2    
402 N  N3    . DG    A 19 ? 0.52085 0.42927 0.49382 0.05512  -0.08291 -0.03157 19  DG    A N3    
403 C  C4    . DG    A 19 ? 0.46721 0.38715 0.45330 0.05967  -0.07399 -0.02568 19  DG    A C4    
404 P  P     . DT    A 20 ? 0.46365 0.56369 0.65663 0.03820  -0.10432 -0.03039 20  DT    A P     
405 O  OP1   . DT    A 20 ? 0.48355 0.59388 0.69631 0.01341  -0.11959 -0.03285 20  DT    A OP1   
406 O  OP2   . DT    A 20 ? 0.45936 0.59055 0.67830 0.06037  -0.10738 -0.02869 20  DT    A OP2   
407 O  "O5'" . DT    A 20 ? 0.45902 0.55141 0.64483 0.03414  -0.07476 -0.02654 20  DT    A "O5'" 
408 C  "C5'" . DT    A 20 ? 0.42500 0.55824 0.64731 0.03605  -0.05630 -0.02300 20  DT    A "C5'" 
409 C  "C4'" . DT    A 20 ? 0.42963 0.54938 0.63318 0.02738  -0.03259 -0.01882 20  DT    A "C4'" 
410 O  "O4'" . DT    A 20 ? 0.43140 0.54006 0.63487 0.00263  -0.03557 -0.01359 20  DT    A "O4'" 
411 C  "C3'" . DT    A 20 ? 0.44553 0.52165 0.60027 0.03700  -0.02692 -0.02135 20  DT    A "C3'" 
412 O  "O3'" . DT    A 20 ? 0.43618 0.51793 0.58748 0.05530  -0.01434 -0.02547 20  DT    A "O3'" 
413 C  "C2'" . DT    A 20 ? 0.46207 0.52541 0.60152 0.02063  -0.01489 -0.01460 20  DT    A "C2'" 
414 C  "C1'" . DT    A 20 ? 0.45954 0.53260 0.62437 0.00012  -0.02433 -0.01011 20  DT    A "C1'" 
415 N  N1    . DT    A 20 ? 0.49710 0.52959 0.63596 -0.00659 -0.04002 -0.01259 20  DT    A N1    
416 C  C2    . DT    A 20 ? 0.52176 0.52385 0.63501 -0.01313 -0.03307 -0.00671 20  DT    A C2    
417 O  O2    . DT    A 20 ? 0.49158 0.49840 0.59954 -0.01507 -0.01666 0.00169  20  DT    A O2    
418 N  N3    . DT    A 20 ? 0.58055 0.54570 0.67089 -0.01438 -0.04617 -0.01116 20  DT    A N3    
419 C  C4    . DT    A 20 ? 0.57225 0.52712 0.65722 -0.01148 -0.06508 -0.02169 20  DT    A C4    
420 O  O4    . DT    A 20 ? 0.61725 0.53653 0.67550 -0.01049 -0.07349 -0.02719 20  DT    A O4    
421 C  C5    . DT    A 20 ? 0.54259 0.53133 0.65289 -0.00705 -0.07422 -0.02581 20  DT    A C5    
422 C  C7    . DT    A 20 ? 0.57960 0.56089 0.68050 -0.00298 -0.09752 -0.03558 20  DT    A C7    
423 C  C6    . DT    A 20 ? 0.51187 0.53816 0.65070 -0.00388 -0.06137 -0.02069 20  DT    A C6    
424 P  P     . DT    A 21 ? 0.47480 0.52787 0.60337 0.07489  -0.02330 -0.03092 21  DT    A P     
425 O  OP1   . DT    A 21 ? 0.58751 0.64992 0.72308 0.09417  -0.01039 -0.03688 21  DT    A OP1   
426 O  OP2   . DT    A 21 ? 0.46737 0.51836 0.60170 0.07636  -0.04546 -0.02936 21  DT    A OP2   
427 O  "O5'" . DT    A 21 ? 0.47396 0.48729 0.56010 0.06801  -0.02029 -0.03045 21  DT    A "O5'" 
428 C  "C5'" . DT    A 21 ? 0.51025 0.51885 0.58011 0.06556  -0.00502 -0.03236 21  DT    A "C5'" 
429 C  "C4'" . DT    A 21 ? 0.49001 0.46452 0.52623 0.06327  -0.00835 -0.03290 21  DT    A "C4'" 
430 O  "O4'" . DT    A 21 ? 0.45317 0.42062 0.48089 0.05115  -0.01370 -0.02571 21  DT    A "O4'" 
431 C  "C3'" . DT    A 21 ? 0.51423 0.46471 0.54098 0.07311  -0.01813 -0.03437 21  DT    A "C3'" 
432 O  "O3'" . DT    A 21 ? 0.55519 0.48093 0.55851 0.07167  -0.01484 -0.03813 21  DT    A "O3'" 
433 C  "C2'" . DT    A 21 ? 0.46819 0.41140 0.48889 0.06636  -0.02891 -0.02723 21  DT    A "C2'" 
434 C  "C1'" . DT    A 21 ? 0.45500 0.40195 0.46923 0.05364  -0.02315 -0.02411 21  DT    A "C1'" 
435 N  N1    . DT    A 21 ? 0.42410 0.36913 0.43803 0.04825  -0.02997 -0.02010 21  DT    A N1    
436 C  C2    . DT    A 21 ? 0.44009 0.37129 0.43631 0.04616  -0.02999 -0.01612 21  DT    A C2    
437 O  O2    . DT    A 21 ? 0.41991 0.34611 0.40602 0.04550  -0.02609 -0.01406 21  DT    A O2    
438 N  N3    . DT    A 21 ? 0.41963 0.34391 0.41187 0.04480  -0.03500 -0.01551 21  DT    A N3    
439 C  C4    . DT    A 21 ? 0.44843 0.37493 0.45139 0.04122  -0.04308 -0.01919 21  DT    A C4    
440 O  O4    . DT    A 21 ? 0.46140 0.37301 0.45461 0.03952  -0.04887 -0.02146 21  DT    A O4    
441 C  C5    . DT    A 21 ? 0.44981 0.39819 0.47785 0.03973  -0.04448 -0.02127 21  DT    A C5    
442 C  C7    . DT    A 21 ? 0.44467 0.40544 0.49439 0.03185  -0.05523 -0.02421 21  DT    A C7    
443 C  C6    . DT    A 21 ? 0.42424 0.38201 0.45674 0.04551  -0.03635 -0.02137 21  DT    A C6    
444 P  P     . DG    A 22 ? 0.65498 0.54834 0.64691 0.08197  -0.01972 -0.04093 22  DG    A P     
445 O  OP1   . DG    A 22 ? 0.72160 0.61838 0.72384 0.09971  -0.01355 -0.05046 22  DG    A OP1   
446 O  OP2   . DG    A 22 ? 0.57859 0.46374 0.56882 0.08205  -0.03045 -0.03040 22  DG    A OP2   
447 O  "O5'" . DG    A 22 ? 0.59882 0.46814 0.56648 0.06850  -0.01857 -0.04366 22  DG    A "O5'" 
448 C  "C5'" . DG    A 22 ? 0.55779 0.43271 0.52080 0.05335  -0.02168 -0.03466 22  DG    A "C5'" 
449 C  "C4'" . DG    A 22 ? 0.56733 0.42081 0.51536 0.04045  -0.02468 -0.03542 22  DG    A "C4'" 
450 O  "O4'" . DG    A 22 ? 0.48945 0.36139 0.44093 0.02813  -0.02612 -0.02568 22  DG    A "O4'" 
451 C  "C3'" . DG    A 22 ? 0.59636 0.41686 0.53780 0.04047  -0.02905 -0.03058 22  DG    A "C3'" 
452 O  "O3'" . DG    A 22 ? 0.63701 0.43186 0.56571 0.02631  -0.03225 -0.03644 22  DG    A "O3'" 
453 C  "C2'" . DG    A 22 ? 0.55225 0.38656 0.49833 0.03497  -0.02967 -0.01503 22  DG    A "C2'" 
454 C  "C1'" . DG    A 22 ? 0.53174 0.39421 0.48369 0.02392  -0.02786 -0.01468 22  DG    A "C1'" 
455 N  N9    . DG    A 22 ? 0.47294 0.35823 0.43168 0.02656  -0.02536 -0.00565 22  DG    A N9    
456 C  C8    . DG    A 22 ? 0.47922 0.38455 0.44413 0.01915  -0.02338 0.00176  22  DG    A C8    
457 N  N7    . DG    A 22 ? 0.44442 0.36154 0.41094 0.02745  -0.02010 0.00642  22  DG    A N7    
458 C  C5    . DG    A 22 ? 0.42762 0.33310 0.38888 0.03731  -0.02242 0.00146  22  DG    A C5    
459 C  C6    . DG    A 22 ? 0.43342 0.33998 0.39089 0.04635  -0.02358 0.00093  22  DG    A C6    
460 O  O6    . DG    A 22 ? 0.45322 0.36561 0.40706 0.05000  -0.02053 0.00354  22  DG    A O6    
461 N  N1    . DG    A 22 ? 0.44281 0.34206 0.40106 0.05230  -0.02995 -0.00444 22  DG    A N1    
462 C  C2    . DG    A 22 ? 0.47167 0.36387 0.43484 0.05409  -0.03196 -0.00814 22  DG    A C2    
463 N  N2    . DG    A 22 ? 0.44414 0.33797 0.41447 0.06314  -0.03859 -0.01179 22  DG    A N2    
464 N  N3    . DG    A 22 ? 0.46136 0.34530 0.42299 0.04828  -0.02882 -0.00934 22  DG    A N3    
465 C  C4    . DG    A 22 ? 0.46598 0.35639 0.42592 0.03800  -0.02538 -0.00463 22  DG    A C4    
466 P  P     . DG    A 23 ? 0.61009 0.36361 0.53050 0.01773  -0.03667 -0.02849 23  DG    A P     
467 O  OP1   . DG    A 23 ? 0.74289 0.46572 0.64950 0.00363  -0.04185 -0.04170 23  DG    A OP1   
468 O  OP2   . DG    A 23 ? 0.68655 0.42303 0.60589 0.03752  -0.03651 -0.02194 23  DG    A OP2   
469 O  "O5'" . DG    A 23 ? 0.62750 0.40512 0.55822 0.00192  -0.03531 -0.00959 23  DG    A "O5'" 
470 C  "C5'" . DG    A 23 ? 0.64361 0.44077 0.58259 -0.01921 -0.03752 -0.00790 23  DG    A "C5'" 
471 C  "C4'" . DG    A 23 ? 0.62453 0.45452 0.57783 -0.02431 -0.03133 0.01046  23  DG    A "C4'" 
472 O  "O4'" . DG    A 23 ? 0.54886 0.39860 0.50224 -0.00457 -0.02637 0.01176  23  DG    A "O4'" 
473 C  "C3'" . DG    A 23 ? 0.65725 0.46773 0.60738 -0.03280 -0.02673 0.02809  23  DG    A "C3'" 
474 O  "O3'" . DG    A 23 ? 0.72782 0.56459 0.69678 -0.05510 -0.02406 0.03952  23  DG    A "O3'" 
475 C  "C2'" . DG    A 23 ? 0.60812 0.42991 0.55069 -0.01281 -0.01965 0.03667  23  DG    A "C2'" 
476 C  "C1'" . DG    A 23 ? 0.55446 0.41294 0.50770 -0.00381 -0.01928 0.02734  23  DG    A "C1'" 
477 N  N9    . DG    A 23 ? 0.50672 0.37073 0.45161 0.01565  -0.01766 0.02626  23  DG    A N9    
478 C  C8    . DG    A 23 ? 0.51917 0.36469 0.45433 0.03000  -0.02327 0.02058  23  DG    A C8    
479 N  N7    . DG    A 23 ? 0.48806 0.34517 0.41830 0.04181  -0.02380 0.02025  23  DG    A N7    
480 C  C5    . DG    A 23 ? 0.47806 0.35730 0.41143 0.03784  -0.01596 0.02497  23  DG    A C5    
481 C  C6    . DG    A 23 ? 0.47048 0.36182 0.39663 0.04763  -0.01300 0.02396  23  DG    A C6    
482 O  O6    . DG    A 23 ? 0.48044 0.36476 0.39493 0.05793  -0.01919 0.01815  23  DG    A O6    
483 N  N1    . DG    A 23 ? 0.44248 0.35583 0.37670 0.04491  -0.00285 0.02965  23  DG    A N1    
484 C  C2    . DG    A 23 ? 0.44820 0.37749 0.40077 0.03126  0.00132  0.03672  23  DG    A C2    
485 N  N2    . DG    A 23 ? 0.45300 0.41177 0.41854 0.03286  0.01051  0.04291  23  DG    A N2    
486 N  N3    . DG    A 23 ? 0.48054 0.39740 0.43900 0.01749  -0.00426 0.03668  23  DG    A N3    
487 C  C4    . DG    A 23 ? 0.48664 0.37509 0.43238 0.02299  -0.01172 0.03004  23  DG    A C4    
488 P  P     . DG    A 24 ? 0.76400 0.58577 0.73491 -0.07418 -0.01713 0.06102  24  DG    A P     
489 O  OP1   . DG    A 24 ? 0.86393 0.68383 0.85192 -0.10511 -0.02583 0.05922  24  DG    A OP1   
490 O  OP2   . DG    A 24 ? 0.83020 0.60379 0.77398 -0.06088 -0.01589 0.06674  24  DG    A OP2   
491 O  "O5'" . DG    A 24 ? 0.70886 0.58257 0.69398 -0.06945 -0.00166 0.07769  24  DG    A "O5'" 
492 C  "C5'" . DG    A 24 ? 0.69041 0.61791 0.70323 -0.07176 -0.00072 0.07552  24  DG    A "C5'" 
493 C  "C4'" . DG    A 24 ? 0.65248 0.62059 0.67281 -0.05968 0.01744  0.09013  24  DG    A "C4'" 
494 O  "O4'" . DG    A 24 ? 0.60181 0.56236 0.59870 -0.03073 0.01962  0.08091  24  DG    A "O4'" 
495 C  "C3'" . DG    A 24 ? 0.67621 0.63963 0.69013 -0.06927 0.03359  0.11273  24  DG    A "C3'" 
496 O  "O3'" . DG    A 24 ? 0.68279 0.70421 0.72886 -0.07653 0.04895  0.12755  24  DG    A "O3'" 
497 C  "C2'" . DG    A 24 ? 0.65383 0.59411 0.62874 -0.04204 0.03998  0.11196  24  DG    A "C2'" 
498 C  "C1'" . DG    A 24 ? 0.60835 0.56775 0.58569 -0.02021 0.03470  0.09354  24  DG    A "C1'" 
499 N  N9    . DG    A 24 ? 0.56793 0.49622 0.51286 0.00095  0.02841  0.08286  24  DG    A N9    
500 C  C8    . DG    A 24 ? 0.56337 0.45156 0.49259 0.00300  0.01499  0.07544  24  DG    A C8    
501 N  N7    . DG    A 24 ? 0.54606 0.42205 0.45348 0.02233  0.01015  0.06800  24  DG    A N7    
502 C  C5    . DG    A 24 ? 0.55255 0.45443 0.45517 0.03302  0.02071  0.06840  24  DG    A C5    
503 C  C6    . DG    A 24 ? 0.54312 0.44092 0.42161 0.05213  0.01891  0.05971  24  DG    A C6    
504 O  O6    . DG    A 24 ? 0.56363 0.44079 0.42525 0.06135  0.00565  0.05109  24  DG    A O6    
505 N  N1    . DG    A 24 ? 0.53322 0.45508 0.40962 0.06082  0.03337  0.06067  24  DG    A N1    
506 C  C2    . DG    A 24 ? 0.54055 0.49600 0.44217 0.05349  0.04861  0.07129  24  DG    A C2    
507 N  N2    . DG    A 24 ? 0.52625 0.50392 0.42374 0.06911  0.06340  0.07039  24  DG    A N2    
508 N  N3    . DG    A 24 ? 0.53861 0.50561 0.46872 0.03256  0.04846  0.08119  24  DG    A N3    
509 C  C4    . DG    A 24 ? 0.55660 0.49109 0.48210 0.02260  0.03375  0.07808  24  DG    A C4    
510 P  P     . DG    A 25 ? 0.74722 0.78159 0.80289 -0.09816 0.06840  0.15566  25  DG    A P     
511 O  OP1   . DG    A 25 ? 0.73729 0.82862 0.84780 -0.12323 0.06856  0.16374  25  DG    A OP1   
512 O  OP2   . DG    A 25 ? 0.77784 0.74733 0.80093 -0.10948 0.06403  0.16317  25  DG    A OP2   
513 O  "O5'" . DG    A 25 ? 0.73439 0.79473 0.77009 -0.06992 0.09323  0.16440  25  DG    A "O5'" 
514 C  "C5'" . DG    A 25 ? 0.69285 0.79244 0.73912 -0.04359 0.09735  0.15198  25  DG    A "C5'" 
515 C  "C4'" . DG    A 25 ? 0.67428 0.78682 0.69195 -0.01776 0.12221  0.15873  25  DG    A "C4'" 
516 O  "O4'" . DG    A 25 ? 0.66441 0.73301 0.63494 0.00822  0.11224  0.13991  25  DG    A "O4'" 
517 C  "C3'" . DG    A 25 ? 0.72063 0.82703 0.71776 -0.02994 0.14323  0.18416  25  DG    A "C3'" 
518 O  "O3'" . DG    A 25 ? 0.72489 0.88316 0.72766 -0.01544 0.17392  0.19610  25  DG    A "O3'" 
519 C  "C2'" . DG    A 25 ? 0.73128 0.77409 0.66618 -0.01435 0.13377  0.17702  25  DG    A "C2'" 
520 C  "C1'" . DG    A 25 ? 0.69275 0.73371 0.61547 0.01545  0.12351  0.15005  25  DG    A "C1'" 
521 N  N9    . DG    A 25 ? 0.65291 0.64020 0.53902 0.02492  0.10156  0.13512  25  DG    A N9    
522 C  C8    . DG    A 25 ? 0.65640 0.60577 0.54327 0.01037  0.08197  0.13390  25  DG    A C8    
523 N  N7    . DG    A 25 ? 0.66198 0.57644 0.51948 0.02555  0.06563  0.12037  25  DG    A N7    
524 C  C5    . DG    A 25 ? 0.64743 0.57303 0.48068 0.04819  0.07235  0.11096  25  DG    A C5    
525 C  C6    . DG    A 25 ? 0.64795 0.54960 0.44761 0.06754  0.05828  0.09441  25  DG    A C6    
526 O  O6    . DG    A 25 ? 0.63051 0.50405 0.42089 0.06954  0.03779  0.08685  25  DG    A O6    
527 N  N1    . DG    A 25 ? 0.63925 0.55403 0.41743 0.08608  0.06969  0.08568  25  DG    A N1    
528 C  C2    . DG    A 25 ? 0.63593 0.58621 0.42506 0.09017  0.09477  0.09315  25  DG    A C2    
529 N  N2    . DG    A 25 ? 0.66407 0.61586 0.42390 0.11323  0.10396  0.08046  25  DG    A N2    
530 N  N3    . DG    A 25 ? 0.63625 0.61922 0.46391 0.07294  0.10932  0.11109  25  DG    A N3    
531 C  C4    . DG    A 25 ? 0.64975 0.61639 0.49689 0.05027  0.09548  0.11885  25  DG    A C4    
532 C  C10   . A1AVT B .  ? 0.47082 0.34789 0.42367 0.05391  -0.03683 -0.01661 101 A1AVT A C10   
533 C  C13   . A1AVT B .  ? 0.43690 0.38579 0.41365 0.08685  -0.00521 0.02248  101 A1AVT A C13   
534 C  C15   . A1AVT B .  ? 0.44740 0.43649 0.44874 0.11104  0.00276  0.03763  101 A1AVT A C15   
535 C  C17   . A1AVT B .  ? 0.43155 0.49245 0.47543 0.09704  -0.00540 0.05475  101 A1AVT A C17   
536 C  C20   . A1AVT B .  ? 0.41523 0.40679 0.41381 0.05898  -0.01381 0.02970  101 A1AVT A C20   
537 C  C21   . A1AVT B .  ? 0.42073 0.38358 0.40441 0.05907  -0.01326 0.02081  101 A1AVT A C21   
538 C  C22   . A1AVT B .  ? 0.42259 0.37688 0.40202 0.04763  -0.01681 0.01416  101 A1AVT A C22   
539 C  C26   . A1AVT B .  ? 0.46162 0.39986 0.42725 0.01786  -0.02605 -0.00734 101 A1AVT A C26   
540 C  C28   . A1AVT B .  ? 0.40796 0.33933 0.37981 0.03307  -0.02105 -0.00738 101 A1AVT A C28   
541 C  C02   . A1AVT B .  ? 0.44379 0.34951 0.40640 0.05453  -0.02404 -0.00369 101 A1AVT A C02   
542 C  C03   . A1AVT B .  ? 0.41932 0.33937 0.38509 0.05673  -0.01837 0.00413  101 A1AVT A C03   
543 C  C04   . A1AVT B .  ? 0.43462 0.35377 0.39742 0.06764  -0.01435 0.00810  101 A1AVT A C04   
544 C  C05   . A1AVT B .  ? 0.45097 0.34544 0.40062 0.07660  -0.01519 0.00191  101 A1AVT A C05   
545 C  C06   . A1AVT B .  ? 0.48272 0.35864 0.42533 0.07010  -0.02310 -0.00754 101 A1AVT A C06   
546 C  C07   . A1AVT B .  ? 0.48980 0.33595 0.41576 0.07624  -0.02718 -0.01643 101 A1AVT A C07   
547 C  C08   . A1AVT B .  ? 0.49525 0.32658 0.41710 0.06695  -0.03900 -0.02632 101 A1AVT A C08   
548 C  C09   . A1AVT B .  ? 0.48794 0.34025 0.42737 0.05540  -0.04411 -0.02495 101 A1AVT A C09   
549 C  C12   . A1AVT B .  ? 0.40920 0.35269 0.38333 0.07082  -0.01060 0.01753  101 A1AVT A C12   
550 C  C16   . A1AVT B .  ? 0.46208 0.49283 0.48951 0.11666  0.00310  0.04945  101 A1AVT A C16   
551 C  C18   . A1AVT B .  ? 0.43848 0.48077 0.46833 0.07630  -0.01132 0.04700  101 A1AVT A C18   
552 C  C19   . A1AVT B .  ? 0.40845 0.41247 0.41562 0.07564  -0.00889 0.03668  101 A1AVT A C19   
553 C  C23   . A1AVT B .  ? 0.41429 0.37980 0.39744 0.03651  -0.02013 0.01418  101 A1AVT A C23   
554 C  C25   . A1AVT B .  ? 0.44154 0.39702 0.41628 0.02011  -0.02576 0.00293  101 A1AVT A C25   
555 C  C27   . A1AVT B .  ? 0.45004 0.37763 0.41571 0.02646  -0.02243 -0.01203 101 A1AVT A C27   
556 C  C29   . A1AVT B .  ? 0.42921 0.36902 0.40320 0.03464  -0.02064 0.00059  101 A1AVT A C29   
557 C  C30   . A1AVT B .  ? 0.41160 0.34522 0.38539 0.04189  -0.02014 0.00127  101 A1AVT A C30   
558 C  C31   . A1AVT B .  ? 0.42805 0.36415 0.40092 0.04850  -0.01804 0.00694  101 A1AVT A C31   
559 N  N11   . A1AVT B .  ? 0.44203 0.32799 0.39437 0.05942  -0.02753 -0.00885 101 A1AVT A N11   
560 N  N14   . A1AVT B .  ? 0.45078 0.43227 0.44613 0.09045  -0.00360 0.03281  101 A1AVT A N14   
561 N  N24   . A1AVT B .  ? 0.38916 0.34209 0.36602 0.03033  -0.02174 0.00602  101 A1AVT A N24   
562 O  O01   . A1AVT B .  ? 0.44413 0.35468 0.41367 0.04897  -0.02699 -0.00675 101 A1AVT A O01   
563 K  K     . K     C .  ? 0.40917 0.30121 0.32766 0.06718  -0.02522 -0.00025 102 K     A K     
564 K  K     . K     D .  ? 0.45904 0.33197 0.31748 0.07824  -0.01542 0.02045  103 K     A K     
565 K  K     . K     E .  ? 0.54824 0.39711 0.32525 0.08882  0.00003  0.05250  104 K     A K     
566 CA CA    . CA    F .  ? 0.77027 0.35042 0.39489 0.14696  -0.06242 -0.15027 105 CA    A CA    
567 CA CA    . CA    G .  ? 0.52299 0.72142 0.80317 0.09013  -0.13558 -0.02547 106 CA    A CA    
568 CA CA    . CA    H .  ? 0.36223 0.68294 0.57605 0.10258  0.04820  0.10871  107 CA    A CA    
569 N  N1    A EPE   I .  ? 0.54781 0.44606 0.40755 0.18312  0.05582  -0.01135 108 EPE   A N1    
570 N  N1    B EPE   I .  ? 0.54719 0.45807 0.44788 0.17118  0.04366  -0.00156 108 EPE   A N1    
571 C  C2    A EPE   I .  ? 0.56112 0.43874 0.42232 0.15945  0.03459  -0.01487 108 EPE   A C2    
572 C  C2    B EPE   I .  ? 0.56058 0.42992 0.43476 0.15897  0.02848  -0.01499 108 EPE   A C2    
573 C  C3    A EPE   I .  ? 0.58242 0.41720 0.40282 0.15810  0.02275  -0.03246 108 EPE   A C3    
574 C  C3    B EPE   I .  ? 0.58091 0.42633 0.41195 0.16767  0.03159  -0.02837 108 EPE   A C3    
575 N  N4    A EPE   I .  ? 0.59870 0.43562 0.38478 0.16578  0.03194  -0.03444 108 EPE   A N4    
576 N  N4    B EPE   I .  ? 0.57905 0.45642 0.40771 0.16550  0.04415  -0.01772 108 EPE   A N4    
577 C  C5    A EPE   I .  ? 0.61228 0.46609 0.39142 0.18949  0.05618  -0.03164 108 EPE   A C5    
578 C  C5    B EPE   I .  ? 0.55669 0.47694 0.41380 0.17652  0.06372  -0.00378 108 EPE   A C5    
579 C  C6    A EPE   I .  ? 0.57017 0.47408 0.40042 0.18624  0.06774  -0.01167 108 EPE   A C6    
580 C  C6    B EPE   I .  ? 0.53138 0.47639 0.43478 0.16641  0.05633  0.00734  108 EPE   A C6    
581 C  C7    A EPE   I .  ? 0.63367 0.43073 0.37572 0.16629  0.01737  -0.05255 108 EPE   A C7    
582 C  C7    B EPE   I .  ? 0.60042 0.45461 0.37971 0.17568  0.04747  -0.02886 108 EPE   A C7    
583 C  C8    A EPE   I .  ? 0.64023 0.44372 0.35365 0.16210  0.01594  -0.04795 108 EPE   A C8    
584 C  C8    B EPE   I .  ? 0.62619 0.43431 0.37517 0.16947  0.02455  -0.04787 108 EPE   A C8    
585 O  O8    A EPE   I .  ? 0.70497 0.47191 0.36678 0.16881  0.00333  -0.06704 108 EPE   A O8    
586 O  O8    B EPE   I .  ? 0.65247 0.44702 0.35423 0.17365  0.02281  -0.05447 108 EPE   A O8    
587 C  C9    A EPE   I .  ? 0.53305 0.48078 0.43814 0.18164  0.06335  0.00642  108 EPE   A C9    
588 C  C9    B EPE   I .  ? 0.54562 0.47640 0.48111 0.16392  0.03612  0.00998  108 EPE   A C9    
589 C  C10   A EPE   I .  ? 0.53491 0.47648 0.46330 0.18272  0.05144  0.00900  108 EPE   A C10   
590 C  C10   B EPE   I .  ? 0.52554 0.44616 0.46615 0.13811  0.01965  0.01014  108 EPE   A C10   
591 S  S     A EPE   I .  ? 0.49871 0.50453 0.48058 0.17671  0.05287  0.03030  108 EPE   A S     
592 S  S     B EPE   I .  ? 0.47623 0.34727 0.40325 0.13505  0.00617  0.00151  108 EPE   A S     
593 O  O1S   A EPE   I .  ? 0.54282 0.58785 0.53785 0.19722  0.07424  0.03662  108 EPE   A O1S   
594 O  O1S   B EPE   I .  ? 0.52842 0.36907 0.43057 0.12796  -0.00033 -0.01306 108 EPE   A O1S   
595 O  O2S   A EPE   I .  ? 0.58249 0.57701 0.57565 0.18500  0.04181  0.03355  108 EPE   A O2S   
596 O  O2S   B EPE   I .  ? 0.51719 0.40297 0.46369 0.11753  -0.00190 0.01097  108 EPE   A O2S   
597 O  O3S   A EPE   I .  ? 0.49760 0.51951 0.49034 0.14686  0.04467  0.03595  108 EPE   A O3S   
598 O  O3S   B EPE   I .  ? 0.60020 0.45320 0.52307 0.15893  0.01131  0.00185  108 EPE   A O3S   
599 C  C1    . PEG   J .  ? 0.36230 0.78837 0.66129 0.11898  0.00927  0.12992  109 PEG   A C1    
600 O  O1    . PEG   J .  ? 0.40165 0.80028 0.68068 0.08781  0.01506  0.12319  109 PEG   A O1    
601 C  C2    . PEG   J .  ? 0.36561 0.78278 0.65630 0.15869  0.03588  0.12873  109 PEG   A C2    
602 O  O2    . PEG   J .  ? 0.44977 0.79166 0.68333 0.16094  0.04450  0.11291  109 PEG   A O2    
603 C  C3    . PEG   J .  ? 0.47750 0.79926 0.69253 0.19675  0.06625  0.10718  109 PEG   A C3    
604 C  C4    . PEG   J .  ? 0.51722 0.80659 0.69596 0.18892  0.08502  0.09763  109 PEG   A C4    
605 O  O4    . PEG   J .  ? 0.48283 0.74480 0.64414 0.15285  0.07057  0.09380  109 PEG   A O4    
606 C  C1    . PEG   K .  ? 0.80855 0.80064 0.84315 0.21307  0.00863  0.06751  110 PEG   A C1    
607 O  O1    . PEG   K .  ? 0.84915 0.83270 0.88789 0.23505  0.01241  0.06821  110 PEG   A O1    
608 C  C2    . PEG   K .  ? 0.80624 0.83270 0.85065 0.21402  0.02307  0.06228  110 PEG   A C2    
609 O  O2    . PEG   K .  ? 0.94735 0.98569 0.99796 0.23587  0.03767  0.05888  110 PEG   A O2    
610 C  C3    . PEG   K .  ? 0.88758 0.98215 0.96250 0.23672  0.05185  0.06373  110 PEG   A C3    
611 C  C4    . PEG   K .  ? 0.82496 0.91990 0.89093 0.25874  0.07242  0.05575  110 PEG   A C4    
612 O  O4    . PEG   K .  ? 0.86475 0.97592 0.92214 0.25244  0.08835  0.05291  110 PEG   A O4    
613 C  C1    . PEG   L .  ? 0.76635 0.98598 0.86281 -0.05209 -0.12946 0.04985  111 PEG   A C1    
614 O  O1    . PEG   L .  ? 0.83511 1.02298 0.88950 -0.03535 -0.12768 0.04566  111 PEG   A O1    
615 C  C2    . PEG   L .  ? 0.75874 1.04421 0.89788 -0.04593 -0.14261 0.06717  111 PEG   A C2    
616 O  O2    . PEG   L .  ? 0.79222 1.08440 0.90771 -0.03736 -0.16235 0.06923  111 PEG   A O2    
617 C  C3    . PEG   L .  ? 0.82497 1.18260 0.98113 -0.03492 -0.18212 0.08441  111 PEG   A C3    
618 C  C4    . PEG   L .  ? 0.91224 1.27343 1.03451 -0.02933 -0.20789 0.08653  111 PEG   A C4    
619 O  O4    . PEG   L .  ? 0.97868 1.38903 1.13766 -0.02092 -0.22126 0.09710  111 PEG   A O4    
620 C  C1    . PEG   M .  ? 1.21906 1.11079 1.23637 -0.12174 -0.05629 0.02378  112 PEG   A C1    
621 O  O1    . PEG   M .  ? 1.16517 1.06875 1.19925 -0.12912 -0.04283 0.04625  112 PEG   A O1    
622 C  C2    . PEG   M .  ? 1.27659 1.22684 1.31342 -0.11536 -0.05987 0.02431  112 PEG   A C2    
623 O  O2    . PEG   M .  ? 1.21186 1.19707 1.26405 -0.09812 -0.04383 0.03999  112 PEG   A O2    
624 C  C3    . PEG   M .  ? 1.15684 1.18125 1.21817 -0.08193 -0.04550 0.03890  112 PEG   A C3    
625 C  C4    . PEG   M .  ? 1.10275 1.10635 1.13918 -0.05444 -0.03831 0.03154  112 PEG   A C4    
626 O  O4    . PEG   M .  ? 1.10141 1.06337 1.11073 -0.05387 -0.04499 0.01531  112 PEG   A O4    
627 C  C1    . PEG   N .  ? 1.28275 0.95278 1.20853 -0.09945 -0.02138 0.08727  113 PEG   A C1    
628 O  O1    . PEG   N .  ? 1.36018 0.99506 1.28352 -0.12556 -0.01797 0.10878  113 PEG   A O1    
629 C  C2    . PEG   N .  ? 1.29384 0.93520 1.21480 -0.09669 -0.03595 0.05884  113 PEG   A C2    
630 O  O2    . PEG   N .  ? 1.25147 0.90843 1.16556 -0.06503 -0.03690 0.04281  113 PEG   A O2    
631 C  C3    . PEG   N .  ? 1.26700 0.90444 1.17448 -0.06031 -0.04614 0.01680  113 PEG   A C3    
632 C  C4    . PEG   N .  ? 1.34429 0.93184 1.23097 -0.03348 -0.04846 0.00821  113 PEG   A C4    
633 O  O4    . PEG   N .  ? 1.23291 0.85408 1.12362 -0.00466 -0.04490 0.00222  113 PEG   A O4    
634 O  O1    . PG4   O .  ? 0.85562 0.67956 0.72002 0.05384  -0.13245 -0.07285 114 PG4   A O1    
635 C  C1    . PG4   O .  ? 0.91353 0.74589 0.81518 0.04286  -0.12041 -0.06743 114 PG4   A C1    
636 C  C2    . PG4   O .  ? 0.96847 0.82341 0.91353 0.02379  -0.13439 -0.06857 114 PG4   A C2    
637 O  O2    . PG4   O .  ? 0.94405 0.83761 0.92526 0.02528  -0.12745 -0.05714 114 PG4   A O2    
638 C  C3    . PG4   O .  ? 0.86584 0.78464 0.86041 0.02835  -0.14601 -0.05801 114 PG4   A C3    
639 C  C4    . PG4   O .  ? 0.83118 0.76174 0.82250 0.04659  -0.13693 -0.04777 114 PG4   A C4    
640 O  O3    . PG4   O .  ? 0.90405 0.81701 0.85411 0.05972  -0.14750 -0.04814 114 PG4   A O3    
641 C  C5    . PG4   O .  ? 0.83954 0.77106 0.79946 0.07234  -0.15720 -0.04029 114 PG4   A C5    
642 C  C6    . PG4   O .  ? 0.89277 0.80666 0.80618 0.08339  -0.17497 -0.04004 114 PG4   A C6    
643 O  O4    . PG4   O .  ? 0.87294 0.76472 0.75210 0.09582  -0.15894 -0.02835 114 PG4   A O4    
644 C  C7    . PG4   O .  ? 0.89305 0.78767 0.76703 0.11082  -0.16895 -0.01581 114 PG4   A C7    
645 C  C8    . PG4   O .  ? 0.86440 0.73072 0.70074 0.11896  -0.15088 -0.00114 114 PG4   A C8    
646 O  O5    . PG4   O .  ? 0.78511 0.65072 0.64428 0.12590  -0.14277 0.01050  114 PG4   A O5    
647 O  O1    . PG4   P .  ? 0.87623 1.03552 1.04989 0.06346  0.05552  -0.02396 115 PG4   A O1    
648 C  C1    . PG4   P .  ? 0.97069 1.13292 1.13408 0.08743  0.07050  -0.03554 115 PG4   A C1    
649 C  C2    . PG4   P .  ? 0.99462 1.10291 1.10436 0.09280  0.06505  -0.04523 115 PG4   A C2    
650 O  O2    . PG4   P .  ? 1.06971 1.15668 1.17771 0.11376  0.05570  -0.05590 115 PG4   A O2    
651 C  C3    . PG4   P .  ? 1.04505 1.08745 1.12656 0.10765  0.03651  -0.05586 115 PG4   A C3    
652 C  C4    . PG4   P .  ? 1.05537 1.07203 1.13554 0.12835  0.02666  -0.06278 115 PG4   A C4    
653 O  O3    . PG4   P .  ? 0.98014 0.97412 1.05459 0.12079  0.00667  -0.05511 115 PG4   A O3    
654 C  C5    . PG4   P .  ? 0.97664 0.95437 1.05667 0.13954  -0.00444 -0.05516 115 PG4   A C5    
655 C  C6    . PG4   P .  ? 0.94988 0.93547 1.04134 0.13284  -0.02346 -0.04398 115 PG4   A C6    
656 O  O4    . PG4   P .  ? 1.06092 1.00600 1.12839 0.13907  -0.03572 -0.03950 115 PG4   A O4    
657 C  C7    . PG4   P .  ? 0.96968 0.92117 1.05460 0.16017  -0.04807 -0.03518 115 PG4   A C7    
658 C  C8    . PG4   P .  ? 0.87649 0.78990 0.93243 0.16062  -0.06337 -0.02436 115 PG4   A C8    
659 O  O5    . PG4   P .  ? 0.96931 0.88957 1.03868 0.18125  -0.07703 -0.01733 115 PG4   A O5    
660 O  O1    . PG4   Q .  ? 0.61798 0.87048 0.65930 0.21637  0.19111  0.08718  116 PG4   A O1    
661 C  C1    . PG4   Q .  ? 0.61802 0.89205 0.69982 0.18149  0.17190  0.09972  116 PG4   A C1    
662 C  C2    . PG4   Q .  ? 0.61189 0.84398 0.68916 0.17753  0.14063  0.08663  116 PG4   A C2    
663 O  O2    . PG4   Q .  ? 0.64451 0.88609 0.73924 0.20693  0.13888  0.08233  116 PG4   A O2    
664 C  C3    . PG4   Q .  ? 0.67568 0.85075 0.73004 0.22072  0.12502  0.06379  116 PG4   A C3    
665 C  C4    . PG4   Q .  ? 0.74255 0.88109 0.75073 0.24855  0.14134  0.04841  116 PG4   A C4    
666 O  O3    . PG4   Q .  ? 0.73924 0.86507 0.70934 0.24261  0.15499  0.04544  116 PG4   A O3    
667 C  C5    . PG4   Q .  ? 0.81974 0.90202 0.73822 0.26077  0.16129  0.02803  116 PG4   A C5    
668 C  C6    . PG4   Q .  ? 0.78318 0.89739 0.69072 0.26539  0.18761  0.03609  116 PG4   A C6    
669 O  O4    . PG4   Q .  ? 0.84791 0.91341 0.69052 0.26738  0.18793  0.02204  116 PG4   A O4    
670 C  C7    . PG4   Q .  ? 0.93817 0.95685 0.74235 0.28800  0.18346  0.00007  116 PG4   A C7    
671 C  C8    . PG4   Q .  ? 0.95997 0.93058 0.69669 0.28567  0.17830  -0.01451 116 PG4   A C8    
672 O  O5    . PG4   Q .  ? 1.00233 0.91958 0.71748 0.27427  0.14967  -0.02985 116 PG4   A O5    
673 C  C1    . PEG   R .  ? 1.40109 1.27019 1.38764 -0.16983 0.08476  0.22979  117 PEG   A C1    
674 O  O1    . PEG   R .  ? 1.47866 1.32601 1.49157 -0.21145 0.07703  0.23901  117 PEG   A O1    
675 C  C2    . PEG   R .  ? 1.27252 1.22754 1.29258 -0.16470 0.10492  0.23475  117 PEG   A C2    
676 O  O2    . PEG   R .  ? 1.25940 1.22556 1.24264 -0.13503 0.12523  0.24340  117 PEG   A O2    
677 C  C3    . PEG   R .  ? 1.35078 1.34321 1.33543 -0.14972 0.15425  0.27613  117 PEG   A C3    
678 C  C4    . PEG   R .  ? 1.29142 1.37218 1.32598 -0.14988 0.17323  0.27680  117 PEG   A C4    
679 O  O4    . PEG   R .  ? 1.08849 1.19426 1.13768 -0.12515 0.16004  0.24939  117 PEG   A O4    
680 C  C1    . PEG   S .  ? 1.26725 0.80931 1.11943 -0.06077 -0.02039 0.12646  118 PEG   A C1    
681 O  O1    . PEG   S .  ? 1.27756 0.78676 1.11431 -0.04721 -0.01967 0.14135  118 PEG   A O1    
682 C  C2    . PEG   S .  ? 1.25973 0.81067 1.11681 -0.03508 -0.03065 0.09609  118 PEG   A C2    
683 O  O2    . PEG   S .  ? 1.36182 0.87833 1.22357 -0.03987 -0.03833 0.07596  118 PEG   A O2    
684 C  C3    . PEG   S .  ? 1.31467 0.79995 1.16843 -0.01468 -0.04156 0.07193  118 PEG   A C3    
685 C  C4    . PEG   S .  ? 1.35117 0.82522 1.20941 -0.00336 -0.04684 0.04110  118 PEG   A C4    
686 O  O4    . PEG   S .  ? 1.31166 0.82560 1.17602 0.01596  -0.04748 0.02616  118 PEG   A O4    
687 O  O     . HOH   T .  ? 0.42728 0.79208 0.68701 0.03520  0.01155  0.11705  201 HOH   A O     
688 O  O     . HOH   T .  ? 0.83177 0.76192 0.78631 -0.07219 0.07676  0.16983  202 HOH   A O     
689 O  O     . HOH   T .  ? 1.03127 0.86662 0.62927 0.28376  0.13759  -0.06439 203 HOH   A O     
690 O  O     . HOH   T .  ? 0.71267 0.84388 0.78623 0.17680  0.05981  0.06372  204 HOH   A O     
691 O  O     . HOH   T .  ? 0.47604 0.50310 0.48808 0.01914  -0.03310 0.02873  205 HOH   A O     
692 O  O     . HOH   T .  ? 0.57571 0.66633 0.63111 0.19671  -0.08899 0.15562  206 HOH   A O     
693 O  O     . HOH   T .  ? 0.63807 0.71468 0.62279 0.04270  0.09100  0.10214  207 HOH   A O     
694 O  O     . HOH   T .  ? 0.78870 0.53513 0.59010 0.05269  -0.14164 -0.10401 208 HOH   A O     
695 O  O     . HOH   T .  ? 0.68687 0.51849 0.52122 0.21654  0.05310  -0.03359 209 HOH   A O     
696 O  O     . HOH   T .  ? 0.68146 0.56513 0.64062 0.19425  0.01734  0.02562  210 HOH   A O     
697 O  O     . HOH   T .  ? 0.52357 0.50170 0.59347 0.09538  -0.05572 -0.02744 211 HOH   A O     
698 O  O     . HOH   T .  ? 0.81167 0.57493 0.40343 0.16374  -0.01513 -0.05922 212 HOH   A O     
699 O  O     . HOH   T .  ? 1.05600 0.88743 0.56523 0.16412  -0.28182 0.02083  213 HOH   A O     
700 O  O     . HOH   T .  ? 0.73247 0.54652 0.62916 -0.04241 0.03422  0.13841  214 HOH   A O     
701 O  O     . HOH   T .  ? 0.80985 0.61265 0.60277 0.14017  -0.12529 0.05067  215 HOH   A O     
702 O  O     . HOH   T .  ? 0.64371 0.61874 0.64192 -0.01038 -0.03186 0.01505  216 HOH   A O     
703 O  O     . HOH   T .  ? 0.82215 0.81619 0.79193 0.28334  0.09668  0.01583  217 HOH   A O     
704 O  O     . HOH   T .  ? 0.48402 0.51169 0.50637 0.00520  0.01958  0.06444  218 HOH   A O     
705 O  O     . HOH   T .  ? 0.55108 0.63251 0.58407 0.02927  0.05167  0.08147  219 HOH   A O     
706 O  O     . HOH   T .  ? 1.02474 0.57383 0.57840 0.15102  -0.07804 -0.17621 220 HOH   A O     
707 O  O     . HOH   T .  ? 1.19113 0.91994 0.54661 0.18533  -0.04451 -0.04148 221 HOH   A O     
708 O  O     . HOH   T .  ? 0.60388 0.37455 0.52828 0.05712  -0.03838 0.00601  222 HOH   A O     
709 O  O     . HOH   T .  ? 0.88725 0.47761 0.54852 0.10356  -0.10148 -0.14985 223 HOH   A O     
710 O  O     . HOH   T .  ? 0.55413 0.70842 0.79474 0.14328  -0.13316 -0.02002 224 HOH   A O     
711 O  O     . HOH   T .  ? 0.47016 0.68344 0.76993 0.03865  -0.16451 -0.03153 225 HOH   A O     
712 O  O     . HOH   T .  ? 0.55408 0.37578 0.50066 0.07211  -0.04015 -0.00556 226 HOH   A O     
713 O  O     . HOH   T .  ? 0.78855 0.63338 0.58327 0.04244  -0.27029 -0.11168 227 HOH   A O     
714 O  O     . HOH   T .  ? 0.67743 0.78211 0.71757 -0.04857 -0.09146 0.02521  228 HOH   A O     
715 O  O     . HOH   T .  ? 0.80630 0.39533 0.41902 0.18935  -0.02154 -0.14450 229 HOH   A O     
716 O  O     . HOH   T .  ? 0.61969 0.98147 0.81341 0.11414  0.13905  0.12944  230 HOH   A O     
717 O  O     . HOH   T .  ? 0.62734 0.96585 0.82204 0.04721  0.12195  0.14099  231 HOH   A O     
718 O  O     . HOH   T .  ? 0.54227 0.55299 0.51852 0.00238  -0.04933 0.01282  232 HOH   A O     
719 O  O     . HOH   T .  ? 1.32463 1.30872 0.67862 0.29114  0.29932  0.03382  233 HOH   A O     
# 
